data_6R7D
#
_entry.id   6R7D
#
_cell.length_a   121.591
_cell.length_b   169.385
_cell.length_c   174.478
_cell.angle_alpha   90.000
_cell.angle_beta   90.000
_cell.angle_gamma   90.000
#
_symmetry.space_group_name_H-M   'P 21 21 21'
#
loop_
_entity.id
_entity.type
_entity.pdbx_description
1 polymer 'Leukotriene C4 synthase'
2 non-polymer '(1~{S},2~{S})-2-[5-[cyclopropylmethyl(naphthalen-1-yl)amino]-4-methoxy-pyrimidin-2-yl]carbonylcyclopropane-1-carboxylic acid'
3 non-polymer 'NICKEL (II) ION'
4 non-polymer 'PALMITIC ACID'
5 non-polymer DODECYL-BETA-D-MALTOSIDE
6 water water
#
_entity_poly.entity_id   1
_entity_poly.type   'polypeptide(L)'
_entity_poly.pdbx_seq_one_letter_code
;MAHHHHHHKDEVALLAAVTLLGVLLQAYFSLQVISARRAFRVSPPLTTGPPEFERVYRAQVNCSEYFPLFLATLWVAGIF
FHEGAAALCGLVYLFARLRYFQGYARSAQLRLAPLYASARALWLLVALAALGLLAHFLPAALRAALLGRLRTLLPWA
;
_entity_poly.pdbx_strand_id   A,B,C,D,E,F,G,H,I,J,K,L
#
# COMPACT_ATOMS: atom_id res chain seq x y z
N HIS A 3 -39.03 -23.15 -5.95
CA HIS A 3 -38.35 -23.68 -7.20
C HIS A 3 -37.96 -22.89 -8.43
N HIS A 4 -38.83 -22.13 -9.02
CA HIS A 4 -38.42 -21.35 -10.26
C HIS A 4 -37.80 -22.01 -11.61
N HIS A 5 -37.96 -21.29 -12.71
CA HIS A 5 -37.62 -21.85 -14.06
C HIS A 5 -36.48 -21.01 -14.62
N HIS A 6 -35.78 -20.35 -13.74
CA HIS A 6 -34.54 -19.67 -14.07
C HIS A 6 -33.77 -19.63 -12.73
N HIS A 7 -32.47 -19.44 -12.82
CA HIS A 7 -31.58 -19.35 -11.69
C HIS A 7 -30.59 -18.22 -12.01
N HIS A 8 -30.10 -17.53 -11.00
CA HIS A 8 -29.15 -16.50 -11.18
C HIS A 8 -27.74 -16.92 -10.79
N LYS A 9 -27.52 -18.19 -10.51
CA LYS A 9 -26.22 -18.80 -10.20
C LYS A 9 -25.19 -18.37 -11.21
N ASP A 10 -25.62 -18.43 -12.48
CA ASP A 10 -24.68 -18.25 -13.55
C ASP A 10 -24.24 -16.84 -13.72
N GLU A 11 -24.80 -15.90 -13.01
CA GLU A 11 -24.31 -14.53 -12.98
C GLU A 11 -23.32 -14.30 -11.83
N VAL A 12 -23.14 -15.27 -10.92
CA VAL A 12 -22.32 -15.04 -9.74
C VAL A 12 -21.31 -16.12 -9.50
N ALA A 13 -21.16 -17.03 -10.46
CA ALA A 13 -20.35 -18.23 -10.29
C ALA A 13 -18.88 -17.88 -10.18
N LEU A 14 -18.46 -16.85 -10.89
CA LEU A 14 -17.06 -16.43 -10.76
C LEU A 14 -16.78 -15.80 -9.39
N LEU A 15 -17.72 -15.00 -8.91
CA LEU A 15 -17.67 -14.41 -7.59
C LEU A 15 -17.60 -15.55 -6.56
N ALA A 16 -18.40 -16.60 -6.77
CA ALA A 16 -18.47 -17.67 -5.80
C ALA A 16 -17.20 -18.41 -5.81
N ALA A 17 -16.61 -18.57 -7.00
CA ALA A 17 -15.40 -19.33 -7.09
C ALA A 17 -14.24 -18.58 -6.40
N VAL A 18 -14.15 -17.28 -6.65
CA VAL A 18 -13.15 -16.45 -6.00
C VAL A 18 -13.35 -16.41 -4.46
N THR A 19 -14.61 -16.31 -4.01
CA THR A 19 -14.95 -16.44 -2.64
C THR A 19 -14.41 -17.71 -1.98
N LEU A 20 -14.69 -18.86 -2.61
CA LEU A 20 -14.22 -20.10 -2.10
C LEU A 20 -12.68 -20.23 -2.09
N LEU A 21 -12.06 -19.76 -3.16
CA LEU A 21 -10.62 -19.65 -3.21
C LEU A 21 -10.09 -18.84 -1.99
N GLY A 22 -10.73 -17.76 -1.66
CA GLY A 22 -10.45 -17.01 -0.50
C GLY A 22 -10.56 -17.82 0.79
N VAL A 23 -11.57 -18.66 0.93
CA VAL A 23 -11.74 -19.49 2.11
C VAL A 23 -10.57 -20.47 2.20
N LEU A 24 -10.24 -21.10 1.08
CA LEU A 24 -9.13 -22.04 1.02
C LEU A 24 -7.77 -21.40 1.38
N LEU A 25 -7.58 -20.16 0.94
CA LEU A 25 -6.40 -19.46 1.24
C LEU A 25 -6.32 -19.22 2.79
N GLN A 26 -7.43 -18.88 3.43
CA GLN A 26 -7.45 -18.70 4.88
C GLN A 26 -7.12 -20.02 5.57
N ALA A 27 -7.60 -21.12 5.04
CA ALA A 27 -7.20 -22.45 5.54
C ALA A 27 -5.71 -22.72 5.51
N TYR A 28 -5.08 -22.33 4.41
CA TYR A 28 -3.66 -22.39 4.28
C TYR A 28 -2.97 -21.49 5.34
N PHE A 29 -3.47 -20.27 5.53
CA PHE A 29 -2.94 -19.41 6.55
C PHE A 29 -3.08 -20.01 7.95
N SER A 30 -4.23 -20.58 8.28
CA SER A 30 -4.37 -21.21 9.58
C SER A 30 -3.42 -22.35 9.81
N LEU A 31 -3.31 -23.18 8.78
CA LEU A 31 -2.42 -24.31 8.80
C LEU A 31 -0.94 -23.84 9.14
N GLN A 32 -0.49 -22.71 8.56
CA GLN A 32 0.81 -22.17 8.85
C GLN A 32 0.89 -21.69 10.27
N VAL A 33 -0.20 -21.16 10.81
CA VAL A 33 -0.23 -20.73 12.19
C VAL A 33 -0.12 -21.92 13.14
N ILE A 34 -0.85 -22.99 12.84
CA ILE A 34 -0.77 -24.17 13.66
C ILE A 34 0.67 -24.68 13.68
N SER A 35 1.25 -24.67 12.53
CA SER A 35 2.56 -25.24 12.37
C SER A 35 3.65 -24.34 13.09
N ALA A 36 3.48 -23.02 13.07
CA ALA A 36 4.29 -22.11 13.79
C ALA A 36 4.08 -22.29 15.30
N ARG A 37 2.83 -22.50 15.73
CA ARG A 37 2.61 -22.79 17.14
C ARG A 37 3.43 -24.02 17.63
N ARG A 38 3.53 -25.07 16.81
CA ARG A 38 4.27 -26.29 17.16
C ARG A 38 5.78 -26.04 17.16
N ALA A 39 6.30 -25.43 16.09
CA ALA A 39 7.72 -25.12 15.91
C ALA A 39 8.25 -24.20 17.03
N PHE A 40 7.49 -23.20 17.48
CA PHE A 40 7.93 -22.24 18.53
C PHE A 40 7.26 -22.44 19.84
N ARG A 41 6.51 -23.53 19.96
CA ARG A 41 5.90 -23.93 21.22
C ARG A 41 5.07 -22.82 21.88
N VAL A 42 4.09 -22.30 21.15
CA VAL A 42 3.10 -21.31 21.69
C VAL A 42 1.71 -21.90 21.74
N SER A 43 1.28 -22.22 22.93
CA SER A 43 0.09 -22.99 23.19
C SER A 43 -1.02 -22.02 23.33
N PRO A 44 -2.14 -22.26 22.66
CA PRO A 44 -3.35 -21.47 22.99
C PRO A 44 -3.64 -21.55 24.45
N PRO A 45 -4.11 -20.49 25.10
CA PRO A 45 -4.65 -19.26 24.48
C PRO A 45 -3.62 -18.11 24.20
N LEU A 46 -2.32 -18.41 24.31
CA LEU A 46 -1.31 -17.39 24.14
C LEU A 46 -1.27 -16.96 22.69
N THR A 47 -1.16 -15.65 22.49
CA THR A 47 -0.97 -15.09 21.21
C THR A 47 0.35 -14.33 21.04
N THR A 48 1.25 -14.41 22.00
CA THR A 48 2.59 -13.76 21.96
C THR A 48 3.66 -14.83 22.11
N GLY A 49 4.85 -14.52 21.63
CA GLY A 49 5.88 -15.49 21.51
C GLY A 49 6.93 -14.94 20.61
N PRO A 50 7.71 -15.77 19.97
CA PRO A 50 9.02 -15.27 19.35
C PRO A 50 8.61 -14.49 18.20
N PRO A 51 9.41 -13.54 17.75
CA PRO A 51 8.92 -12.76 16.60
C PRO A 51 8.46 -13.59 15.39
N GLU A 52 9.12 -14.71 15.07
CA GLU A 52 8.84 -15.54 13.93
C GLU A 52 7.38 -16.08 14.03
N PHE A 53 6.98 -16.41 15.22
CA PHE A 53 5.61 -16.78 15.48
C PHE A 53 4.64 -15.57 15.39
N GLU A 54 4.98 -14.46 16.04
CA GLU A 54 4.13 -13.27 15.99
C GLU A 54 3.83 -12.73 14.62
N ARG A 55 4.84 -12.75 13.72
CA ARG A 55 4.63 -12.27 12.39
C ARG A 55 3.61 -13.17 11.61
N VAL A 56 3.74 -14.48 11.77
CA VAL A 56 2.89 -15.44 11.07
C VAL A 56 1.45 -15.27 11.61
N TYR A 57 1.35 -15.17 12.90
CA TYR A 57 0.11 -15.04 13.55
C TYR A 57 -0.57 -13.74 13.14
N ARG A 58 0.19 -12.66 13.13
CA ARG A 58 -0.39 -11.37 12.74
C ARG A 58 -0.83 -11.35 11.31
N ALA A 59 -0.04 -11.95 10.43
CA ALA A 59 -0.33 -12.03 9.04
C ALA A 59 -1.71 -12.70 8.81
N GLN A 60 -1.89 -13.80 9.50
CA GLN A 60 -3.13 -14.52 9.49
C GLN A 60 -4.30 -13.68 10.04
N VAL A 61 -4.13 -13.06 11.19
CA VAL A 61 -5.17 -12.23 11.75
C VAL A 61 -5.54 -11.11 10.83
N ASN A 62 -4.55 -10.47 10.19
CA ASN A 62 -4.84 -9.30 9.36
C ASN A 62 -5.60 -9.83 8.14
N CYS A 63 -5.19 -10.96 7.56
CA CYS A 63 -5.90 -11.49 6.40
C CYS A 63 -7.36 -11.87 6.77
N SER A 64 -7.60 -12.45 7.98
CA SER A 64 -8.98 -12.76 8.45
C SER A 64 -9.82 -11.57 8.67
N GLU A 65 -9.24 -10.48 9.11
CA GLU A 65 -10.04 -9.37 9.39
C GLU A 65 -10.43 -8.59 8.14
N TYR A 66 -9.60 -8.63 7.08
CA TYR A 66 -9.92 -8.01 5.86
C TYR A 66 -10.75 -8.93 4.95
N PHE A 67 -10.79 -10.22 5.24
CA PHE A 67 -11.57 -11.13 4.41
C PHE A 67 -13.02 -10.65 4.17
N PRO A 68 -13.76 -10.24 5.21
CA PRO A 68 -15.16 -9.88 4.97
C PRO A 68 -15.27 -8.61 4.09
N LEU A 69 -14.28 -7.74 4.17
CA LEU A 69 -14.24 -6.53 3.38
C LEU A 69 -14.01 -6.82 1.93
N PHE A 70 -13.01 -7.65 1.66
CA PHE A 70 -12.84 -8.26 0.42
C PHE A 70 -14.13 -8.87 -0.13
N LEU A 71 -14.77 -9.69 0.65
CA LEU A 71 -16.00 -10.30 0.25
C LEU A 71 -17.08 -9.31 -0.12
N ALA A 72 -17.35 -8.37 0.75
CA ALA A 72 -18.42 -7.48 0.54
C ALA A 72 -18.18 -6.69 -0.75
N THR A 73 -16.95 -6.21 -0.96
CA THR A 73 -16.68 -5.37 -2.07
C THR A 73 -16.62 -6.20 -3.36
N LEU A 74 -16.12 -7.42 -3.29
CA LEU A 74 -16.11 -8.34 -4.41
C LEU A 74 -17.54 -8.55 -4.97
N TRP A 75 -18.47 -8.85 -4.05
CA TRP A 75 -19.82 -9.09 -4.43
C TRP A 75 -20.54 -7.83 -4.96
N VAL A 76 -20.34 -6.69 -4.30
CA VAL A 76 -21.01 -5.46 -4.77
C VAL A 76 -20.46 -5.06 -6.10
N ALA A 77 -19.15 -5.14 -6.25
CA ALA A 77 -18.57 -4.81 -7.53
C ALA A 77 -19.03 -5.78 -8.67
N GLY A 78 -19.09 -7.05 -8.33
CA GLY A 78 -19.37 -8.09 -9.30
C GLY A 78 -20.79 -8.02 -9.81
N ILE A 79 -21.71 -7.54 -8.96
CA ILE A 79 -23.10 -7.48 -9.27
C ILE A 79 -23.44 -6.09 -9.98
N PHE A 80 -22.94 -4.98 -9.50
CA PHE A 80 -23.24 -3.63 -10.01
C PHE A 80 -22.30 -3.13 -11.05
N PHE A 81 -21.10 -3.71 -11.20
CA PHE A 81 -20.18 -3.23 -12.17
C PHE A 81 -19.98 -4.25 -13.31
N HIS A 82 -19.32 -5.38 -13.04
CA HIS A 82 -19.01 -6.39 -14.02
C HIS A 82 -18.41 -7.59 -13.23
N GLU A 83 -18.97 -8.75 -13.49
CA GLU A 83 -18.70 -9.94 -12.79
C GLU A 83 -17.20 -10.30 -12.97
N GLY A 84 -16.81 -10.38 -14.21
CA GLY A 84 -15.52 -10.82 -14.60
C GLY A 84 -14.41 -9.89 -14.05
N ALA A 85 -14.64 -8.59 -14.13
CA ALA A 85 -13.61 -7.63 -13.75
C ALA A 85 -13.48 -7.72 -12.18
N ALA A 86 -14.60 -7.74 -11.44
CA ALA A 86 -14.53 -7.92 -10.03
C ALA A 86 -13.81 -9.21 -9.66
N ALA A 87 -14.13 -10.30 -10.33
CA ALA A 87 -13.47 -11.58 -10.00
C ALA A 87 -11.96 -11.51 -10.20
N LEU A 88 -11.55 -10.82 -11.25
CA LEU A 88 -10.18 -10.68 -11.56
C LEU A 88 -9.42 -9.82 -10.51
N CYS A 89 -9.97 -8.66 -10.08
CA CYS A 89 -9.38 -7.88 -9.05
C CYS A 89 -9.35 -8.67 -7.72
N GLY A 90 -10.36 -9.50 -7.52
CA GLY A 90 -10.39 -10.44 -6.40
C GLY A 90 -9.24 -11.36 -6.37
N LEU A 91 -8.98 -11.97 -7.52
CA LEU A 91 -7.84 -12.87 -7.67
C LEU A 91 -6.54 -12.14 -7.42
N VAL A 92 -6.43 -10.93 -7.91
CA VAL A 92 -5.18 -10.17 -7.71
C VAL A 92 -5.09 -9.87 -6.16
N TYR A 93 -6.18 -9.46 -5.52
CA TYR A 93 -6.22 -9.28 -4.09
C TYR A 93 -5.69 -10.54 -3.31
N LEU A 94 -6.21 -11.72 -3.67
CA LEU A 94 -5.83 -12.95 -2.99
C LEU A 94 -4.41 -13.38 -3.20
N PHE A 95 -3.95 -13.27 -4.42
CA PHE A 95 -2.58 -13.57 -4.74
C PHE A 95 -1.62 -12.59 -3.96
N ALA A 96 -1.96 -11.32 -3.88
CA ALA A 96 -1.17 -10.35 -3.16
C ALA A 96 -1.15 -10.70 -1.69
N ARG A 97 -2.29 -11.18 -1.12
CA ARG A 97 -2.29 -11.54 0.26
C ARG A 97 -1.49 -12.75 0.54
N LEU A 98 -1.46 -13.71 -0.38
CA LEU A 98 -0.52 -14.84 -0.27
C LEU A 98 0.92 -14.35 -0.17
N ARG A 99 1.32 -13.44 -1.05
CA ARG A 99 2.68 -12.90 -1.07
C ARG A 99 2.86 -12.09 0.21
N TYR A 100 1.82 -11.36 0.70
CA TYR A 100 1.94 -10.60 1.93
C TYR A 100 2.22 -11.48 3.12
N PHE A 101 1.47 -12.57 3.20
CA PHE A 101 1.66 -13.57 4.21
C PHE A 101 3.09 -14.14 4.20
N GLN A 102 3.51 -14.61 3.06
CA GLN A 102 4.89 -15.18 2.91
C GLN A 102 5.99 -14.18 3.23
N GLY A 103 5.78 -12.92 2.82
CA GLY A 103 6.70 -11.82 3.06
C GLY A 103 6.79 -11.59 4.60
N TYR A 104 5.66 -11.43 5.24
CA TYR A 104 5.56 -11.09 6.63
C TYR A 104 6.21 -12.22 7.52
N ALA A 105 5.98 -13.49 7.16
CA ALA A 105 6.62 -14.61 7.78
C ALA A 105 8.19 -14.45 7.84
N ARG A 106 8.77 -14.00 6.73
CA ARG A 106 10.24 -13.77 6.61
C ARG A 106 10.65 -12.50 7.33
N SER A 107 9.98 -11.36 7.15
CA SER A 107 10.17 -10.14 7.99
C SER A 107 9.08 -9.10 7.86
N ALA A 108 8.98 -8.25 8.86
CA ALA A 108 8.14 -7.05 8.85
C ALA A 108 8.22 -6.22 7.58
N GLN A 109 9.44 -6.06 7.15
CA GLN A 109 9.76 -5.26 6.00
C GLN A 109 9.28 -5.90 4.64
N LEU A 110 9.49 -7.21 4.48
CA LEU A 110 9.13 -7.89 3.24
C LEU A 110 7.62 -8.00 3.04
N ARG A 111 6.85 -7.77 4.08
CA ARG A 111 5.50 -7.74 3.95
C ARG A 111 5.05 -6.50 3.17
N LEU A 112 5.85 -5.43 3.14
CA LEU A 112 5.30 -4.11 2.73
C LEU A 112 4.83 -4.03 1.26
N ALA A 113 5.63 -4.49 0.36
CA ALA A 113 5.35 -4.36 -1.08
C ALA A 113 4.00 -5.09 -1.34
N PRO A 114 3.85 -6.35 -0.87
CA PRO A 114 2.62 -7.08 -1.20
C PRO A 114 1.44 -6.58 -0.40
N LEU A 115 1.72 -6.00 0.76
CA LEU A 115 0.68 -5.29 1.48
C LEU A 115 0.13 -4.14 0.68
N TYR A 116 1.01 -3.31 0.10
CA TYR A 116 0.62 -2.17 -0.73
C TYR A 116 -0.13 -2.64 -1.96
N ALA A 117 0.32 -3.75 -2.56
CA ALA A 117 -0.41 -4.35 -3.71
C ALA A 117 -1.84 -4.88 -3.27
N SER A 118 -1.96 -5.44 -2.06
CA SER A 118 -3.22 -5.89 -1.52
C SER A 118 -4.18 -4.68 -1.38
N ALA A 119 -3.64 -3.58 -0.93
CA ALA A 119 -4.44 -2.40 -0.69
C ALA A 119 -4.91 -1.75 -2.00
N ARG A 120 -4.04 -1.72 -3.01
CA ARG A 120 -4.41 -1.24 -4.32
C ARG A 120 -5.56 -2.12 -4.89
N ALA A 121 -5.43 -3.45 -4.78
CA ALA A 121 -6.41 -4.32 -5.38
C ALA A 121 -7.78 -4.16 -4.65
N LEU A 122 -7.77 -3.96 -3.33
CA LEU A 122 -8.96 -3.72 -2.61
C LEU A 122 -9.56 -2.33 -2.91
N TRP A 123 -8.74 -1.31 -3.14
CA TRP A 123 -9.26 -0.01 -3.56
C TRP A 123 -9.92 -0.05 -4.96
N LEU A 124 -9.39 -0.88 -5.82
CA LEU A 124 -9.95 -1.09 -7.13
C LEU A 124 -11.33 -1.72 -7.01
N LEU A 125 -11.49 -2.75 -6.16
CA LEU A 125 -12.80 -3.29 -5.89
C LEU A 125 -13.70 -2.24 -5.33
N VAL A 126 -13.23 -1.43 -4.38
CA VAL A 126 -14.06 -0.32 -3.81
C VAL A 126 -14.53 0.69 -4.93
N ALA A 127 -13.62 0.99 -5.85
CA ALA A 127 -13.91 1.94 -6.90
C ALA A 127 -14.97 1.32 -7.88
N LEU A 128 -14.85 0.01 -8.19
CA LEU A 128 -15.75 -0.64 -9.11
C LEU A 128 -17.09 -0.73 -8.48
N ALA A 129 -17.14 -1.01 -7.21
CA ALA A 129 -18.39 -1.03 -6.48
C ALA A 129 -19.07 0.35 -6.44
N ALA A 130 -18.28 1.38 -6.16
CA ALA A 130 -18.79 2.73 -6.07
C ALA A 130 -19.30 3.16 -7.46
N LEU A 131 -18.53 2.86 -8.53
CA LEU A 131 -18.96 3.28 -9.90
C LEU A 131 -20.30 2.59 -10.27
N GLY A 132 -20.42 1.29 -9.88
CA GLY A 132 -21.60 0.48 -10.23
C GLY A 132 -22.78 1.05 -9.52
N LEU A 133 -22.58 1.42 -8.26
CA LEU A 133 -23.68 2.06 -7.51
C LEU A 133 -24.06 3.46 -8.03
N LEU A 134 -23.08 4.22 -8.40
CA LEU A 134 -23.35 5.45 -9.09
C LEU A 134 -24.18 5.30 -10.39
N ALA A 135 -23.78 4.39 -11.26
CA ALA A 135 -24.55 4.01 -12.46
C ALA A 135 -25.96 3.54 -12.19
N HIS A 136 -26.19 2.86 -11.08
CA HIS A 136 -27.51 2.50 -10.67
C HIS A 136 -28.31 3.70 -10.19
N PHE A 137 -27.80 4.56 -9.31
CA PHE A 137 -28.65 5.60 -8.64
C PHE A 137 -28.66 6.98 -9.35
N LEU A 138 -27.57 7.35 -9.98
CA LEU A 138 -27.36 8.72 -10.48
C LEU A 138 -28.38 9.14 -11.58
N PRO A 139 -28.73 8.26 -12.50
CA PRO A 139 -29.69 8.67 -13.51
C PRO A 139 -31.07 9.09 -13.04
N ALA A 140 -31.69 8.26 -12.20
CA ALA A 140 -32.98 8.52 -11.64
C ALA A 140 -32.91 9.77 -10.76
N ALA A 141 -31.83 9.91 -10.01
CA ALA A 141 -31.71 11.11 -9.19
C ALA A 141 -31.57 12.43 -10.05
N LEU A 142 -30.72 12.45 -11.07
CA LEU A 142 -30.60 13.56 -11.90
C LEU A 142 -31.90 13.83 -12.60
N ARG A 143 -32.58 12.78 -13.05
CA ARG A 143 -33.82 12.99 -13.72
C ARG A 143 -34.84 13.66 -12.80
N ALA A 144 -34.96 13.20 -11.59
CA ALA A 144 -35.91 13.76 -10.60
C ALA A 144 -35.61 15.25 -10.31
N ALA A 145 -34.33 15.56 -10.12
CA ALA A 145 -33.91 16.91 -9.97
C ALA A 145 -34.24 17.79 -11.20
N LEU A 146 -34.01 17.32 -12.42
CA LEU A 146 -34.37 18.05 -13.59
C LEU A 146 -35.87 18.22 -13.73
N LEU A 147 -36.63 17.17 -13.49
CA LEU A 147 -38.09 17.27 -13.54
C LEU A 147 -38.61 18.33 -12.55
N GLY A 148 -38.02 18.40 -11.34
CA GLY A 148 -38.35 19.44 -10.36
C GLY A 148 -38.12 20.84 -10.86
N ARG A 149 -36.96 21.14 -11.44
CA ARG A 149 -36.65 22.46 -12.02
C ARG A 149 -37.48 22.76 -13.27
N LEU A 150 -37.82 21.74 -14.05
CA LEU A 150 -38.70 21.93 -15.20
C LEU A 150 -40.10 22.37 -14.83
N ARG A 151 -40.57 22.00 -13.65
CA ARG A 151 -41.83 22.55 -13.12
C ARG A 151 -41.61 23.95 -12.42
N HIS B 3 -39.69 -3.54 -7.74
CA HIS B 3 -40.59 -4.79 -8.04
C HIS B 3 -40.36 -5.64 -9.31
N HIS B 4 -40.37 -6.95 -9.05
CA HIS B 4 -40.42 -7.96 -10.11
C HIS B 4 -41.71 -8.75 -9.74
N HIS B 5 -41.97 -9.76 -10.53
CA HIS B 5 -43.21 -10.56 -10.31
C HIS B 5 -42.81 -11.97 -9.85
N HIS B 6 -41.63 -12.08 -9.28
CA HIS B 6 -41.11 -13.31 -8.66
C HIS B 6 -40.00 -12.86 -7.68
N HIS B 7 -39.68 -13.70 -6.73
CA HIS B 7 -38.73 -13.50 -5.68
C HIS B 7 -37.91 -14.80 -5.56
N HIS B 8 -36.65 -14.69 -5.18
CA HIS B 8 -35.80 -15.84 -4.93
C HIS B 8 -35.55 -16.10 -3.45
N LYS B 9 -36.27 -15.41 -2.60
CA LYS B 9 -36.22 -15.61 -1.13
C LYS B 9 -36.33 -17.05 -0.73
N ASP B 10 -37.29 -17.68 -1.39
CA ASP B 10 -37.66 -19.04 -1.03
C ASP B 10 -36.62 -20.05 -1.43
N GLU B 11 -35.58 -19.68 -2.14
CA GLU B 11 -34.45 -20.57 -2.39
C GLU B 11 -33.33 -20.37 -1.35
N VAL B 12 -33.42 -19.37 -0.47
CA VAL B 12 -32.34 -19.12 0.46
C VAL B 12 -32.75 -18.88 1.90
N ALA B 13 -33.99 -19.20 2.22
CA ALA B 13 -34.55 -18.93 3.51
C ALA B 13 -33.93 -19.81 4.57
N LEU B 14 -33.60 -21.06 4.21
CA LEU B 14 -32.90 -21.89 5.20
C LEU B 14 -31.49 -21.35 5.53
N LEU B 15 -30.79 -20.92 4.48
CA LEU B 15 -29.45 -20.31 4.61
C LEU B 15 -29.54 -19.07 5.50
N ALA B 16 -30.60 -18.26 5.27
CA ALA B 16 -30.80 -17.05 6.00
C ALA B 16 -31.10 -17.36 7.44
N ALA B 17 -31.89 -18.42 7.68
CA ALA B 17 -32.21 -18.77 9.06
C ALA B 17 -30.96 -19.23 9.86
N VAL B 18 -30.17 -20.05 9.19
CA VAL B 18 -28.93 -20.56 9.78
C VAL B 18 -27.92 -19.39 10.01
N THR B 19 -27.83 -18.48 9.04
CA THR B 19 -27.06 -17.31 9.19
C THR B 19 -27.43 -16.47 10.45
N LEU B 20 -28.71 -16.19 10.59
CA LEU B 20 -29.19 -15.54 11.76
C LEU B 20 -28.92 -16.27 13.11
N LEU B 21 -29.14 -17.56 13.11
CA LEU B 21 -28.82 -18.37 14.20
C LEU B 21 -27.32 -18.17 14.57
N GLY B 22 -26.47 -18.12 13.56
CA GLY B 22 -25.07 -17.88 13.81
C GLY B 22 -24.82 -16.51 14.46
N VAL B 23 -25.55 -15.48 14.04
CA VAL B 23 -25.45 -14.19 14.67
C VAL B 23 -25.82 -14.26 16.17
N LEU B 24 -26.89 -14.96 16.47
CA LEU B 24 -27.38 -15.09 17.80
C LEU B 24 -26.40 -15.82 18.68
N LEU B 25 -25.77 -16.84 18.12
CA LEU B 25 -24.78 -17.58 18.79
C LEU B 25 -23.57 -16.65 19.13
N GLN B 26 -23.16 -15.80 18.21
CA GLN B 26 -22.12 -14.83 18.50
C GLN B 26 -22.52 -13.87 19.60
N ALA B 27 -23.78 -13.51 19.66
CA ALA B 27 -24.30 -12.69 20.76
C ALA B 27 -24.18 -13.37 22.14
N TYR B 28 -24.49 -14.64 22.16
CA TYR B 28 -24.28 -15.48 23.37
C TYR B 28 -22.76 -15.51 23.77
N PHE B 29 -21.89 -15.70 22.80
CA PHE B 29 -20.47 -15.65 23.11
C PHE B 29 -19.99 -14.30 23.65
N SER B 30 -20.40 -13.17 23.05
CA SER B 30 -20.09 -11.86 23.63
C SER B 30 -20.57 -11.60 24.99
N LEU B 31 -21.81 -12.00 25.22
CA LEU B 31 -22.39 -11.97 26.53
C LEU B 31 -21.46 -12.72 27.57
N GLN B 32 -20.91 -13.90 27.21
CA GLN B 32 -20.09 -14.68 28.12
C GLN B 32 -18.76 -14.01 28.34
N VAL B 33 -18.27 -13.36 27.32
CA VAL B 33 -17.08 -12.53 27.48
C VAL B 33 -17.31 -11.34 28.41
N ILE B 34 -18.45 -10.67 28.25
CA ILE B 34 -18.75 -9.57 29.16
C ILE B 34 -18.78 -10.05 30.64
N SER B 35 -19.41 -11.17 30.81
CA SER B 35 -19.59 -11.73 32.09
C SER B 35 -18.24 -12.26 32.73
N ALA B 36 -17.34 -12.78 31.91
CA ALA B 36 -15.95 -13.06 32.29
C ALA B 36 -15.13 -11.82 32.61
N ARG B 37 -15.30 -10.74 31.83
CA ARG B 37 -14.66 -9.49 32.17
C ARG B 37 -15.03 -9.02 33.58
N ARG B 38 -16.29 -9.19 33.98
CA ARG B 38 -16.75 -8.74 35.31
C ARG B 38 -16.21 -9.65 36.38
N ALA B 39 -16.36 -10.96 36.20
CA ALA B 39 -15.93 -11.95 37.17
C ALA B 39 -14.42 -11.93 37.45
N PHE B 40 -13.58 -11.72 36.44
CA PHE B 40 -12.11 -11.63 36.62
C PHE B 40 -11.53 -10.21 36.54
N ARG B 41 -12.40 -9.22 36.43
CA ARG B 41 -11.99 -7.80 36.46
C ARG B 41 -10.94 -7.45 35.42
N VAL B 42 -11.28 -7.68 34.16
CA VAL B 42 -10.45 -7.24 33.05
C VAL B 42 -11.22 -6.18 32.23
N SER B 43 -10.76 -4.95 32.37
CA SER B 43 -11.41 -3.74 31.81
C SER B 43 -10.88 -3.57 30.40
N PRO B 44 -11.78 -3.39 29.42
CA PRO B 44 -11.32 -2.82 28.09
C PRO B 44 -10.44 -1.59 28.29
N PRO B 45 -9.30 -1.47 27.62
CA PRO B 45 -8.97 -2.19 26.36
C PRO B 45 -8.08 -3.43 26.54
N LEU B 46 -7.87 -3.84 27.76
CA LEU B 46 -7.05 -5.00 28.01
C LEU B 46 -7.74 -6.27 27.43
N THR B 47 -6.93 -7.13 26.84
CA THR B 47 -7.29 -8.42 26.38
C THR B 47 -6.50 -9.54 26.99
N THR B 48 -5.69 -9.26 28.00
CA THR B 48 -4.98 -10.29 28.79
C THR B 48 -5.43 -10.24 30.23
N GLY B 49 -5.19 -11.32 30.97
CA GLY B 49 -5.69 -11.47 32.36
C GLY B 49 -5.48 -12.90 32.83
N PRO B 50 -6.25 -13.35 33.83
CA PRO B 50 -6.13 -14.73 34.26
C PRO B 50 -6.45 -15.72 33.11
N PRO B 51 -5.87 -16.94 33.15
CA PRO B 51 -6.20 -17.89 32.11
C PRO B 51 -7.69 -18.08 31.83
N GLU B 52 -8.50 -18.12 32.87
CA GLU B 52 -9.93 -18.46 32.75
C GLU B 52 -10.68 -17.39 31.89
N PHE B 53 -10.20 -16.18 32.03
CA PHE B 53 -10.62 -15.07 31.13
C PHE B 53 -10.11 -15.18 29.69
N GLU B 54 -8.81 -15.44 29.59
CA GLU B 54 -8.17 -15.55 28.29
C GLU B 54 -8.77 -16.66 27.39
N ARG B 55 -9.15 -17.80 27.96
CA ARG B 55 -9.67 -18.85 27.21
C ARG B 55 -11.09 -18.46 26.65
N VAL B 56 -11.91 -17.81 27.48
CA VAL B 56 -13.25 -17.39 27.07
C VAL B 56 -13.11 -16.38 25.96
N TYR B 57 -12.20 -15.43 26.17
CA TYR B 57 -12.00 -14.36 25.24
C TYR B 57 -11.50 -14.91 23.91
N ARG B 58 -10.57 -15.82 23.96
CA ARG B 58 -10.00 -16.42 22.77
C ARG B 58 -11.06 -17.24 22.01
N ALA B 59 -11.87 -17.99 22.74
CA ALA B 59 -12.92 -18.79 22.15
C ALA B 59 -13.83 -17.91 21.33
N GLN B 60 -14.24 -16.78 21.90
CA GLN B 60 -15.10 -15.82 21.23
C GLN B 60 -14.41 -15.23 20.02
N VAL B 61 -13.16 -14.81 20.15
CA VAL B 61 -12.44 -14.24 19.07
C VAL B 61 -12.33 -15.27 17.92
N ASN B 62 -12.04 -16.52 18.24
CA ASN B 62 -11.82 -17.51 17.19
C ASN B 62 -13.16 -17.79 16.49
N CYS B 63 -14.24 -17.86 17.23
CA CYS B 63 -15.55 -17.98 16.59
C CYS B 63 -15.88 -16.81 15.68
N SER B 64 -15.58 -15.55 16.11
CA SER B 64 -15.83 -14.38 15.27
C SER B 64 -15.02 -14.32 14.03
N GLU B 65 -13.81 -14.80 14.10
CA GLU B 65 -13.01 -14.79 12.94
C GLU B 65 -13.35 -15.87 11.90
N TYR B 66 -13.87 -17.01 12.32
CA TYR B 66 -14.32 -18.02 11.44
C TYR B 66 -15.78 -17.76 10.93
N PHE B 67 -16.50 -16.85 11.55
CA PHE B 67 -17.88 -16.64 11.24
C PHE B 67 -18.05 -16.24 9.73
N PRO B 68 -17.26 -15.30 9.22
CA PRO B 68 -17.40 -14.96 7.80
C PRO B 68 -17.09 -16.14 6.86
N LEU B 69 -16.26 -17.08 7.30
CA LEU B 69 -15.86 -18.18 6.50
C LEU B 69 -16.92 -19.15 6.43
N PHE B 70 -17.47 -19.44 7.59
CA PHE B 70 -18.70 -20.21 7.71
C PHE B 70 -19.82 -19.64 6.77
N LEU B 71 -20.05 -18.34 6.86
CA LEU B 71 -20.98 -17.68 6.06
C LEU B 71 -20.76 -17.89 4.56
N ALA B 72 -19.60 -17.55 4.12
CA ALA B 72 -19.28 -17.56 2.72
C ALA B 72 -19.49 -19.01 2.17
N THR B 73 -19.04 -20.02 2.90
CA THR B 73 -19.11 -21.37 2.41
C THR B 73 -20.53 -21.91 2.55
N LEU B 74 -21.25 -21.54 3.59
CA LEU B 74 -22.62 -21.86 3.69
C LEU B 74 -23.43 -21.44 2.45
N TRP B 75 -23.25 -20.18 2.05
CA TRP B 75 -24.03 -19.59 1.00
C TRP B 75 -23.61 -20.14 -0.35
N VAL B 76 -22.31 -20.38 -0.56
CA VAL B 76 -21.89 -20.97 -1.82
C VAL B 76 -22.37 -22.39 -1.93
N ALA B 77 -22.25 -23.15 -0.87
CA ALA B 77 -22.72 -24.55 -0.88
C ALA B 77 -24.24 -24.61 -1.07
N GLY B 78 -24.93 -23.72 -0.40
CA GLY B 78 -26.36 -23.76 -0.37
C GLY B 78 -27.02 -23.33 -1.73
N ILE B 79 -26.35 -22.51 -2.49
CA ILE B 79 -26.78 -22.11 -3.78
C ILE B 79 -26.31 -23.02 -4.95
N PHE B 80 -25.05 -23.49 -4.95
CA PHE B 80 -24.50 -24.33 -5.98
C PHE B 80 -24.66 -25.77 -5.71
N PHE B 81 -24.90 -26.20 -4.49
CA PHE B 81 -24.97 -27.65 -4.25
C PHE B 81 -26.42 -28.06 -3.85
N HIS B 82 -26.91 -27.69 -2.66
CA HIS B 82 -28.22 -28.05 -2.17
C HIS B 82 -28.46 -27.27 -0.90
N GLU B 83 -29.58 -26.58 -0.85
CA GLU B 83 -29.91 -25.64 0.17
C GLU B 83 -29.98 -26.34 1.51
N GLY B 84 -30.75 -27.41 1.52
CA GLY B 84 -31.05 -28.19 2.73
C GLY B 84 -29.78 -28.82 3.34
N ALA B 85 -28.94 -29.37 2.49
CA ALA B 85 -27.75 -30.07 2.95
C ALA B 85 -26.75 -29.00 3.55
N ALA B 86 -26.58 -27.86 2.87
CA ALA B 86 -25.77 -26.79 3.38
C ALA B 86 -26.25 -26.27 4.69
N ALA B 87 -27.55 -26.04 4.80
CA ALA B 87 -28.08 -25.54 6.04
C ALA B 87 -27.81 -26.53 7.21
N LEU B 88 -27.95 -27.81 6.94
CA LEU B 88 -27.79 -28.81 7.93
C LEU B 88 -26.31 -28.84 8.38
N CYS B 89 -25.32 -28.84 7.45
CA CYS B 89 -23.90 -28.80 7.84
C CYS B 89 -23.60 -27.52 8.67
N GLY B 90 -24.26 -26.43 8.28
CA GLY B 90 -24.24 -25.23 9.00
C GLY B 90 -24.64 -25.37 10.43
N LEU B 91 -25.79 -25.98 10.62
CA LEU B 91 -26.25 -26.25 11.95
C LEU B 91 -25.25 -27.11 12.75
N VAL B 92 -24.66 -28.14 12.13
CA VAL B 92 -23.73 -29.00 12.82
C VAL B 92 -22.48 -28.12 13.16
N TYR B 93 -22.07 -27.20 12.25
CA TYR B 93 -20.99 -26.29 12.52
C TYR B 93 -21.25 -25.43 13.79
N LEU B 94 -22.44 -24.84 13.87
CA LEU B 94 -22.76 -23.95 14.92
C LEU B 94 -22.84 -24.69 16.28
N PHE B 95 -23.46 -25.87 16.31
CA PHE B 95 -23.62 -26.62 17.50
C PHE B 95 -22.18 -27.03 17.97
N ALA B 96 -21.30 -27.36 17.05
CA ALA B 96 -19.97 -27.74 17.39
C ALA B 96 -19.19 -26.55 17.99
N ARG B 97 -19.41 -25.34 17.46
CA ARG B 97 -18.76 -24.20 17.98
C ARG B 97 -19.28 -23.85 19.36
N LEU B 98 -20.57 -24.04 19.62
CA LEU B 98 -21.07 -23.87 20.98
C LEU B 98 -20.31 -24.79 21.92
N ARG B 99 -20.19 -26.06 21.56
CA ARG B 99 -19.43 -27.05 22.46
C ARG B 99 -17.93 -26.65 22.58
N TYR B 100 -17.33 -26.14 21.50
CA TYR B 100 -16.01 -25.69 21.49
C TYR B 100 -15.83 -24.57 22.46
N PHE B 101 -16.75 -23.62 22.44
CA PHE B 101 -16.75 -22.50 23.36
C PHE B 101 -16.82 -22.93 24.85
N GLN B 102 -17.77 -23.74 25.16
CA GLN B 102 -17.93 -24.35 26.50
C GLN B 102 -16.71 -25.18 26.99
N GLY B 103 -16.16 -25.98 26.09
CA GLY B 103 -15.00 -26.79 26.35
C GLY B 103 -13.80 -25.85 26.72
N TYR B 104 -13.53 -24.87 25.86
CA TYR B 104 -12.38 -24.04 25.97
C TYR B 104 -12.47 -23.32 27.28
N ALA B 105 -13.68 -22.84 27.65
CA ALA B 105 -13.86 -22.11 28.93
C ALA B 105 -13.24 -22.97 30.08
N ARG B 106 -13.52 -24.25 30.04
CA ARG B 106 -13.08 -25.20 31.09
C ARG B 106 -11.57 -25.44 30.94
N SER B 107 -11.05 -25.74 29.74
CA SER B 107 -9.57 -25.85 29.50
C SER B 107 -9.26 -25.92 28.00
N ALA B 108 -8.02 -25.55 27.69
CA ALA B 108 -7.38 -25.74 26.47
C ALA B 108 -7.59 -27.06 25.81
N GLN B 109 -7.50 -28.08 26.60
CA GLN B 109 -7.60 -29.44 26.18
C GLN B 109 -9.03 -29.86 25.84
N LEU B 110 -9.98 -29.46 26.68
CA LEU B 110 -11.41 -29.81 26.45
C LEU B 110 -12.05 -29.05 25.22
N ARG B 111 -11.35 -28.02 24.69
CA ARG B 111 -11.75 -27.43 23.45
C ARG B 111 -11.50 -28.32 22.26
N LEU B 112 -10.57 -29.29 22.39
CA LEU B 112 -10.06 -29.98 21.14
C LEU B 112 -11.08 -30.82 20.38
N ALA B 113 -11.81 -31.69 21.07
CA ALA B 113 -12.72 -32.59 20.38
C ALA B 113 -13.80 -31.77 19.57
N PRO B 114 -14.48 -30.81 20.22
CA PRO B 114 -15.45 -29.99 19.50
C PRO B 114 -14.78 -29.07 18.43
N LEU B 115 -13.54 -28.66 18.67
CA LEU B 115 -12.81 -27.91 17.67
C LEU B 115 -12.67 -28.73 16.40
N TYR B 116 -12.25 -29.95 16.57
CA TYR B 116 -12.08 -30.89 15.43
C TYR B 116 -13.44 -31.11 14.71
N ALA B 117 -14.52 -31.24 15.50
CA ALA B 117 -15.83 -31.47 14.96
C ALA B 117 -16.24 -30.16 14.13
N SER B 118 -15.83 -28.98 14.63
CA SER B 118 -16.11 -27.69 13.93
C SER B 118 -15.41 -27.68 12.59
N ALA B 119 -14.20 -28.15 12.64
CA ALA B 119 -13.37 -28.18 11.44
C ALA B 119 -13.87 -29.17 10.36
N ARG B 120 -14.30 -30.34 10.79
CA ARG B 120 -14.92 -31.31 9.90
C ARG B 120 -16.21 -30.76 9.25
N ALA B 121 -17.05 -30.14 10.05
CA ALA B 121 -18.29 -29.57 9.49
C ALA B 121 -17.97 -28.45 8.49
N LEU B 122 -16.98 -27.61 8.79
CA LEU B 122 -16.58 -26.57 7.86
C LEU B 122 -15.93 -27.13 6.60
N TRP B 123 -15.14 -28.19 6.72
CA TRP B 123 -14.59 -28.89 5.52
C TRP B 123 -15.71 -29.50 4.61
N LEU B 124 -16.77 -30.01 5.22
CA LEU B 124 -17.92 -30.52 4.53
C LEU B 124 -18.61 -29.42 3.73
N LEU B 125 -18.79 -28.26 4.34
CA LEU B 125 -19.27 -27.09 3.61
C LEU B 125 -18.37 -26.72 2.47
N VAL B 126 -17.04 -26.72 2.71
CA VAL B 126 -16.09 -26.44 1.63
C VAL B 126 -16.27 -27.43 0.49
N ALA B 127 -16.39 -28.70 0.82
CA ALA B 127 -16.46 -29.79 -0.21
C ALA B 127 -17.78 -29.63 -1.05
N LEU B 128 -18.87 -29.26 -0.39
CA LEU B 128 -20.13 -29.11 -1.06
C LEU B 128 -20.09 -27.89 -1.97
N ALA B 129 -19.49 -26.81 -1.51
CA ALA B 129 -19.29 -25.68 -2.31
C ALA B 129 -18.43 -25.97 -3.50
N ALA B 130 -17.34 -26.67 -3.28
CA ALA B 130 -16.44 -27.02 -4.38
C ALA B 130 -17.15 -27.92 -5.42
N LEU B 131 -17.87 -28.95 -4.96
CA LEU B 131 -18.55 -29.88 -5.86
C LEU B 131 -19.57 -29.11 -6.68
N GLY B 132 -20.25 -28.18 -6.05
CA GLY B 132 -21.30 -27.37 -6.70
C GLY B 132 -20.72 -26.53 -7.76
N LEU B 133 -19.63 -25.87 -7.45
CA LEU B 133 -18.91 -25.10 -8.47
C LEU B 133 -18.33 -25.95 -9.62
N LEU B 134 -17.79 -27.12 -9.29
CA LEU B 134 -17.35 -28.07 -10.32
C LEU B 134 -18.53 -28.45 -11.25
N ALA B 135 -19.69 -28.80 -10.70
CA ALA B 135 -20.86 -29.11 -11.51
C ALA B 135 -21.27 -27.92 -12.39
N HIS B 136 -21.09 -26.70 -11.95
CA HIS B 136 -21.39 -25.55 -12.74
C HIS B 136 -20.39 -25.34 -13.83
N PHE B 137 -19.09 -25.46 -13.61
CA PHE B 137 -18.08 -25.10 -14.63
C PHE B 137 -17.53 -26.24 -15.46
N LEU B 138 -17.48 -27.44 -14.92
CA LEU B 138 -16.76 -28.53 -15.58
C LEU B 138 -17.37 -28.94 -16.94
N PRO B 139 -18.69 -29.01 -17.05
CA PRO B 139 -19.25 -29.44 -18.37
C PRO B 139 -18.90 -28.58 -19.55
N ALA B 140 -19.03 -27.27 -19.38
CA ALA B 140 -18.69 -26.30 -20.47
C ALA B 140 -17.22 -26.41 -20.74
N ALA B 141 -16.42 -26.55 -19.69
CA ALA B 141 -14.94 -26.58 -19.88
C ALA B 141 -14.50 -27.87 -20.62
N LEU B 142 -15.02 -29.01 -20.23
CA LEU B 142 -14.81 -30.26 -20.99
C LEU B 142 -15.30 -30.21 -22.38
N ARG B 143 -16.45 -29.61 -22.56
CA ARG B 143 -16.96 -29.45 -23.88
C ARG B 143 -16.07 -28.61 -24.76
N ALA B 144 -15.64 -27.49 -24.24
CA ALA B 144 -14.71 -26.56 -25.02
C ALA B 144 -13.39 -27.26 -25.40
N ALA B 145 -12.82 -27.97 -24.46
CA ALA B 145 -11.64 -28.80 -24.71
C ALA B 145 -11.90 -29.88 -25.75
N LEU B 146 -13.03 -30.60 -25.71
CA LEU B 146 -13.35 -31.59 -26.76
C LEU B 146 -13.58 -30.95 -28.08
N LEU B 147 -14.29 -29.83 -28.12
CA LEU B 147 -14.48 -29.12 -29.40
C LEU B 147 -13.14 -28.70 -30.04
N GLY B 148 -12.19 -28.23 -29.22
CA GLY B 148 -10.83 -27.88 -29.69
C GLY B 148 -10.07 -29.04 -30.32
N ARG B 149 -10.03 -30.21 -29.65
CA ARG B 149 -9.45 -31.44 -30.22
C ARG B 149 -10.20 -32.01 -31.43
N LEU B 150 -11.52 -31.84 -31.46
CA LEU B 150 -12.28 -32.25 -32.64
C LEU B 150 -11.95 -31.46 -33.89
N ARG B 151 -11.53 -30.20 -33.75
CA ARG B 151 -11.07 -29.39 -34.90
C ARG B 151 -9.57 -29.66 -35.28
N HIS C 3 -26.42 -14.19 -18.80
CA HIS C 3 -27.64 -13.27 -19.03
C HIS C 3 -29.06 -13.83 -18.82
N HIS C 4 -29.83 -12.99 -18.13
CA HIS C 4 -31.27 -13.13 -18.04
C HIS C 4 -31.78 -11.77 -18.61
N HIS C 5 -33.08 -11.65 -18.61
CA HIS C 5 -33.73 -10.43 -19.20
C HIS C 5 -34.34 -9.64 -18.06
N HIS C 6 -33.83 -9.86 -16.84
CA HIS C 6 -34.27 -9.11 -15.67
C HIS C 6 -33.10 -9.23 -14.71
N HIS C 7 -33.02 -8.33 -13.75
CA HIS C 7 -31.99 -8.24 -12.77
C HIS C 7 -32.65 -7.93 -11.44
N HIS C 8 -32.07 -8.41 -10.35
CA HIS C 8 -32.59 -8.13 -9.02
C HIS C 8 -31.79 -7.07 -8.26
N LYS C 9 -30.83 -6.45 -8.91
CA LYS C 9 -30.01 -5.40 -8.37
C LYS C 9 -30.82 -4.38 -7.65
N ASP C 10 -31.90 -4.02 -8.32
CA ASP C 10 -32.74 -2.90 -7.87
C ASP C 10 -33.50 -3.22 -6.64
N GLU C 11 -33.45 -4.43 -6.16
CA GLU C 11 -34.05 -4.77 -4.84
C GLU C 11 -33.04 -4.76 -3.75
N VAL C 12 -31.76 -4.63 -4.08
CA VAL C 12 -30.72 -4.67 -3.06
C VAL C 12 -29.66 -3.52 -3.06
N ALA C 13 -29.94 -2.49 -3.86
CA ALA C 13 -29.03 -1.44 -4.09
C ALA C 13 -28.83 -0.59 -2.84
N LEU C 14 -29.87 -0.38 -2.03
CA LEU C 14 -29.66 0.32 -0.79
C LEU C 14 -28.77 -0.49 0.19
N LEU C 15 -28.99 -1.81 0.25
CA LEU C 15 -28.21 -2.72 1.09
C LEU C 15 -26.74 -2.70 0.61
N ALA C 16 -26.55 -2.68 -0.74
CA ALA C 16 -25.27 -2.60 -1.28
C ALA C 16 -24.57 -1.28 -0.96
N ALA C 17 -25.33 -0.17 -1.03
CA ALA C 17 -24.75 1.14 -0.70
C ALA C 17 -24.32 1.25 0.76
N VAL C 18 -25.20 0.77 1.63
CA VAL C 18 -24.87 0.75 3.03
C VAL C 18 -23.62 -0.19 3.33
N THR C 19 -23.55 -1.36 2.67
CA THR C 19 -22.46 -2.21 2.79
C THR C 19 -21.15 -1.50 2.47
N LEU C 20 -21.13 -0.84 1.36
CA LEU C 20 -19.94 -0.13 0.90
C LEU C 20 -19.56 1.03 1.82
N LEU C 21 -20.56 1.77 2.27
CA LEU C 21 -20.35 2.74 3.24
C LEU C 21 -19.62 2.13 4.48
N GLY C 22 -20.06 0.95 4.91
CA GLY C 22 -19.43 0.25 5.95
C GLY C 22 -17.96 -0.08 5.66
N VAL C 23 -17.63 -0.48 4.47
CA VAL C 23 -16.31 -0.72 4.04
C VAL C 23 -15.47 0.53 4.12
N LEU C 24 -16.02 1.63 3.66
CA LEU C 24 -15.32 2.90 3.68
C LEU C 24 -15.03 3.39 5.15
N LEU C 25 -15.99 3.21 6.01
CA LEU C 25 -15.82 3.49 7.42
C LEU C 25 -14.67 2.66 8.03
N GLN C 26 -14.62 1.37 7.73
CA GLN C 26 -13.48 0.57 8.15
C GLN C 26 -12.18 1.10 7.65
N ALA C 27 -12.15 1.58 6.42
CA ALA C 27 -10.94 2.21 5.89
C ALA C 27 -10.48 3.43 6.71
N TYR C 28 -11.43 4.26 7.09
CA TYR C 28 -11.20 5.39 7.97
C TYR C 28 -10.63 4.91 9.34
N PHE C 29 -11.23 3.87 9.95
CA PHE C 29 -10.68 3.32 11.15
C PHE C 29 -9.23 2.80 10.99
N SER C 30 -8.92 2.08 9.91
CA SER C 30 -7.56 1.63 9.69
C SER C 30 -6.57 2.73 9.52
N LEU C 31 -6.99 3.76 8.82
CA LEU C 31 -6.21 4.96 8.65
C LEU C 31 -5.86 5.56 10.03
N GLN C 32 -6.82 5.62 10.97
CA GLN C 32 -6.55 6.18 12.32
C GLN C 32 -5.59 5.28 13.08
N VAL C 33 -5.67 3.99 12.88
CA VAL C 33 -4.76 3.07 13.54
C VAL C 33 -3.36 3.27 13.00
N ILE C 34 -3.23 3.43 11.68
CA ILE C 34 -1.90 3.64 11.09
C ILE C 34 -1.27 4.93 11.66
N SER C 35 -2.12 5.92 11.76
CA SER C 35 -1.70 7.20 12.24
C SER C 35 -1.31 7.13 13.77
N ALA C 36 -2.05 6.36 14.56
CA ALA C 36 -1.73 6.13 15.97
C ALA C 36 -0.45 5.29 16.09
N ARG C 37 -0.26 4.31 15.20
CA ARG C 37 1.03 3.59 15.20
C ARG C 37 2.25 4.53 15.01
N ARG C 38 2.13 5.53 14.14
CA ARG C 38 3.22 6.50 13.87
C ARG C 38 3.40 7.43 15.06
N ALA C 39 2.31 8.02 15.56
CA ALA C 39 2.38 8.96 16.68
C ALA C 39 2.99 8.33 17.97
N PHE C 40 2.64 7.09 18.29
CA PHE C 40 3.05 6.42 19.50
C PHE C 40 4.13 5.35 19.25
N ARG C 41 4.60 5.28 18.01
CA ARG C 41 5.76 4.42 17.63
C ARG C 41 5.58 2.94 17.99
N VAL C 42 4.46 2.36 17.56
CA VAL C 42 4.18 0.94 17.76
C VAL C 42 4.22 0.25 16.36
N SER C 43 5.29 -0.48 16.16
CA SER C 43 5.63 -1.14 14.95
C SER C 43 4.97 -2.50 14.94
N PRO C 44 4.29 -2.85 13.85
CA PRO C 44 3.94 -4.22 13.66
C PRO C 44 5.14 -5.17 13.80
N PRO C 45 5.04 -6.38 14.38
CA PRO C 45 3.74 -7.07 14.77
C PRO C 45 3.20 -6.78 16.21
N LEU C 46 3.74 -5.78 16.89
CA LEU C 46 3.21 -5.38 18.17
C LEU C 46 1.80 -4.81 18.11
N THR C 47 0.97 -5.25 19.05
CA THR C 47 -0.37 -4.73 19.27
C THR C 47 -0.57 -4.01 20.57
N THR C 48 0.47 -3.86 21.36
CA THR C 48 0.37 -3.26 22.70
C THR C 48 1.23 -2.04 22.73
N GLY C 49 0.97 -1.13 23.65
CA GLY C 49 1.65 0.15 23.68
C GLY C 49 0.93 1.07 24.64
N PRO C 50 1.10 2.40 24.50
CA PRO C 50 0.47 3.34 25.45
C PRO C 50 -1.08 3.20 25.37
N PRO C 51 -1.81 3.52 26.48
CA PRO C 51 -3.27 3.39 26.46
C PRO C 51 -4.01 4.10 25.28
N GLU C 52 -3.55 5.25 24.86
CA GLU C 52 -4.13 5.97 23.74
C GLU C 52 -4.04 5.19 22.42
N PHE C 53 -2.92 4.49 22.23
CA PHE C 53 -2.77 3.59 21.09
C PHE C 53 -3.73 2.37 21.24
N GLU C 54 -3.71 1.74 22.40
CA GLU C 54 -4.52 0.54 22.63
C GLU C 54 -6.04 0.75 22.44
N ARG C 55 -6.55 1.92 22.81
CA ARG C 55 -7.94 2.18 22.73
C ARG C 55 -8.37 2.37 21.21
N VAL C 56 -7.56 3.09 20.44
CA VAL C 56 -7.77 3.24 19.01
C VAL C 56 -7.70 1.91 18.33
N TYR C 57 -6.65 1.15 18.66
CA TYR C 57 -6.46 -0.16 18.05
C TYR C 57 -7.66 -1.10 18.40
N ARG C 58 -8.08 -1.12 19.65
CA ARG C 58 -9.17 -1.97 20.07
C ARG C 58 -10.52 -1.56 19.43
N ALA C 59 -10.76 -0.25 19.36
CA ALA C 59 -11.93 0.29 18.72
C ALA C 59 -12.03 -0.27 17.24
N GLN C 60 -10.91 -0.23 16.53
CA GLN C 60 -10.86 -0.74 15.18
C GLN C 60 -11.10 -2.26 15.12
N VAL C 61 -10.45 -3.02 15.98
CA VAL C 61 -10.56 -4.45 15.97
C VAL C 61 -11.98 -4.83 16.34
N ASN C 62 -12.59 -4.10 17.25
CA ASN C 62 -14.00 -4.46 17.64
C ASN C 62 -14.94 -4.11 16.49
N CYS C 63 -14.76 -2.95 15.84
CA CYS C 63 -15.61 -2.64 14.61
C CYS C 63 -15.42 -3.64 13.48
N SER C 64 -14.15 -4.08 13.22
CA SER C 64 -13.94 -5.20 12.26
C SER C 64 -14.58 -6.45 12.58
N GLU C 65 -14.59 -6.80 13.84
CA GLU C 65 -15.13 -8.12 14.20
C GLU C 65 -16.70 -8.15 14.13
N TYR C 66 -17.38 -7.01 14.40
CA TYR C 66 -18.83 -6.90 14.32
C TYR C 66 -19.29 -6.58 12.88
N PHE C 67 -18.37 -6.19 12.01
CA PHE C 67 -18.73 -5.89 10.67
C PHE C 67 -19.45 -7.02 9.92
N PRO C 68 -18.97 -8.26 10.00
CA PRO C 68 -19.63 -9.31 9.30
C PRO C 68 -21.01 -9.60 9.88
N LEU C 69 -21.19 -9.34 11.16
CA LEU C 69 -22.46 -9.58 11.82
C LEU C 69 -23.48 -8.53 11.36
N PHE C 70 -23.03 -7.27 11.35
CA PHE C 70 -23.76 -6.20 10.73
C PHE C 70 -24.20 -6.55 9.29
N LEU C 71 -23.27 -6.97 8.49
CA LEU C 71 -23.55 -7.39 7.14
C LEU C 71 -24.59 -8.43 7.03
N ALA C 72 -24.39 -9.53 7.75
CA ALA C 72 -25.26 -10.63 7.59
C ALA C 72 -26.69 -10.21 7.95
N THR C 73 -26.87 -9.48 9.04
CA THR C 73 -28.20 -9.18 9.51
C THR C 73 -28.80 -8.11 8.62
N LEU C 74 -27.99 -7.16 8.13
CA LEU C 74 -28.42 -6.16 7.24
C LEU C 74 -29.10 -6.78 5.98
N TRP C 75 -28.41 -7.77 5.41
CA TRP C 75 -28.87 -8.43 4.22
C TRP C 75 -30.11 -9.30 4.46
N VAL C 76 -30.13 -10.06 5.55
CA VAL C 76 -31.29 -10.90 5.86
C VAL C 76 -32.50 -10.05 6.14
N ALA C 77 -32.33 -9.01 6.96
CA ALA C 77 -33.40 -8.08 7.21
C ALA C 77 -33.89 -7.36 5.94
N GLY C 78 -32.94 -6.97 5.11
CA GLY C 78 -33.29 -6.19 3.93
C GLY C 78 -34.04 -7.00 2.87
N ILE C 79 -33.80 -8.29 2.80
CA ILE C 79 -34.42 -9.14 1.90
C ILE C 79 -35.74 -9.71 2.40
N PHE C 80 -35.82 -10.13 3.65
CA PHE C 80 -37.00 -10.79 4.20
C PHE C 80 -37.91 -9.83 4.91
N PHE C 81 -37.47 -8.62 5.26
CA PHE C 81 -38.38 -7.70 5.93
C PHE C 81 -38.68 -6.53 5.00
N HIS C 82 -37.75 -5.64 4.79
CA HIS C 82 -38.00 -4.40 4.03
C HIS C 82 -36.62 -3.76 3.81
N GLU C 83 -36.35 -3.51 2.54
CA GLU C 83 -35.05 -3.03 2.13
C GLU C 83 -34.70 -1.69 2.80
N GLY C 84 -35.61 -0.75 2.70
CA GLY C 84 -35.40 0.60 3.18
C GLY C 84 -35.19 0.65 4.70
N ALA C 85 -35.96 -0.15 5.42
CA ALA C 85 -35.93 -0.10 6.85
C ALA C 85 -34.60 -0.72 7.35
N ALA C 86 -34.19 -1.84 6.74
CA ALA C 86 -32.94 -2.42 7.02
C ALA C 86 -31.78 -1.45 6.70
N ALA C 87 -31.84 -0.79 5.57
CA ALA C 87 -30.78 0.13 5.21
C ALA C 87 -30.66 1.28 6.17
N LEU C 88 -31.78 1.75 6.60
CA LEU C 88 -31.79 2.80 7.55
C LEU C 88 -31.22 2.40 8.92
N CYS C 89 -31.62 1.25 9.48
CA CYS C 89 -31.02 0.77 10.72
C CYS C 89 -29.50 0.59 10.55
N GLY C 90 -29.11 0.12 9.38
CA GLY C 90 -27.76 0.01 9.00
C GLY C 90 -26.98 1.27 9.10
N LEU C 91 -27.54 2.32 8.54
CA LEU C 91 -26.95 3.65 8.65
C LEU C 91 -26.81 4.08 10.10
N VAL C 92 -27.83 3.81 10.90
CA VAL C 92 -27.81 4.23 12.28
C VAL C 92 -26.69 3.40 12.97
N TYR C 93 -26.58 2.10 12.66
CA TYR C 93 -25.49 1.29 13.19
C TYR C 93 -24.09 1.94 12.88
N LEU C 94 -23.87 2.24 11.62
CA LEU C 94 -22.59 2.78 11.16
C LEU C 94 -22.25 4.14 11.76
N PHE C 95 -23.22 5.04 11.84
CA PHE C 95 -23.00 6.34 12.50
C PHE C 95 -22.66 6.11 14.02
N ALA C 96 -23.32 5.15 14.69
CA ALA C 96 -23.07 4.86 16.06
C ALA C 96 -21.69 4.29 16.27
N ARG C 97 -21.22 3.49 15.34
CA ARG C 97 -19.86 3.00 15.41
C ARG C 97 -18.79 4.09 15.18
N LEU C 98 -19.04 5.02 14.30
CA LEU C 98 -18.16 6.15 14.14
C LEU C 98 -18.05 6.95 15.46
N ARG C 99 -19.17 7.20 16.13
CA ARG C 99 -19.14 7.88 17.47
C ARG C 99 -18.48 6.99 18.53
N TYR C 100 -18.70 5.68 18.48
CA TYR C 100 -18.05 4.75 19.37
C TYR C 100 -16.54 4.84 19.24
N PHE C 101 -16.07 4.80 18.00
CA PHE C 101 -14.65 4.88 17.71
C PHE C 101 -14.02 6.16 18.26
N GLN C 102 -14.66 7.28 17.96
CA GLN C 102 -14.19 8.58 18.45
C GLN C 102 -14.21 8.68 20.00
N GLY C 103 -15.25 8.14 20.61
CA GLY C 103 -15.41 8.11 22.05
C GLY C 103 -14.28 7.30 22.66
N TYR C 104 -14.05 6.10 22.13
CA TYR C 104 -13.10 5.16 22.70
C TYR C 104 -11.69 5.75 22.64
N ALA C 105 -11.39 6.45 21.55
CA ALA C 105 -10.08 7.12 21.38
C ALA C 105 -9.81 8.01 22.61
N ARG C 106 -10.82 8.77 22.99
CA ARG C 106 -10.71 9.72 24.07
C ARG C 106 -10.65 8.93 25.37
N SER C 107 -11.55 7.99 25.62
CA SER C 107 -11.48 7.12 26.84
C SER C 107 -12.42 5.89 26.76
N ALA C 108 -12.09 4.84 27.56
CA ALA C 108 -12.90 3.71 27.78
C ALA C 108 -14.36 4.02 28.11
N GLN C 109 -14.54 5.05 28.87
CA GLN C 109 -15.82 5.43 29.41
C GLN C 109 -16.67 6.15 28.31
N LEU C 110 -16.03 7.05 27.54
CA LEU C 110 -16.77 7.79 26.52
C LEU C 110 -17.22 6.88 25.33
N ARG C 111 -16.66 5.67 25.25
CA ARG C 111 -17.12 4.72 24.28
C ARG C 111 -18.49 4.18 24.60
N LEU C 112 -18.94 4.26 25.83
CA LEU C 112 -20.08 3.43 26.27
C LEU C 112 -21.43 3.82 25.67
N ALA C 113 -21.77 5.12 25.69
CA ALA C 113 -23.06 5.56 25.15
C ALA C 113 -23.20 5.13 23.64
N PRO C 114 -22.20 5.41 22.81
CA PRO C 114 -22.33 5.05 21.41
C PRO C 114 -22.20 3.53 21.19
N LEU C 115 -21.47 2.85 22.08
CA LEU C 115 -21.46 1.42 22.04
C LEU C 115 -22.89 0.88 22.21
N TYR C 116 -23.59 1.37 23.25
CA TYR C 116 -24.94 0.93 23.54
C TYR C 116 -25.87 1.22 22.38
N ALA C 117 -25.71 2.38 21.77
CA ALA C 117 -26.53 2.77 20.59
C ALA C 117 -26.22 1.77 19.42
N SER C 118 -24.98 1.38 19.26
CA SER C 118 -24.59 0.55 18.18
C SER C 118 -25.25 -0.84 18.42
N ALA C 119 -25.33 -1.21 19.68
CA ALA C 119 -25.92 -2.53 20.04
C ALA C 119 -27.45 -2.53 19.81
N ARG C 120 -28.10 -1.42 20.16
CA ARG C 120 -29.53 -1.28 19.91
C ARG C 120 -29.82 -1.37 18.43
N ALA C 121 -28.99 -0.69 17.62
CA ALA C 121 -29.24 -0.72 16.21
C ALA C 121 -29.06 -2.13 15.65
N LEU C 122 -28.06 -2.87 16.11
CA LEU C 122 -27.84 -4.19 15.64
C LEU C 122 -28.98 -5.09 16.08
N TRP C 123 -29.48 -4.90 17.30
CA TRP C 123 -30.58 -5.70 17.77
C TRP C 123 -31.86 -5.48 16.92
N LEU C 124 -32.05 -4.26 16.50
CA LEU C 124 -33.14 -3.94 15.64
C LEU C 124 -33.02 -4.69 14.33
N LEU C 125 -31.85 -4.72 13.73
CA LEU C 125 -31.62 -5.48 12.55
C LEU C 125 -31.91 -6.93 12.83
N VAL C 126 -31.53 -7.44 14.00
CA VAL C 126 -31.79 -8.84 14.28
C VAL C 126 -33.27 -9.10 14.33
N ALA C 127 -33.99 -8.20 14.96
CA ALA C 127 -35.43 -8.38 15.12
C ALA C 127 -36.15 -8.33 13.77
N LEU C 128 -35.69 -7.46 12.89
CA LEU C 128 -36.28 -7.39 11.59
C LEU C 128 -36.04 -8.64 10.81
N ALA C 129 -34.81 -9.12 10.87
CA ALA C 129 -34.47 -10.33 10.20
C ALA C 129 -35.32 -11.51 10.72
N ALA C 130 -35.53 -11.57 12.01
CA ALA C 130 -36.30 -12.62 12.61
C ALA C 130 -37.75 -12.54 12.26
N LEU C 131 -38.33 -11.36 12.27
CA LEU C 131 -39.70 -11.16 11.84
C LEU C 131 -39.95 -11.52 10.38
N GLY C 132 -39.00 -11.14 9.52
CA GLY C 132 -39.03 -11.46 8.10
C GLY C 132 -39.01 -12.96 7.87
N LEU C 133 -38.12 -13.66 8.56
CA LEU C 133 -38.09 -15.08 8.44
C LEU C 133 -39.34 -15.77 9.01
N LEU C 134 -39.87 -15.24 10.10
CA LEU C 134 -41.15 -15.74 10.67
C LEU C 134 -42.27 -15.59 9.63
N ALA C 135 -42.39 -14.42 9.00
CA ALA C 135 -43.36 -14.22 7.95
C ALA C 135 -43.18 -15.23 6.84
N HIS C 136 -41.99 -15.56 6.48
CA HIS C 136 -41.77 -16.48 5.39
C HIS C 136 -42.17 -17.88 5.77
N PHE C 137 -41.82 -18.37 6.96
CA PHE C 137 -42.01 -19.77 7.30
C PHE C 137 -43.35 -20.10 8.01
N LEU C 138 -43.88 -19.15 8.75
CA LEU C 138 -44.95 -19.45 9.72
C LEU C 138 -46.27 -19.85 9.03
N PRO C 139 -46.64 -19.19 7.95
CA PRO C 139 -47.89 -19.57 7.28
C PRO C 139 -47.98 -20.97 6.74
N ALA C 140 -46.96 -21.41 6.05
CA ALA C 140 -46.91 -22.78 5.50
C ALA C 140 -46.85 -23.79 6.66
N ALA C 141 -46.10 -23.47 7.74
CA ALA C 141 -46.02 -24.37 8.88
C ALA C 141 -47.39 -24.48 9.59
N LEU C 142 -48.06 -23.39 9.85
CA LEU C 142 -49.41 -23.43 10.46
C LEU C 142 -50.40 -24.12 9.57
N ARG C 143 -50.30 -23.87 8.27
CA ARG C 143 -51.15 -24.57 7.34
C ARG C 143 -50.96 -26.10 7.38
N ALA C 144 -49.71 -26.53 7.34
CA ALA C 144 -49.37 -27.99 7.38
C ALA C 144 -49.88 -28.63 8.67
N ALA C 145 -49.72 -27.94 9.76
CA ALA C 145 -50.26 -28.40 11.01
C ALA C 145 -51.77 -28.49 11.02
N LEU C 146 -52.47 -27.47 10.51
CA LEU C 146 -53.92 -27.53 10.43
C LEU C 146 -54.33 -28.66 9.51
N LEU C 147 -53.68 -28.82 8.38
CA LEU C 147 -54.07 -29.91 7.45
C LEU C 147 -53.96 -31.29 8.11
N GLY C 148 -52.89 -31.49 8.90
CA GLY C 148 -52.70 -32.71 9.65
C GLY C 148 -53.81 -33.00 10.63
N ARG C 149 -54.22 -32.03 11.45
CA ARG C 149 -55.35 -32.21 12.37
C ARG C 149 -56.72 -32.53 11.67
N LEU C 150 -56.91 -32.29 10.38
CA LEU C 150 -58.26 -32.25 9.77
C LEU C 150 -59.00 -33.56 9.49
N HIS D 3 -50.20 -25.88 -9.80
CA HIS D 3 -49.28 -24.66 -9.71
C HIS D 3 -48.96 -23.84 -10.99
N HIS D 4 -49.03 -22.51 -10.79
CA HIS D 4 -48.45 -21.54 -11.69
C HIS D 4 -47.41 -20.74 -10.81
N HIS D 5 -46.80 -19.76 -11.44
CA HIS D 5 -45.78 -18.97 -10.74
C HIS D 5 -46.31 -17.56 -10.55
N HIS D 6 -47.63 -17.43 -10.50
CA HIS D 6 -48.30 -16.17 -10.19
C HIS D 6 -49.71 -16.62 -9.77
N HIS D 7 -50.41 -15.75 -9.08
CA HIS D 7 -51.70 -15.98 -8.56
C HIS D 7 -52.51 -14.67 -8.79
N HIS D 8 -53.84 -14.77 -8.99
CA HIS D 8 -54.72 -13.60 -9.13
C HIS D 8 -55.51 -13.25 -7.86
N LYS D 9 -55.24 -13.95 -6.74
CA LYS D 9 -55.89 -13.76 -5.46
C LYS D 9 -55.94 -12.33 -5.09
N ASP D 10 -54.80 -11.71 -5.32
CA ASP D 10 -54.59 -10.37 -4.84
C ASP D 10 -55.40 -9.35 -5.64
N GLU D 11 -56.07 -9.75 -6.69
CA GLU D 11 -56.97 -8.88 -7.43
C GLU D 11 -58.39 -9.08 -6.98
N VAL D 12 -58.63 -10.03 -6.07
CA VAL D 12 -60.03 -10.30 -5.63
C VAL D 12 -60.22 -10.45 -4.15
N ALA D 13 -59.19 -10.08 -3.38
CA ALA D 13 -59.20 -10.33 -1.92
C ALA D 13 -60.17 -9.48 -1.22
N LEU D 14 -60.31 -8.22 -1.67
CA LEU D 14 -61.35 -7.39 -1.08
C LEU D 14 -62.78 -7.99 -1.34
N LEU D 15 -63.01 -8.44 -2.59
CA LEU D 15 -64.29 -9.04 -2.98
C LEU D 15 -64.56 -10.33 -2.13
N ALA D 16 -63.50 -11.10 -1.91
CA ALA D 16 -63.57 -12.26 -1.07
C ALA D 16 -63.87 -11.93 0.38
N ALA D 17 -63.28 -10.83 0.86
CA ALA D 17 -63.53 -10.44 2.27
C ALA D 17 -64.95 -9.97 2.46
N VAL D 18 -65.41 -9.16 1.51
CA VAL D 18 -66.78 -8.69 1.58
C VAL D 18 -67.79 -9.89 1.46
N THR D 19 -67.45 -10.84 0.58
CA THR D 19 -68.26 -12.02 0.42
C THR D 19 -68.41 -12.76 1.72
N LEU D 20 -67.26 -12.97 2.39
CA LEU D 20 -67.22 -13.68 3.69
C LEU D 20 -67.94 -12.93 4.79
N LEU D 21 -67.76 -11.63 4.78
CA LEU D 21 -68.57 -10.79 5.64
C LEU D 21 -70.06 -11.03 5.41
N GLY D 22 -70.46 -11.07 4.15
CA GLY D 22 -71.86 -11.34 3.83
C GLY D 22 -72.38 -12.71 4.38
N VAL D 23 -71.52 -13.75 4.29
CA VAL D 23 -71.86 -15.04 4.81
C VAL D 23 -72.07 -14.92 6.32
N LEU D 24 -71.17 -14.24 7.00
CA LEU D 24 -71.30 -14.04 8.50
C LEU D 24 -72.56 -13.27 8.92
N LEU D 25 -72.92 -12.30 8.10
CA LEU D 25 -74.16 -11.56 8.33
C LEU D 25 -75.40 -12.47 8.15
N GLN D 26 -75.40 -13.33 7.10
CA GLN D 26 -76.47 -14.33 7.01
C GLN D 26 -76.51 -15.26 8.25
N ALA D 27 -75.36 -15.61 8.79
CA ALA D 27 -75.29 -16.44 10.04
C ALA D 27 -75.94 -15.72 11.20
N TYR D 28 -75.68 -14.42 11.30
CA TYR D 28 -76.35 -13.58 12.30
C TYR D 28 -77.90 -13.59 12.12
N PHE D 29 -78.34 -13.43 10.90
CA PHE D 29 -79.78 -13.50 10.63
C PHE D 29 -80.40 -14.87 10.98
N SER D 30 -79.75 -15.98 10.57
CA SER D 30 -80.24 -17.26 10.94
C SER D 30 -80.33 -17.49 12.47
N LEU D 31 -79.28 -17.07 13.17
CA LEU D 31 -79.24 -17.06 14.60
C LEU D 31 -80.49 -16.33 15.19
N GLN D 32 -80.87 -15.16 14.64
CA GLN D 32 -82.07 -14.42 15.12
C GLN D 32 -83.37 -15.13 14.82
N VAL D 33 -83.42 -15.81 13.70
CA VAL D 33 -84.54 -16.67 13.38
C VAL D 33 -84.65 -17.85 14.32
N ILE D 34 -83.52 -18.52 14.59
CA ILE D 34 -83.54 -19.64 15.57
C ILE D 34 -84.06 -19.15 16.92
N SER D 35 -83.57 -18.01 17.32
CA SER D 35 -83.91 -17.46 18.61
C SER D 35 -85.43 -16.99 18.66
N ALA D 36 -85.93 -16.44 17.56
CA ALA D 36 -87.39 -16.18 17.42
C ALA D 36 -88.25 -17.49 17.40
N ARG D 37 -87.78 -18.56 16.77
CA ARG D 37 -88.50 -19.83 16.80
C ARG D 37 -88.64 -20.41 18.25
N ARG D 38 -87.61 -20.21 19.10
CA ARG D 38 -87.65 -20.60 20.50
C ARG D 38 -88.58 -19.71 21.31
N ALA D 39 -88.41 -18.40 21.22
CA ALA D 39 -89.22 -17.44 21.97
C ALA D 39 -90.75 -17.60 21.66
N PHE D 40 -91.15 -17.78 20.39
CA PHE D 40 -92.55 -17.81 19.96
C PHE D 40 -93.04 -19.25 19.72
N ARG D 41 -92.19 -20.24 20.05
CA ARG D 41 -92.48 -21.67 19.90
C ARG D 41 -93.00 -22.10 18.50
N VAL D 42 -92.24 -21.79 17.45
CA VAL D 42 -92.60 -22.19 16.08
C VAL D 42 -91.58 -23.25 15.64
N SER D 43 -92.03 -24.48 15.62
CA SER D 43 -91.24 -25.70 15.34
C SER D 43 -91.21 -26.01 13.86
N PRO D 44 -90.02 -26.24 13.30
CA PRO D 44 -89.97 -26.61 11.89
C PRO D 44 -90.83 -27.87 11.75
N PRO D 45 -91.62 -28.09 10.68
CA PRO D 45 -91.50 -27.31 9.38
C PRO D 45 -92.44 -26.09 9.21
N LEU D 46 -93.11 -25.68 10.31
CA LEU D 46 -93.91 -24.46 10.24
C LEU D 46 -93.11 -23.20 9.95
N THR D 47 -93.67 -22.38 9.08
CA THR D 47 -93.10 -21.07 8.75
C THR D 47 -94.02 -19.93 9.08
N THR D 48 -95.12 -20.22 9.72
CA THR D 48 -96.12 -19.17 10.09
C THR D 48 -96.28 -19.18 11.61
N GLY D 49 -96.75 -18.08 12.18
CA GLY D 49 -96.78 -17.89 13.62
C GLY D 49 -97.12 -16.46 13.93
N PRO D 50 -96.83 -15.99 15.14
CA PRO D 50 -97.16 -14.60 15.51
C PRO D 50 -96.47 -13.59 14.56
N PRO D 51 -97.08 -12.39 14.32
CA PRO D 51 -96.38 -11.39 13.44
C PRO D 51 -94.88 -11.11 13.75
N GLU D 52 -94.49 -11.00 15.04
CA GLU D 52 -93.08 -10.74 15.46
C GLU D 52 -92.14 -11.85 14.89
N PHE D 53 -92.62 -13.10 14.91
CA PHE D 53 -91.88 -14.20 14.31
C PHE D 53 -91.84 -14.00 12.76
N GLU D 54 -93.00 -13.75 12.15
CA GLU D 54 -93.11 -13.74 10.68
C GLU D 54 -92.28 -12.67 10.04
N ARG D 55 -92.12 -11.54 10.73
CA ARG D 55 -91.32 -10.45 10.23
C ARG D 55 -89.80 -10.83 10.25
N VAL D 56 -89.35 -11.45 11.33
CA VAL D 56 -87.96 -11.84 11.49
C VAL D 56 -87.67 -12.89 10.44
N TYR D 57 -88.55 -13.85 10.34
CA TYR D 57 -88.39 -14.93 9.41
C TYR D 57 -88.34 -14.37 7.97
N ARG D 58 -89.26 -13.47 7.65
CA ARG D 58 -89.31 -12.93 6.32
C ARG D 58 -88.06 -12.12 5.97
N ALA D 59 -87.63 -11.32 6.95
CA ALA D 59 -86.41 -10.49 6.79
C ALA D 59 -85.23 -11.40 6.36
N GLN D 60 -85.13 -12.56 7.04
CA GLN D 60 -84.07 -13.51 6.80
C GLN D 60 -84.21 -14.15 5.43
N VAL D 61 -85.43 -14.56 5.08
CA VAL D 61 -85.64 -15.16 3.77
C VAL D 61 -85.35 -14.18 2.64
N ASN D 62 -85.73 -12.90 2.82
CA ASN D 62 -85.49 -11.94 1.79
C ASN D 62 -84.01 -11.67 1.67
N CYS D 63 -83.28 -11.55 2.81
CA CYS D 63 -81.82 -11.38 2.73
C CYS D 63 -81.16 -12.55 2.06
N SER D 64 -81.64 -13.79 2.31
CA SER D 64 -81.05 -14.96 1.66
C SER D 64 -81.29 -15.00 0.21
N GLU D 65 -82.43 -14.57 -0.19
CA GLU D 65 -82.76 -14.68 -1.56
C GLU D 65 -82.02 -13.62 -2.42
N TYR D 66 -81.70 -12.46 -1.85
CA TYR D 66 -80.90 -11.42 -2.55
C TYR D 66 -79.42 -11.67 -2.43
N PHE D 67 -78.98 -12.58 -1.50
CA PHE D 67 -77.57 -12.78 -1.26
C PHE D 67 -76.84 -13.19 -2.55
N PRO D 68 -77.40 -14.13 -3.32
CA PRO D 68 -76.67 -14.50 -4.55
C PRO D 68 -76.56 -13.37 -5.57
N LEU D 69 -77.55 -12.47 -5.53
CA LEU D 69 -77.59 -11.37 -6.47
C LEU D 69 -76.52 -10.37 -6.11
N PHE D 70 -76.48 -10.01 -4.86
CA PHE D 70 -75.42 -9.25 -4.31
C PHE D 70 -74.03 -9.83 -4.65
N LEU D 71 -73.85 -11.10 -4.47
CA LEU D 71 -72.66 -11.75 -4.85
C LEU D 71 -72.30 -11.63 -6.25
N ALA D 72 -73.24 -12.01 -7.12
CA ALA D 72 -72.95 -11.99 -8.57
C ALA D 72 -72.54 -10.59 -9.06
N THR D 73 -73.24 -9.57 -8.58
CA THR D 73 -72.98 -8.25 -9.02
C THR D 73 -71.73 -7.70 -8.43
N LEU D 74 -71.46 -8.05 -7.18
CA LEU D 74 -70.22 -7.63 -6.49
C LEU D 74 -69.02 -8.08 -7.27
N TRP D 75 -69.02 -9.37 -7.61
CA TRP D 75 -67.93 -9.94 -8.34
C TRP D 75 -67.76 -9.41 -9.80
N VAL D 76 -68.87 -9.26 -10.56
CA VAL D 76 -68.75 -8.69 -11.90
C VAL D 76 -68.28 -7.25 -11.83
N ALA D 77 -68.82 -6.45 -10.93
CA ALA D 77 -68.39 -5.11 -10.76
C ALA D 77 -66.94 -4.98 -10.29
N GLY D 78 -66.54 -5.87 -9.39
CA GLY D 78 -65.20 -5.83 -8.82
C GLY D 78 -64.14 -6.22 -9.83
N ILE D 79 -64.47 -7.08 -10.76
CA ILE D 79 -63.55 -7.56 -11.75
C ILE D 79 -63.48 -6.64 -13.06
N PHE D 80 -64.61 -6.13 -13.56
CA PHE D 80 -64.71 -5.34 -14.76
C PHE D 80 -64.72 -3.86 -14.49
N PHE D 81 -65.03 -3.40 -13.29
CA PHE D 81 -65.05 -1.95 -13.07
C PHE D 81 -63.87 -1.54 -12.14
N HIS D 82 -63.89 -1.88 -10.87
CA HIS D 82 -62.85 -1.52 -9.91
C HIS D 82 -63.13 -2.30 -8.64
N GLU D 83 -62.09 -2.98 -8.16
CA GLU D 83 -62.16 -3.82 -7.06
C GLU D 83 -62.65 -3.07 -5.77
N GLY D 84 -61.96 -2.00 -5.46
CA GLY D 84 -62.21 -1.21 -4.26
C GLY D 84 -63.60 -0.59 -4.21
N ALA D 85 -64.03 -0.07 -5.35
CA ALA D 85 -65.31 0.61 -5.43
C ALA D 85 -66.43 -0.44 -5.23
N ALA D 86 -66.31 -1.60 -5.90
CA ALA D 86 -67.30 -2.63 -5.78
C ALA D 86 -67.34 -3.13 -4.32
N ALA D 87 -66.19 -3.39 -3.74
CA ALA D 87 -66.15 -3.81 -2.34
C ALA D 87 -66.83 -2.82 -1.43
N LEU D 88 -66.60 -1.54 -1.67
CA LEU D 88 -67.21 -0.52 -0.83
C LEU D 88 -68.74 -0.48 -0.98
N CYS D 89 -69.27 -0.56 -2.22
CA CYS D 89 -70.72 -0.59 -2.40
C CYS D 89 -71.30 -1.84 -1.74
N GLY D 90 -70.51 -2.94 -1.78
CA GLY D 90 -70.82 -4.16 -1.11
C GLY D 90 -71.03 -4.00 0.37
N LEU D 91 -70.08 -3.30 0.99
CA LEU D 91 -70.15 -2.98 2.39
C LEU D 91 -71.36 -2.10 2.74
N VAL D 92 -71.67 -1.12 1.88
CA VAL D 92 -72.84 -0.26 2.10
C VAL D 92 -74.11 -1.17 1.96
N TYR D 93 -74.13 -2.06 0.96
CA TYR D 93 -75.25 -3.00 0.82
C TYR D 93 -75.47 -3.82 2.11
N LEU D 94 -74.38 -4.42 2.63
CA LEU D 94 -74.49 -5.31 3.81
C LEU D 94 -74.93 -4.58 5.05
N PHE D 95 -74.39 -3.38 5.24
CA PHE D 95 -74.78 -2.56 6.39
C PHE D 95 -76.30 -2.10 6.27
N ALA D 96 -76.75 -1.84 5.07
CA ALA D 96 -78.13 -1.50 4.86
C ALA D 96 -79.04 -2.70 5.12
N ARG D 97 -78.60 -3.91 4.77
CA ARG D 97 -79.38 -5.10 5.09
C ARG D 97 -79.46 -5.39 6.54
N LEU D 98 -78.37 -5.12 7.27
CA LEU D 98 -78.44 -5.28 8.70
C LEU D 98 -79.51 -4.35 9.27
N ARG D 99 -79.48 -3.08 8.88
CA ARG D 99 -80.54 -2.10 9.34
C ARG D 99 -81.96 -2.55 8.89
N TYR D 100 -82.07 -3.11 7.68
CA TYR D 100 -83.33 -3.59 7.15
C TYR D 100 -83.89 -4.69 8.01
N PHE D 101 -83.03 -5.61 8.39
CA PHE D 101 -83.39 -6.70 9.25
C PHE D 101 -83.88 -6.21 10.63
N GLN D 102 -83.10 -5.37 11.26
CA GLN D 102 -83.47 -4.78 12.55
C GLN D 102 -84.75 -3.97 12.49
N GLY D 103 -84.92 -3.20 11.42
CA GLY D 103 -86.16 -2.43 11.20
C GLY D 103 -87.38 -3.34 11.07
N TYR D 104 -87.27 -4.34 10.20
CA TYR D 104 -88.36 -5.24 9.91
C TYR D 104 -88.80 -5.96 11.19
N ALA D 105 -87.85 -6.35 12.02
CA ALA D 105 -88.14 -7.05 13.30
C ALA D 105 -89.13 -6.20 14.12
N ARG D 106 -88.86 -4.89 14.15
CA ARG D 106 -89.68 -3.93 14.92
C ARG D 106 -91.03 -3.71 14.22
N SER D 107 -91.04 -3.44 12.91
CA SER D 107 -92.30 -3.39 12.13
C SER D 107 -92.02 -3.42 10.60
N ALA D 108 -93.06 -3.81 9.85
CA ALA D 108 -93.13 -3.67 8.38
C ALA D 108 -92.70 -2.33 7.87
N GLN D 109 -93.14 -1.30 8.57
CA GLN D 109 -92.93 0.09 8.14
C GLN D 109 -91.43 0.50 8.34
N LEU D 110 -90.85 0.12 9.48
CA LEU D 110 -89.48 0.52 9.80
C LEU D 110 -88.46 -0.16 8.90
N ARG D 111 -88.89 -1.17 8.14
CA ARG D 111 -88.01 -1.85 7.23
C ARG D 111 -87.76 -0.99 5.99
N LEU D 112 -88.64 -0.05 5.72
CA LEU D 112 -88.66 0.56 4.39
C LEU D 112 -87.46 1.44 4.04
N ALA D 113 -87.07 2.36 4.90
CA ALA D 113 -85.96 3.27 4.61
C ALA D 113 -84.64 2.43 4.34
N PRO D 114 -84.28 1.47 5.24
CA PRO D 114 -83.12 0.65 4.94
C PRO D 114 -83.30 -0.31 3.74
N LEU D 115 -84.51 -0.75 3.50
CA LEU D 115 -84.80 -1.51 2.30
C LEU D 115 -84.44 -0.70 1.04
N TYR D 116 -84.90 0.54 1.00
CA TYR D 116 -84.62 1.43 -0.11
C TYR D 116 -83.12 1.68 -0.25
N ALA D 117 -82.43 1.87 0.86
CA ALA D 117 -80.95 2.08 0.85
C ALA D 117 -80.24 0.74 0.32
N SER D 118 -80.77 -0.44 0.66
CA SER D 118 -80.25 -1.74 0.16
C SER D 118 -80.38 -1.75 -1.36
N ALA D 119 -81.56 -1.32 -1.82
CA ALA D 119 -81.86 -1.32 -3.24
C ALA D 119 -80.94 -0.33 -4.01
N ARG D 120 -80.65 0.83 -3.44
CA ARG D 120 -79.79 1.81 -4.10
C ARG D 120 -78.39 1.26 -4.20
N ALA D 121 -77.93 0.63 -3.13
CA ALA D 121 -76.59 0.11 -3.12
C ALA D 121 -76.46 -1.03 -4.14
N LEU D 122 -77.47 -1.87 -4.25
CA LEU D 122 -77.43 -2.95 -5.24
C LEU D 122 -77.52 -2.41 -6.68
N TRP D 123 -78.28 -1.33 -6.88
CA TRP D 123 -78.36 -0.70 -8.21
C TRP D 123 -77.01 -0.11 -8.63
N LEU D 124 -76.31 0.42 -7.66
CA LEU D 124 -75.00 0.95 -7.89
C LEU D 124 -74.06 -0.15 -8.32
N LEU D 125 -74.11 -1.29 -7.63
CA LEU D 125 -73.35 -2.40 -8.08
C LEU D 125 -73.73 -2.82 -9.50
N VAL D 126 -75.03 -2.86 -9.82
CA VAL D 126 -75.45 -3.26 -11.15
C VAL D 126 -74.88 -2.27 -12.17
N ALA D 127 -74.93 -0.97 -11.86
CA ALA D 127 -74.46 0.07 -12.79
C ALA D 127 -72.93 -0.07 -13.01
N LEU D 128 -72.17 -0.35 -11.92
CA LEU D 128 -70.73 -0.52 -12.07
C LEU D 128 -70.43 -1.75 -12.91
N ALA D 129 -71.18 -2.82 -12.71
CA ALA D 129 -70.99 -4.02 -13.52
C ALA D 129 -71.27 -3.74 -14.97
N ALA D 130 -72.36 -2.99 -15.24
CA ALA D 130 -72.80 -2.74 -16.59
C ALA D 130 -71.77 -1.83 -17.33
N LEU D 131 -71.25 -0.84 -16.65
CA LEU D 131 -70.26 0.05 -17.20
C LEU D 131 -68.99 -0.69 -17.52
N GLY D 132 -68.57 -1.55 -16.60
CA GLY D 132 -67.36 -2.36 -16.76
C GLY D 132 -67.47 -3.28 -17.94
N LEU D 133 -68.63 -3.90 -18.11
CA LEU D 133 -68.87 -4.69 -19.32
C LEU D 133 -68.98 -3.91 -20.62
N LEU D 134 -69.57 -2.76 -20.56
CA LEU D 134 -69.58 -1.83 -21.69
C LEU D 134 -68.16 -1.39 -22.09
N ALA D 135 -67.32 -1.02 -21.11
CA ALA D 135 -65.90 -0.74 -21.39
C ALA D 135 -65.19 -1.95 -22.00
N HIS D 136 -65.51 -3.17 -21.60
CA HIS D 136 -64.88 -4.27 -22.19
C HIS D 136 -65.34 -4.51 -23.64
N PHE D 137 -66.62 -4.42 -23.95
CA PHE D 137 -67.11 -4.87 -25.25
C PHE D 137 -67.27 -3.75 -26.32
N LEU D 138 -67.54 -2.52 -25.87
CA LEU D 138 -67.95 -1.44 -26.79
C LEU D 138 -66.86 -1.03 -27.77
N PRO D 139 -65.61 -0.94 -27.31
CA PRO D 139 -64.56 -0.56 -28.28
C PRO D 139 -64.36 -1.45 -29.49
N ALA D 140 -64.27 -2.75 -29.28
CA ALA D 140 -64.11 -3.74 -30.34
C ALA D 140 -65.36 -3.73 -31.20
N ALA D 141 -66.53 -3.58 -30.59
CA ALA D 141 -67.77 -3.54 -31.41
C ALA D 141 -67.84 -2.23 -32.30
N LEU D 142 -67.53 -1.05 -31.74
CA LEU D 142 -67.49 0.16 -32.52
C LEU D 142 -66.42 0.13 -33.58
N ARG D 143 -65.28 -0.41 -33.24
CA ARG D 143 -64.30 -0.60 -34.25
C ARG D 143 -64.75 -1.47 -35.41
N ALA D 144 -65.33 -2.61 -35.12
CA ALA D 144 -65.78 -3.56 -36.16
C ALA D 144 -66.82 -2.89 -37.10
N ALA D 145 -67.77 -2.19 -36.49
CA ALA D 145 -68.73 -1.42 -37.23
C ALA D 145 -68.09 -0.36 -38.09
N LEU D 146 -67.10 0.38 -37.57
CA LEU D 146 -66.35 1.36 -38.43
C LEU D 146 -65.56 0.73 -39.52
N LEU D 147 -64.86 -0.34 -39.23
CA LEU D 147 -64.15 -1.08 -40.27
C LEU D 147 -65.10 -1.54 -41.40
N GLY D 148 -66.29 -2.04 -41.04
CA GLY D 148 -67.31 -2.39 -42.05
C GLY D 148 -67.71 -1.24 -42.98
N ARG D 149 -68.03 -0.06 -42.43
CA ARG D 149 -68.38 1.11 -43.21
C ARG D 149 -67.19 1.66 -43.99
N LEU D 150 -65.96 1.50 -43.48
CA LEU D 150 -64.78 1.91 -44.25
C LEU D 150 -64.52 1.16 -45.55
N ARG D 151 -64.98 -0.04 -45.84
CA ARG D 151 -64.92 -0.18 -47.46
C ARG D 151 -66.14 0.48 -48.17
N THR D 152 -67.33 0.09 -47.68
CA THR D 152 -68.65 0.48 -48.27
C THR D 152 -68.81 1.99 -48.56
N HIS E 3 -57.88 -15.87 -25.74
CA HIS E 3 -56.64 -16.72 -25.38
C HIS E 3 -55.49 -16.12 -24.59
N HIS E 4 -55.06 -16.92 -23.62
CA HIS E 4 -53.77 -16.77 -22.95
C HIS E 4 -53.02 -18.13 -23.20
N HIS E 5 -51.81 -18.19 -22.70
CA HIS E 5 -51.00 -19.39 -22.88
C HIS E 5 -50.84 -20.14 -21.52
N HIS E 6 -51.75 -19.88 -20.60
CA HIS E 6 -51.80 -20.53 -19.35
C HIS E 6 -53.29 -20.38 -18.93
N HIS E 7 -53.75 -21.27 -18.07
CA HIS E 7 -55.12 -21.33 -17.60
C HIS E 7 -55.03 -21.62 -16.09
N HIS E 8 -55.97 -21.10 -15.33
CA HIS E 8 -56.03 -21.33 -13.92
C HIS E 8 -57.09 -22.38 -13.50
N LYS E 9 -57.69 -23.03 -14.47
CA LYS E 9 -58.63 -24.14 -14.27
C LYS E 9 -58.17 -25.17 -13.32
N ASP E 10 -56.90 -25.52 -13.50
CA ASP E 10 -56.32 -26.60 -12.75
C ASP E 10 -56.05 -26.23 -11.31
N GLU E 11 -56.28 -25.00 -10.90
CA GLU E 11 -56.23 -24.63 -9.45
C GLU E 11 -57.58 -24.64 -8.85
N VAL E 12 -58.63 -24.80 -9.67
CA VAL E 12 -60.01 -24.73 -9.09
C VAL E 12 -60.95 -25.90 -9.49
N ALA E 13 -60.37 -26.90 -10.11
CA ALA E 13 -61.12 -28.00 -10.66
C ALA E 13 -61.77 -28.83 -9.58
N LEU E 14 -61.10 -29.01 -8.45
CA LEU E 14 -61.77 -29.66 -7.34
C LEU E 14 -62.99 -28.89 -6.80
N LEU E 15 -62.85 -27.57 -6.72
CA LEU E 15 -63.88 -26.67 -6.24
C LEU E 15 -65.06 -26.73 -7.25
N ALA E 16 -64.72 -26.79 -8.52
CA ALA E 16 -65.70 -26.86 -9.55
C ALA E 16 -66.40 -28.21 -9.53
N ALA E 17 -65.66 -29.28 -9.27
CA ALA E 17 -66.30 -30.62 -9.16
C ALA E 17 -67.26 -30.73 -7.97
N VAL E 18 -66.82 -30.20 -6.84
CA VAL E 18 -67.69 -30.15 -5.66
C VAL E 18 -68.95 -29.25 -5.90
N THR E 19 -68.75 -28.12 -6.56
CA THR E 19 -69.84 -27.25 -6.92
C THR E 19 -70.90 -27.96 -7.73
N LEU E 20 -70.44 -28.65 -8.76
CA LEU E 20 -71.32 -29.41 -9.62
C LEU E 20 -72.05 -30.56 -8.91
N LEU E 21 -71.30 -31.26 -8.08
CA LEU E 21 -71.88 -32.28 -7.21
C LEU E 21 -72.95 -31.68 -6.32
N GLY E 22 -72.72 -30.48 -5.80
CA GLY E 22 -73.78 -29.74 -5.12
C GLY E 22 -75.04 -29.48 -5.97
N VAL E 23 -74.85 -29.08 -7.23
CA VAL E 23 -75.96 -28.83 -8.12
C VAL E 23 -76.74 -30.14 -8.33
N LEU E 24 -76.04 -31.23 -8.57
CA LEU E 24 -76.69 -32.56 -8.76
C LEU E 24 -77.48 -33.02 -7.53
N LEU E 25 -76.94 -32.74 -6.35
CA LEU E 25 -77.64 -33.00 -5.10
C LEU E 25 -78.90 -32.18 -4.98
N GLN E 26 -78.85 -30.90 -5.35
CA GLN E 26 -80.07 -30.11 -5.40
C GLN E 26 -81.12 -30.71 -6.40
N ALA E 27 -80.66 -31.25 -7.50
CA ALA E 27 -81.56 -31.88 -8.48
C ALA E 27 -82.23 -33.10 -7.89
N TYR E 28 -81.49 -33.85 -7.08
CA TYR E 28 -82.03 -35.01 -6.36
C TYR E 28 -83.06 -34.60 -5.35
N PHE E 29 -82.79 -33.51 -4.65
CA PHE E 29 -83.77 -32.95 -3.75
C PHE E 29 -85.06 -32.47 -4.46
N SER E 30 -84.97 -31.74 -5.57
CA SER E 30 -86.13 -31.36 -6.31
C SER E 30 -86.92 -32.52 -6.88
N LEU E 31 -86.24 -33.50 -7.40
CA LEU E 31 -86.82 -34.74 -7.80
C LEU E 31 -87.67 -35.37 -6.67
N GLN E 32 -87.14 -35.42 -5.43
CA GLN E 32 -87.90 -35.94 -4.30
C GLN E 32 -89.11 -35.10 -3.96
N VAL E 33 -89.00 -33.78 -4.17
CA VAL E 33 -90.12 -32.90 -3.96
C VAL E 33 -91.19 -33.11 -5.01
N ILE E 34 -90.77 -33.29 -6.26
CA ILE E 34 -91.73 -33.59 -7.33
C ILE E 34 -92.49 -34.89 -7.01
N SER E 35 -91.75 -35.88 -6.58
CA SER E 35 -92.28 -37.16 -6.33
C SER E 35 -93.20 -37.19 -5.07
N ALA E 36 -92.86 -36.40 -4.04
CA ALA E 36 -93.75 -36.14 -2.96
C ALA E 36 -95.04 -35.31 -3.39
N ARG E 37 -94.91 -34.30 -4.27
CA ARG E 37 -96.09 -33.59 -4.83
C ARG E 37 -97.07 -34.53 -5.54
N ARG E 38 -96.57 -35.54 -6.25
CA ARG E 38 -97.40 -36.54 -6.89
C ARG E 38 -98.08 -37.47 -5.87
N ALA E 39 -97.31 -38.02 -4.95
CA ALA E 39 -97.81 -39.01 -3.99
C ALA E 39 -98.91 -38.38 -3.13
N PHE E 40 -98.72 -37.10 -2.69
CA PHE E 40 -99.59 -36.43 -1.71
C PHE E 40 -100.41 -35.35 -2.38
N ARG E 41 -100.36 -35.31 -3.73
CA ARG E 41 -101.29 -34.49 -4.57
C ARG E 41 -101.32 -33.03 -4.24
N VAL E 42 -100.12 -32.42 -4.16
CA VAL E 42 -99.98 -31.02 -3.78
C VAL E 42 -99.50 -30.25 -5.01
N SER E 43 -100.43 -29.57 -5.62
CA SER E 43 -100.26 -28.97 -6.91
C SER E 43 -99.72 -27.60 -6.75
N PRO E 44 -98.69 -27.26 -7.52
CA PRO E 44 -98.19 -25.85 -7.45
C PRO E 44 -99.37 -24.96 -7.83
N PRO E 45 -99.56 -23.78 -7.23
CA PRO E 45 -98.56 -23.07 -6.37
C PRO E 45 -98.65 -23.34 -4.85
N LEU E 46 -99.40 -24.35 -4.45
CA LEU E 46 -99.47 -24.69 -3.02
C LEU E 46 -98.14 -25.20 -2.51
N THR E 47 -97.76 -24.71 -1.33
CA THR E 47 -96.61 -25.20 -0.62
C THR E 47 -96.98 -25.88 0.71
N THR E 48 -98.25 -26.10 1.00
CA THR E 48 -98.72 -26.73 2.28
C THR E 48 -99.46 -27.96 1.93
N GLY E 49 -99.52 -28.89 2.87
CA GLY E 49 -100.12 -30.21 2.59
C GLY E 49 -99.83 -31.11 3.77
N PRO E 50 -99.88 -32.43 3.56
CA PRO E 50 -99.64 -33.40 4.71
C PRO E 50 -98.24 -33.28 5.27
N PRO E 51 -98.06 -33.58 6.58
CA PRO E 51 -96.70 -33.35 7.15
C PRO E 51 -95.51 -33.97 6.38
N GLU E 52 -95.69 -35.18 5.84
CA GLU E 52 -94.71 -35.89 5.08
C GLU E 52 -94.30 -35.07 3.85
N PHE E 53 -95.25 -34.41 3.22
CA PHE E 53 -94.90 -33.50 2.14
C PHE E 53 -94.14 -32.29 2.70
N GLU E 54 -94.66 -31.67 3.77
CA GLU E 54 -94.08 -30.42 4.23
C GLU E 54 -92.60 -30.55 4.65
N ARG E 55 -92.25 -31.69 5.24
CA ARG E 55 -90.92 -31.92 5.71
C ARG E 55 -89.96 -32.08 4.54
N VAL E 56 -90.39 -32.79 3.51
CA VAL E 56 -89.55 -32.96 2.24
C VAL E 56 -89.36 -31.60 1.53
N TYR E 57 -90.45 -30.86 1.43
CA TYR E 57 -90.45 -29.59 0.82
C TYR E 57 -89.56 -28.63 1.63
N ARG E 58 -89.72 -28.62 2.95
CA ARG E 58 -88.90 -27.75 3.77
C ARG E 58 -87.38 -28.08 3.71
N ALA E 59 -87.08 -29.37 3.73
CA ALA E 59 -85.69 -29.83 3.62
C ALA E 59 -85.05 -29.30 2.34
N GLN E 60 -85.78 -29.40 1.24
CA GLN E 60 -85.33 -28.90 -0.04
C GLN E 60 -85.13 -27.39 -0.03
N VAL E 61 -86.07 -26.67 0.48
CA VAL E 61 -85.94 -25.22 0.55
C VAL E 61 -84.75 -24.82 1.40
N ASN E 62 -84.58 -25.46 2.54
CA ASN E 62 -83.51 -25.08 3.42
C ASN E 62 -82.18 -25.40 2.73
N CYS E 63 -82.07 -26.54 2.08
CA CYS E 63 -80.84 -26.82 1.36
C CYS E 63 -80.58 -25.79 0.26
N SER E 64 -81.62 -25.37 -0.49
CA SER E 64 -81.42 -24.36 -1.54
C SER E 64 -81.01 -23.03 -1.03
N GLU E 65 -81.50 -22.67 0.09
CA GLU E 65 -81.15 -21.39 0.57
C GLU E 65 -79.71 -21.31 1.09
N TYR E 66 -79.18 -22.43 1.62
CA TYR E 66 -77.81 -22.47 2.13
C TYR E 66 -76.84 -22.76 1.00
N PHE E 67 -77.33 -23.22 -0.15
CA PHE E 67 -76.45 -23.57 -1.24
C PHE E 67 -75.52 -22.42 -1.62
N PRO E 68 -76.04 -21.20 -1.75
CA PRO E 68 -75.12 -20.13 -2.19
C PRO E 68 -74.03 -19.82 -1.13
N LEU E 69 -74.36 -20.04 0.13
CA LEU E 69 -73.45 -19.79 1.26
C LEU E 69 -72.38 -20.80 1.28
N PHE E 70 -72.77 -22.06 1.09
CA PHE E 70 -71.82 -23.11 0.82
C PHE E 70 -70.88 -22.76 -0.33
N LEU E 71 -71.43 -22.40 -1.47
CA LEU E 71 -70.64 -22.03 -2.60
C LEU E 71 -69.62 -20.93 -2.32
N ALA E 72 -70.10 -19.83 -1.75
CA ALA E 72 -69.26 -18.69 -1.54
C ALA E 72 -68.10 -19.06 -0.62
N THR E 73 -68.35 -19.85 0.39
CA THR E 73 -67.32 -20.13 1.37
C THR E 73 -66.43 -21.19 0.85
N LEU E 74 -66.95 -22.12 0.07
CA LEU E 74 -66.11 -23.13 -0.59
C LEU E 74 -65.04 -22.49 -1.46
N TRP E 75 -65.49 -21.59 -2.31
CA TRP E 75 -64.57 -20.92 -3.22
C TRP E 75 -63.53 -20.00 -2.48
N VAL E 76 -63.95 -19.21 -1.50
CA VAL E 76 -63.05 -18.37 -0.82
C VAL E 76 -62.03 -19.20 -0.08
N ALA E 77 -62.48 -20.23 0.63
CA ALA E 77 -61.56 -21.13 1.29
C ALA E 77 -60.63 -21.83 0.34
N GLY E 78 -61.18 -22.27 -0.78
CA GLY E 78 -60.41 -23.07 -1.72
C GLY E 78 -59.35 -22.29 -2.45
N ILE E 79 -59.54 -21.01 -2.62
CA ILE E 79 -58.56 -20.15 -3.22
C ILE E 79 -57.53 -19.55 -2.24
N PHE E 80 -57.97 -19.08 -1.08
CA PHE E 80 -57.10 -18.42 -0.10
C PHE E 80 -56.54 -19.36 0.97
N PHE E 81 -57.07 -20.56 1.16
CA PHE E 81 -56.52 -21.41 2.12
C PHE E 81 -55.85 -22.62 1.44
N HIS E 82 -56.62 -23.52 0.84
CA HIS E 82 -56.09 -24.77 0.26
C HIS E 82 -57.26 -25.42 -0.48
N GLU E 83 -57.03 -25.70 -1.75
CA GLU E 83 -58.01 -26.16 -2.64
C GLU E 83 -58.59 -27.55 -2.09
N GLY E 84 -57.70 -28.46 -1.80
CA GLY E 84 -58.04 -29.80 -1.43
C GLY E 84 -58.83 -29.86 -0.12
N ALA E 85 -58.39 -29.05 0.83
CA ALA E 85 -58.98 -29.10 2.15
C ALA E 85 -60.43 -28.53 2.00
N ALA E 86 -60.56 -27.41 1.29
CA ALA E 86 -61.87 -26.85 1.07
C ALA E 86 -62.80 -27.81 0.37
N ALA E 87 -62.31 -28.43 -0.69
CA ALA E 87 -63.10 -29.41 -1.42
C ALA E 87 -63.56 -30.57 -0.56
N LEU E 88 -62.71 -30.98 0.33
CA LEU E 88 -63.04 -32.03 1.25
C LEU E 88 -64.12 -31.60 2.26
N CYS E 89 -63.99 -30.43 2.90
CA CYS E 89 -65.03 -29.96 3.80
C CYS E 89 -66.35 -29.78 3.04
N GLY E 90 -66.25 -29.32 1.79
CA GLY E 90 -67.39 -29.25 0.90
C GLY E 90 -68.14 -30.55 0.69
N LEU E 91 -67.38 -31.60 0.42
CA LEU E 91 -67.91 -32.93 0.36
C LEU E 91 -68.57 -33.38 1.66
N VAL E 92 -67.96 -33.06 2.81
CA VAL E 92 -68.56 -33.46 4.11
C VAL E 92 -69.84 -32.65 4.24
N TYR E 93 -69.81 -31.35 3.83
CA TYR E 93 -71.04 -30.55 3.93
C TYR E 93 -72.21 -31.19 3.15
N LEU E 94 -71.90 -31.58 1.92
CA LEU E 94 -72.94 -32.13 1.03
C LEU E 94 -73.49 -33.46 1.52
N PHE E 95 -72.62 -34.35 1.95
CA PHE E 95 -72.99 -35.62 2.47
C PHE E 95 -73.87 -35.41 3.74
N ALA E 96 -73.51 -34.46 4.58
CA ALA E 96 -74.33 -34.19 5.73
C ALA E 96 -75.73 -33.63 5.32
N ARG E 97 -75.80 -32.77 4.32
CA ARG E 97 -77.09 -32.33 3.81
C ARG E 97 -77.92 -33.41 3.19
N LEU E 98 -77.30 -34.37 2.48
CA LEU E 98 -78.05 -35.53 2.04
C LEU E 98 -78.65 -36.28 3.22
N ARG E 99 -77.88 -36.53 4.25
CA ARG E 99 -78.43 -37.21 5.51
C ARG E 99 -79.43 -36.36 6.22
N TYR E 100 -79.24 -35.04 6.19
CA TYR E 100 -80.26 -34.11 6.74
C TYR E 100 -81.60 -34.26 6.04
N PHE E 101 -81.55 -34.30 4.72
CA PHE E 101 -82.69 -34.39 3.91
C PHE E 101 -83.45 -35.68 4.21
N GLN E 102 -82.73 -36.77 4.18
CA GLN E 102 -83.30 -38.14 4.48
C GLN E 102 -83.86 -38.25 5.87
N GLY E 103 -83.17 -37.63 6.83
CA GLY E 103 -83.63 -37.58 8.24
C GLY E 103 -84.96 -36.81 8.30
N TYR E 104 -84.98 -35.60 7.71
CA TYR E 104 -86.11 -34.67 7.82
C TYR E 104 -87.34 -35.36 7.22
N ALA E 105 -87.14 -36.07 6.12
CA ALA E 105 -88.26 -36.77 5.40
C ALA E 105 -88.97 -37.73 6.37
N ARG E 106 -88.14 -38.47 7.14
CA ARG E 106 -88.67 -39.39 8.18
C ARG E 106 -89.31 -38.60 9.33
N SER E 107 -88.60 -37.61 9.92
CA SER E 107 -89.23 -36.74 11.00
C SER E 107 -88.36 -35.51 11.27
N ALA E 108 -89.01 -34.48 11.79
CA ALA E 108 -88.41 -33.30 12.33
C ALA E 108 -87.17 -33.53 13.25
N GLN E 109 -87.31 -34.51 14.09
CA GLN E 109 -86.33 -34.87 15.05
C GLN E 109 -85.08 -35.52 14.40
N LEU E 110 -85.30 -36.46 13.47
CA LEU E 110 -84.20 -37.17 12.80
C LEU E 110 -83.39 -36.28 11.91
N ARG E 111 -83.87 -35.08 11.61
CA ARG E 111 -83.07 -34.12 10.87
C ARG E 111 -81.92 -33.56 11.71
N LEU E 112 -82.07 -33.61 13.03
CA LEU E 112 -81.20 -32.75 13.87
C LEU E 112 -79.73 -33.05 13.89
N ALA E 113 -79.37 -34.30 14.12
CA ALA E 113 -77.99 -34.67 14.13
C ALA E 113 -77.29 -34.24 12.79
N PRO E 114 -77.86 -34.62 11.60
CA PRO E 114 -77.17 -34.25 10.33
C PRO E 114 -77.25 -32.76 10.05
N LEU E 115 -78.27 -32.11 10.61
CA LEU E 115 -78.32 -30.67 10.56
C LEU E 115 -77.12 -30.07 11.26
N TYR E 116 -76.88 -30.52 12.48
CA TYR E 116 -75.76 -30.01 13.25
C TYR E 116 -74.44 -30.31 12.56
N ALA E 117 -74.36 -31.47 11.95
CA ALA E 117 -73.10 -31.86 11.26
C ALA E 117 -72.91 -30.85 10.00
N SER E 118 -74.02 -30.48 9.34
CA SER E 118 -74.01 -29.57 8.17
C SER E 118 -73.47 -28.28 8.64
N ALA E 119 -73.91 -27.88 9.82
CA ALA E 119 -73.52 -26.58 10.40
C ALA E 119 -72.06 -26.56 10.81
N ARG E 120 -71.57 -27.66 11.34
CA ARG E 120 -70.13 -27.76 11.65
C ARG E 120 -69.26 -27.68 10.40
N ALA E 121 -69.65 -28.41 9.37
CA ALA E 121 -68.84 -28.46 8.15
C ALA E 121 -68.83 -27.06 7.48
N LEU E 122 -69.95 -26.34 7.54
CA LEU E 122 -70.00 -24.99 6.99
C LEU E 122 -69.18 -24.01 7.83
N TRP E 123 -69.18 -24.18 9.15
CA TRP E 123 -68.27 -23.37 10.01
C TRP E 123 -66.79 -23.58 9.71
N LEU E 124 -66.44 -24.82 9.46
CA LEU E 124 -65.13 -25.14 9.08
C LEU E 124 -64.73 -24.42 7.80
N LEU E 125 -65.61 -24.44 6.80
CA LEU E 125 -65.35 -23.66 5.58
C LEU E 125 -65.18 -22.21 5.91
N VAL E 126 -66.00 -21.68 6.78
CA VAL E 126 -65.92 -20.26 7.12
C VAL E 126 -64.56 -19.99 7.79
N ALA E 127 -64.14 -20.86 8.68
CA ALA E 127 -62.89 -20.68 9.40
C ALA E 127 -61.66 -20.75 8.43
N LEU E 128 -61.72 -21.66 7.46
CA LEU E 128 -60.65 -21.76 6.51
C LEU E 128 -60.59 -20.50 5.63
N ALA E 129 -61.74 -20.02 5.20
CA ALA E 129 -61.79 -18.84 4.43
C ALA E 129 -61.20 -17.68 5.23
N ALA E 130 -61.60 -17.58 6.49
CA ALA E 130 -61.15 -16.45 7.32
C ALA E 130 -59.63 -16.52 7.51
N LEU E 131 -59.10 -17.72 7.81
CA LEU E 131 -57.67 -17.86 7.98
C LEU E 131 -56.89 -17.51 6.72
N GLY E 132 -57.41 -17.96 5.57
CA GLY E 132 -56.82 -17.65 4.28
C GLY E 132 -56.77 -16.13 4.00
N LEU E 133 -57.85 -15.44 4.26
CA LEU E 133 -57.86 -14.01 4.14
C LEU E 133 -56.90 -13.34 5.15
N LEU E 134 -56.81 -13.86 6.38
CA LEU E 134 -55.89 -13.33 7.37
C LEU E 134 -54.46 -13.50 6.85
N ALA E 135 -54.12 -14.67 6.32
CA ALA E 135 -52.81 -14.88 5.78
C ALA E 135 -52.49 -13.95 4.62
N HIS E 136 -53.47 -13.55 3.87
CA HIS E 136 -53.26 -12.65 2.79
C HIS E 136 -53.06 -11.23 3.30
N PHE E 137 -53.84 -10.72 4.22
CA PHE E 137 -53.80 -9.28 4.58
C PHE E 137 -52.89 -8.97 5.81
N LEU E 138 -52.69 -9.92 6.71
CA LEU E 138 -52.07 -9.61 7.99
C LEU E 138 -50.58 -9.19 7.83
N PRO E 139 -49.82 -9.87 6.99
CA PRO E 139 -48.38 -9.55 6.95
C PRO E 139 -48.05 -8.16 6.53
N ALA E 140 -48.72 -7.69 5.49
CA ALA E 140 -48.53 -6.33 5.00
C ALA E 140 -49.02 -5.37 6.04
N ALA E 141 -50.15 -5.67 6.65
CA ALA E 141 -50.69 -4.73 7.67
C ALA E 141 -49.69 -4.64 8.92
N LEU E 142 -49.20 -5.75 9.41
CA LEU E 142 -48.23 -5.76 10.51
C LEU E 142 -46.95 -5.08 10.12
N ARG E 143 -46.51 -5.32 8.91
CA ARG E 143 -45.37 -4.60 8.45
C ARG E 143 -45.57 -3.14 8.44
N ALA E 144 -46.69 -2.66 7.90
CA ALA E 144 -46.93 -1.19 7.80
C ALA E 144 -46.95 -0.54 9.21
N ALA E 145 -47.62 -1.22 10.13
CA ALA E 145 -47.68 -0.78 11.52
C ALA E 145 -46.27 -0.75 12.17
N LEU E 146 -45.44 -1.77 11.97
CA LEU E 146 -44.02 -1.72 12.42
C LEU E 146 -43.16 -0.68 11.75
N LEU E 147 -43.26 -0.51 10.44
CA LEU E 147 -42.62 0.61 9.81
C LEU E 147 -43.03 1.97 10.37
N GLY E 148 -44.32 2.20 10.63
CA GLY E 148 -44.79 3.44 11.28
C GLY E 148 -44.13 3.69 12.63
N ARG E 149 -44.11 2.72 13.54
CA ARG E 149 -43.46 2.85 14.86
C ARG E 149 -41.94 2.98 14.77
N LEU E 150 -41.33 2.33 13.76
CA LEU E 150 -39.89 2.50 13.53
C LEU E 150 -39.49 3.93 13.15
N ARG E 151 -40.39 4.68 12.51
CA ARG E 151 -40.18 6.12 12.27
C ARG E 151 -40.60 7.06 13.46
N HIS F 3 -51.66 -5.68 -9.11
CA HIS F 3 -51.31 -5.83 -10.61
C HIS F 3 -50.47 -7.02 -11.12
N HIS F 4 -50.95 -7.56 -12.24
CA HIS F 4 -50.22 -8.48 -13.09
C HIS F 4 -50.17 -7.74 -14.46
N HIS F 5 -49.55 -8.39 -15.41
CA HIS F 5 -49.40 -7.78 -16.76
C HIS F 5 -50.24 -8.56 -17.79
N HIS F 6 -51.28 -9.22 -17.31
CA HIS F 6 -52.21 -9.92 -18.12
C HIS F 6 -53.46 -10.07 -17.17
N HIS F 7 -54.64 -10.26 -17.77
CA HIS F 7 -55.93 -10.31 -17.14
C HIS F 7 -56.69 -11.46 -17.80
N HIS F 8 -57.54 -12.13 -17.06
CA HIS F 8 -58.34 -13.21 -17.57
C HIS F 8 -59.79 -12.81 -17.88
N LYS F 9 -60.11 -11.53 -17.69
CA LYS F 9 -61.43 -10.95 -17.85
C LYS F 9 -62.05 -11.38 -19.19
N ASP F 10 -61.19 -11.38 -20.15
CA ASP F 10 -61.60 -11.62 -21.50
C ASP F 10 -61.94 -13.07 -21.76
N GLU F 11 -61.73 -13.94 -20.83
CA GLU F 11 -62.19 -15.36 -20.95
C GLU F 11 -63.49 -15.54 -20.28
N VAL F 12 -64.02 -14.52 -19.58
CA VAL F 12 -65.25 -14.69 -18.83
C VAL F 12 -66.28 -13.62 -18.99
N ALA F 13 -66.09 -12.72 -19.97
CA ALA F 13 -66.91 -11.59 -20.13
C ALA F 13 -68.24 -11.96 -20.58
N LEU F 14 -68.33 -12.96 -21.43
CA LEU F 14 -69.67 -13.43 -21.85
C LEU F 14 -70.46 -14.02 -20.70
N LEU F 15 -69.79 -14.80 -19.87
CA LEU F 15 -70.39 -15.35 -18.65
C LEU F 15 -70.85 -14.23 -17.74
N ALA F 16 -70.01 -13.21 -17.59
CA ALA F 16 -70.35 -12.09 -16.76
C ALA F 16 -71.55 -11.32 -17.31
N ALA F 17 -71.63 -11.19 -18.65
CA ALA F 17 -72.77 -10.47 -19.24
C ALA F 17 -74.06 -11.23 -19.07
N VAL F 18 -73.99 -12.54 -19.26
CA VAL F 18 -75.17 -13.36 -19.00
C VAL F 18 -75.62 -13.34 -17.53
N THR F 19 -74.63 -13.41 -16.62
CA THR F 19 -74.85 -13.30 -15.22
C THR F 19 -75.61 -12.04 -14.89
N LEU F 20 -75.13 -10.96 -15.38
CA LEU F 20 -75.80 -9.64 -15.11
C LEU F 20 -77.19 -9.55 -15.72
N LEU F 21 -77.33 -10.06 -16.93
CA LEU F 21 -78.64 -10.16 -17.54
C LEU F 21 -79.56 -10.94 -16.57
N GLY F 22 -79.03 -12.01 -15.94
CA GLY F 22 -79.84 -12.80 -15.01
C GLY F 22 -80.29 -11.99 -13.80
N VAL F 23 -79.40 -11.08 -13.36
CA VAL F 23 -79.73 -10.21 -12.26
C VAL F 23 -80.83 -9.25 -12.60
N LEU F 24 -80.72 -8.69 -13.79
CA LEU F 24 -81.75 -7.75 -14.32
C LEU F 24 -83.13 -8.43 -14.52
N LEU F 25 -83.13 -9.65 -15.01
CA LEU F 25 -84.31 -10.39 -15.10
C LEU F 25 -84.96 -10.60 -13.70
N GLN F 26 -84.16 -10.94 -12.66
CA GLN F 26 -84.70 -11.10 -11.32
C GLN F 26 -85.27 -9.80 -10.83
N ALA F 27 -84.69 -8.67 -11.23
CA ALA F 27 -85.26 -7.38 -10.93
C ALA F 27 -86.62 -7.16 -11.54
N TYR F 28 -86.76 -7.53 -12.77
CA TYR F 28 -88.07 -7.54 -13.47
C TYR F 28 -89.11 -8.42 -12.76
N PHE F 29 -88.69 -9.62 -12.34
CA PHE F 29 -89.60 -10.51 -11.54
C PHE F 29 -90.02 -9.90 -10.23
N SER F 30 -89.09 -9.27 -9.51
CA SER F 30 -89.50 -8.57 -8.24
C SER F 30 -90.41 -7.47 -8.44
N LEU F 31 -90.14 -6.68 -9.50
CA LEU F 31 -90.99 -5.60 -9.89
C LEU F 31 -92.43 -6.11 -10.10
N GLN F 32 -92.59 -7.24 -10.78
CA GLN F 32 -93.95 -7.80 -11.02
C GLN F 32 -94.63 -8.28 -9.74
N VAL F 33 -93.84 -8.79 -8.80
CA VAL F 33 -94.36 -9.17 -7.52
C VAL F 33 -94.81 -7.95 -6.76
N ILE F 34 -93.99 -6.91 -6.74
CA ILE F 34 -94.43 -5.65 -6.06
C ILE F 34 -95.75 -5.16 -6.63
N SER F 35 -95.83 -5.20 -7.95
CA SER F 35 -96.99 -4.71 -8.64
C SER F 35 -98.23 -5.59 -8.40
N ALA F 36 -98.03 -6.90 -8.33
CA ALA F 36 -99.08 -7.83 -7.87
C ALA F 36 -99.49 -7.62 -6.40
N ARG F 37 -98.53 -7.34 -5.52
CA ARG F 37 -98.87 -7.00 -4.12
C ARG F 37 -99.77 -5.76 -4.00
N ARG F 38 -99.55 -4.76 -4.85
CA ARG F 38 -100.45 -3.59 -4.89
C ARG F 38 -101.83 -3.89 -5.46
N ALA F 39 -101.88 -4.54 -6.62
CA ALA F 39 -103.14 -4.88 -7.31
C ALA F 39 -104.07 -5.78 -6.47
N PHE F 40 -103.53 -6.78 -5.76
CA PHE F 40 -104.29 -7.71 -4.97
C PHE F 40 -104.22 -7.42 -3.45
N ARG F 41 -103.59 -6.31 -3.08
CA ARG F 41 -103.53 -5.83 -1.68
C ARG F 41 -102.96 -6.85 -0.68
N VAL F 42 -101.78 -7.41 -0.97
CA VAL F 42 -101.12 -8.38 -0.09
C VAL F 42 -99.84 -7.73 0.50
N SER F 43 -99.94 -7.34 1.76
CA SER F 43 -98.94 -6.56 2.48
C SER F 43 -97.95 -7.51 3.07
N PRO F 44 -96.67 -7.24 2.87
CA PRO F 44 -95.65 -8.02 3.64
C PRO F 44 -95.92 -7.91 5.12
N PRO F 45 -95.74 -8.96 5.95
CA PRO F 45 -95.05 -10.22 5.63
C PRO F 45 -95.90 -11.36 5.05
N LEU F 46 -97.16 -11.08 4.69
CA LEU F 46 -98.00 -12.11 4.05
C LEU F 46 -97.45 -12.57 2.68
N THR F 47 -97.43 -13.89 2.48
CA THR F 47 -97.10 -14.50 1.22
C THR F 47 -98.25 -15.23 0.54
N THR F 48 -99.45 -15.16 1.09
CA THR F 48 -100.66 -15.89 0.57
C THR F 48 -101.68 -14.84 0.20
N GLY F 49 -102.57 -15.18 -0.69
CA GLY F 49 -103.54 -14.26 -1.18
C GLY F 49 -104.24 -14.89 -2.34
N PRO F 50 -104.88 -14.10 -3.19
CA PRO F 50 -105.68 -14.68 -4.33
C PRO F 50 -104.75 -15.48 -5.28
N PRO F 51 -105.31 -16.45 -6.04
CA PRO F 51 -104.44 -17.34 -6.85
C PRO F 51 -103.54 -16.62 -7.84
N GLU F 52 -104.05 -15.54 -8.43
CA GLU F 52 -103.25 -14.74 -9.34
C GLU F 52 -101.95 -14.15 -8.65
N PHE F 53 -102.08 -13.72 -7.40
CA PHE F 53 -100.95 -13.25 -6.66
C PHE F 53 -100.01 -14.42 -6.39
N GLU F 54 -100.56 -15.55 -5.90
CA GLU F 54 -99.74 -16.66 -5.50
C GLU F 54 -98.90 -17.24 -6.60
N ARG F 55 -99.44 -17.29 -7.80
CA ARG F 55 -98.71 -17.81 -8.91
C ARG F 55 -97.54 -16.87 -9.31
N VAL F 56 -97.77 -15.56 -9.30
CA VAL F 56 -96.69 -14.54 -9.63
C VAL F 56 -95.58 -14.62 -8.54
N TYR F 57 -96.01 -14.73 -7.29
CA TYR F 57 -95.09 -14.81 -6.16
C TYR F 57 -94.27 -16.11 -6.20
N ARG F 58 -94.91 -17.20 -6.52
CA ARG F 58 -94.26 -18.50 -6.61
C ARG F 58 -93.29 -18.54 -7.79
N ALA F 59 -93.70 -17.98 -8.92
CA ALA F 59 -92.87 -17.93 -10.13
C ALA F 59 -91.56 -17.22 -9.76
N GLN F 60 -91.67 -16.12 -9.03
CA GLN F 60 -90.51 -15.32 -8.63
C GLN F 60 -89.62 -16.11 -7.65
N VAL F 61 -90.24 -16.72 -6.64
CA VAL F 61 -89.49 -17.46 -5.64
C VAL F 61 -88.77 -18.63 -6.33
N ASN F 62 -89.42 -19.30 -7.28
CA ASN F 62 -88.80 -20.43 -7.95
C ASN F 62 -87.65 -19.94 -8.79
N CYS F 63 -87.83 -18.82 -9.50
CA CYS F 63 -86.69 -18.29 -10.27
C CYS F 63 -85.52 -17.88 -9.37
N SER F 64 -85.78 -17.24 -8.21
CA SER F 64 -84.71 -16.90 -7.27
C SER F 64 -83.99 -18.05 -6.69
N GLU F 65 -84.70 -19.11 -6.46
CA GLU F 65 -84.04 -20.26 -5.89
C GLU F 65 -83.19 -21.05 -6.89
N TYR F 66 -83.54 -21.04 -8.21
CA TYR F 66 -82.75 -21.65 -9.22
C TYR F 66 -81.61 -20.76 -9.73
N PHE F 67 -81.66 -19.48 -9.37
CA PHE F 67 -80.64 -18.52 -9.92
C PHE F 67 -79.24 -18.89 -9.55
N PRO F 68 -78.97 -19.23 -8.28
CA PRO F 68 -77.60 -19.67 -7.93
C PRO F 68 -77.14 -20.98 -8.61
N LEU F 69 -78.10 -21.85 -8.96
CA LEU F 69 -77.76 -23.06 -9.63
C LEU F 69 -77.43 -22.81 -11.07
N PHE F 70 -78.25 -22.00 -11.70
CA PHE F 70 -77.94 -21.45 -13.01
C PHE F 70 -76.53 -20.81 -13.05
N LEU F 71 -76.26 -19.95 -12.11
CA LEU F 71 -74.97 -19.30 -11.99
C LEU F 71 -73.82 -20.28 -11.88
N ALA F 72 -73.92 -21.17 -10.91
CA ALA F 72 -72.82 -22.09 -10.69
C ALA F 72 -72.52 -22.92 -11.95
N THR F 73 -73.57 -23.43 -12.61
CA THR F 73 -73.38 -24.32 -13.75
C THR F 73 -72.90 -23.54 -14.93
N LEU F 74 -73.39 -22.33 -15.08
CA LEU F 74 -72.98 -21.44 -16.19
C LEU F 74 -71.45 -21.22 -16.15
N TRP F 75 -70.94 -20.89 -14.95
CA TRP F 75 -69.57 -20.62 -14.75
C TRP F 75 -68.66 -21.85 -14.87
N VAL F 76 -69.06 -22.97 -14.28
CA VAL F 76 -68.31 -24.18 -14.48
C VAL F 76 -68.30 -24.67 -15.90
N ALA F 77 -69.46 -24.66 -16.57
CA ALA F 77 -69.50 -24.99 -18.03
C ALA F 77 -68.66 -24.00 -18.90
N GLY F 78 -68.73 -22.71 -18.57
CA GLY F 78 -68.11 -21.70 -19.34
C GLY F 78 -66.59 -21.74 -19.27
N ILE F 79 -66.08 -22.16 -18.16
CA ILE F 79 -64.66 -22.26 -17.95
C ILE F 79 -64.07 -23.59 -18.36
N PHE F 80 -64.78 -24.73 -18.10
CA PHE F 80 -64.21 -26.09 -18.38
C PHE F 80 -64.66 -26.60 -19.73
N PHE F 81 -65.72 -26.08 -20.32
CA PHE F 81 -66.17 -26.60 -21.59
C PHE F 81 -65.97 -25.62 -22.72
N HIS F 82 -66.67 -24.50 -22.75
CA HIS F 82 -66.56 -23.50 -23.82
C HIS F 82 -67.41 -22.28 -23.38
N GLU F 83 -66.80 -21.11 -23.43
CA GLU F 83 -67.37 -19.92 -22.92
C GLU F 83 -68.66 -19.58 -23.68
N GLY F 84 -68.55 -19.56 -24.99
CA GLY F 84 -69.67 -19.18 -25.92
C GLY F 84 -70.88 -20.09 -25.89
N ALA F 85 -70.62 -21.39 -25.79
CA ALA F 85 -71.66 -22.36 -25.74
C ALA F 85 -72.39 -22.24 -24.37
N ALA F 86 -71.64 -22.09 -23.28
CA ALA F 86 -72.28 -21.90 -21.99
C ALA F 86 -73.10 -20.67 -21.92
N ALA F 87 -72.54 -19.60 -22.40
CA ALA F 87 -73.30 -18.34 -22.42
C ALA F 87 -74.57 -18.45 -23.19
N LEU F 88 -74.50 -19.16 -24.30
CA LEU F 88 -75.67 -19.31 -25.12
C LEU F 88 -76.76 -20.14 -24.40
N CYS F 89 -76.41 -21.30 -23.82
CA CYS F 89 -77.39 -22.03 -23.07
C CYS F 89 -77.94 -21.22 -21.92
N GLY F 90 -77.04 -20.43 -21.28
CA GLY F 90 -77.49 -19.50 -20.30
C GLY F 90 -78.61 -18.57 -20.77
N LEU F 91 -78.39 -17.98 -21.92
CA LEU F 91 -79.40 -17.11 -22.54
C LEU F 91 -80.68 -17.84 -22.82
N VAL F 92 -80.59 -19.07 -23.28
CA VAL F 92 -81.77 -19.88 -23.52
C VAL F 92 -82.46 -20.15 -22.17
N TYR F 93 -81.69 -20.45 -21.13
CA TYR F 93 -82.27 -20.64 -19.86
C TYR F 93 -83.05 -19.38 -19.42
N LEU F 94 -82.45 -18.20 -19.57
CA LEU F 94 -83.07 -16.98 -19.03
C LEU F 94 -84.32 -16.57 -19.80
N PHE F 95 -84.30 -16.76 -21.10
CA PHE F 95 -85.47 -16.49 -21.94
C PHE F 95 -86.58 -17.47 -21.56
N ALA F 96 -86.23 -18.73 -21.29
CA ALA F 96 -87.24 -19.72 -20.91
C ALA F 96 -87.87 -19.37 -19.58
N ARG F 97 -87.08 -18.88 -18.65
CA ARG F 97 -87.62 -18.46 -17.37
C ARG F 97 -88.51 -17.27 -17.48
N LEU F 98 -88.19 -16.34 -18.40
CA LEU F 98 -89.09 -15.23 -18.65
C LEU F 98 -90.46 -15.77 -19.13
N ARG F 99 -90.44 -16.70 -20.06
CA ARG F 99 -91.68 -17.30 -20.55
C ARG F 99 -92.40 -18.11 -19.46
N TYR F 100 -91.63 -18.79 -18.58
CA TYR F 100 -92.16 -19.54 -17.50
C TYR F 100 -92.89 -18.61 -16.57
N PHE F 101 -92.26 -17.49 -16.25
CA PHE F 101 -92.86 -16.48 -15.37
C PHE F 101 -94.21 -15.98 -15.93
N GLN F 102 -94.18 -15.60 -17.19
CA GLN F 102 -95.40 -15.08 -17.87
C GLN F 102 -96.51 -16.13 -17.99
N GLY F 103 -96.13 -17.39 -18.24
CA GLY F 103 -97.06 -18.51 -18.35
C GLY F 103 -97.73 -18.76 -16.98
N TYR F 104 -96.92 -18.80 -15.94
CA TYR F 104 -97.39 -19.11 -14.61
C TYR F 104 -98.37 -18.05 -14.16
N ALA F 105 -98.08 -16.79 -14.48
CA ALA F 105 -98.94 -15.66 -14.08
C ALA F 105 -100.37 -15.92 -14.62
N ARG F 106 -100.44 -16.43 -15.83
CA ARG F 106 -101.72 -16.74 -16.48
C ARG F 106 -102.32 -17.99 -15.89
N SER F 107 -101.58 -19.09 -15.77
CA SER F 107 -102.07 -20.33 -15.03
C SER F 107 -100.96 -21.33 -14.77
N ALA F 108 -101.18 -22.16 -13.76
CA ALA F 108 -100.34 -23.28 -13.43
C ALA F 108 -99.94 -24.13 -14.60
N GLN F 109 -100.87 -24.32 -15.48
CA GLN F 109 -100.76 -25.21 -16.63
C GLN F 109 -99.88 -24.58 -17.72
N LEU F 110 -100.07 -23.28 -17.95
CA LEU F 110 -99.29 -22.56 -18.99
C LEU F 110 -97.82 -22.35 -18.60
N ARG F 111 -97.48 -22.55 -17.32
CA ARG F 111 -96.15 -22.53 -16.92
C ARG F 111 -95.36 -23.75 -17.44
N LEU F 112 -96.04 -24.83 -17.77
CA LEU F 112 -95.35 -26.14 -17.95
C LEU F 112 -94.38 -26.20 -19.12
N ALA F 113 -94.80 -25.78 -20.32
CA ALA F 113 -93.98 -25.92 -21.51
C ALA F 113 -92.64 -25.10 -21.29
N PRO F 114 -92.73 -23.83 -20.89
CA PRO F 114 -91.50 -23.08 -20.61
C PRO F 114 -90.71 -23.56 -19.36
N LEU F 115 -91.41 -24.11 -18.37
CA LEU F 115 -90.73 -24.78 -17.29
C LEU F 115 -89.84 -25.91 -17.78
N TYR F 116 -90.42 -26.77 -18.64
CA TYR F 116 -89.66 -27.90 -19.23
C TYR F 116 -88.47 -27.40 -20.05
N ALA F 117 -88.67 -26.31 -20.79
CA ALA F 117 -87.62 -25.75 -21.64
C ALA F 117 -86.47 -25.17 -20.69
N SER F 118 -86.86 -24.59 -19.57
CA SER F 118 -85.94 -24.06 -18.61
C SER F 118 -85.12 -25.20 -17.97
N ALA F 119 -85.79 -26.33 -17.75
CA ALA F 119 -85.13 -27.51 -17.22
C ALA F 119 -84.13 -28.13 -18.22
N ARG F 120 -84.53 -28.18 -19.51
CA ARG F 120 -83.65 -28.71 -20.57
C ARG F 120 -82.43 -27.88 -20.72
N ALA F 121 -82.63 -26.56 -20.73
CA ALA F 121 -81.47 -25.70 -20.83
C ALA F 121 -80.52 -25.91 -19.61
N LEU F 122 -81.04 -25.98 -18.40
CA LEU F 122 -80.18 -26.15 -17.22
C LEU F 122 -79.50 -27.51 -17.25
N TRP F 123 -80.17 -28.56 -17.76
CA TRP F 123 -79.53 -29.87 -17.91
C TRP F 123 -78.40 -29.84 -18.90
N LEU F 124 -78.55 -29.03 -19.93
CA LEU F 124 -77.51 -28.84 -20.91
C LEU F 124 -76.30 -28.20 -20.28
N LEU F 125 -76.52 -27.16 -19.48
CA LEU F 125 -75.43 -26.57 -18.76
C LEU F 125 -74.77 -27.59 -17.85
N VAL F 126 -75.56 -28.40 -17.15
CA VAL F 126 -74.98 -29.42 -16.28
C VAL F 126 -74.13 -30.37 -17.11
N ALA F 127 -74.64 -30.78 -18.28
CA ALA F 127 -73.93 -31.77 -19.11
C ALA F 127 -72.62 -31.17 -19.59
N LEU F 128 -72.63 -29.88 -19.95
CA LEU F 128 -71.42 -29.24 -20.46
C LEU F 128 -70.41 -29.12 -19.34
N ALA F 129 -70.87 -28.75 -18.16
CA ALA F 129 -69.99 -28.70 -17.00
C ALA F 129 -69.40 -30.06 -16.71
N ALA F 130 -70.23 -31.11 -16.77
CA ALA F 130 -69.76 -32.47 -16.44
C ALA F 130 -68.73 -32.92 -17.46
N LEU F 131 -68.99 -32.70 -18.73
CA LEU F 131 -68.08 -33.07 -19.77
C LEU F 131 -66.75 -32.37 -19.66
N GLY F 132 -66.80 -31.09 -19.32
CA GLY F 132 -65.58 -30.27 -19.17
C GLY F 132 -64.76 -30.77 -18.02
N LEU F 133 -65.40 -31.04 -16.91
CA LEU F 133 -64.70 -31.67 -15.78
C LEU F 133 -64.14 -33.06 -16.10
N LEU F 134 -64.88 -33.84 -16.84
CA LEU F 134 -64.40 -35.18 -17.25
C LEU F 134 -63.18 -35.03 -18.11
N ALA F 135 -63.22 -34.13 -19.10
CA ALA F 135 -62.03 -33.81 -19.90
C ALA F 135 -60.82 -33.35 -19.10
N HIS F 136 -61.04 -32.59 -18.05
CA HIS F 136 -59.96 -32.21 -17.21
C HIS F 136 -59.40 -33.39 -16.42
N PHE F 137 -60.22 -34.26 -15.81
CA PHE F 137 -59.70 -35.23 -14.80
C PHE F 137 -59.43 -36.61 -15.39
N LEU F 138 -60.18 -37.01 -16.40
CA LEU F 138 -60.16 -38.39 -16.86
C LEU F 138 -58.82 -38.82 -17.41
N PRO F 139 -58.14 -37.96 -18.18
CA PRO F 139 -56.86 -38.44 -18.74
C PRO F 139 -55.78 -38.78 -17.78
N ALA F 140 -55.59 -37.93 -16.77
CA ALA F 140 -54.63 -38.15 -15.68
C ALA F 140 -55.01 -39.36 -14.83
N ALA F 141 -56.29 -39.53 -14.59
CA ALA F 141 -56.76 -40.69 -13.85
C ALA F 141 -56.59 -42.02 -14.66
N LEU F 142 -56.96 -42.05 -15.96
CA LEU F 142 -56.73 -43.23 -16.79
C LEU F 142 -55.22 -43.50 -16.87
N ARG F 143 -54.46 -42.46 -17.08
CA ARG F 143 -53.02 -42.67 -17.13
C ARG F 143 -52.46 -43.27 -15.85
N ALA F 144 -52.87 -42.73 -14.71
CA ALA F 144 -52.36 -43.24 -13.36
C ALA F 144 -52.72 -44.76 -13.15
N ALA F 145 -53.94 -45.10 -13.48
CA ALA F 145 -54.40 -46.49 -13.51
C ALA F 145 -53.62 -47.39 -14.49
N LEU F 146 -53.32 -46.92 -15.72
CA LEU F 146 -52.45 -47.66 -16.60
C LEU F 146 -51.01 -47.76 -16.10
N LEU F 147 -50.44 -46.69 -15.60
CA LEU F 147 -49.10 -46.75 -15.03
C LEU F 147 -49.02 -47.76 -13.87
N GLY F 148 -50.04 -47.82 -13.02
CA GLY F 148 -50.10 -48.82 -11.96
C GLY F 148 -50.06 -50.26 -12.47
N ARG F 149 -50.90 -50.62 -13.46
CA ARG F 149 -50.91 -51.95 -14.09
C ARG F 149 -49.65 -52.25 -14.87
N LEU F 150 -49.01 -51.22 -15.43
CA LEU F 150 -47.73 -51.43 -16.11
C LEU F 150 -46.59 -51.87 -15.20
N ARG F 151 -46.60 -51.62 -13.90
CA ARG F 151 -45.52 -52.31 -13.05
C ARG F 151 -45.15 -53.81 -13.32
N THR F 152 -46.15 -54.66 -13.56
CA THR F 152 -45.94 -56.06 -14.04
C THR F 152 -44.91 -56.25 -15.24
N HIS G 3 54.65 64.60 -5.91
CA HIS G 3 54.20 64.59 -4.46
C HIS G 3 52.73 64.97 -4.09
N HIS G 4 52.20 64.15 -3.18
CA HIS G 4 51.04 64.46 -2.39
C HIS G 4 51.52 64.39 -0.91
N HIS G 5 50.58 64.66 -0.02
CA HIS G 5 50.91 64.65 1.45
C HIS G 5 50.21 63.45 2.10
N HIS G 6 49.92 62.44 1.29
CA HIS G 6 49.37 61.17 1.81
C HIS G 6 49.75 60.17 0.73
N HIS G 7 49.77 58.91 1.10
CA HIS G 7 50.13 57.81 0.23
C HIS G 7 49.11 56.67 0.55
N HIS G 8 48.78 55.83 -0.41
CA HIS G 8 47.88 54.73 -0.22
C HIS G 8 48.61 53.40 -0.15
N LYS G 9 49.95 53.40 -0.15
CA LYS G 9 50.80 52.22 0.01
C LYS G 9 50.35 51.32 1.15
N ASP G 10 50.00 51.98 2.22
CA ASP G 10 49.65 51.23 3.43
C ASP G 10 48.32 50.58 3.36
N GLU G 11 47.52 50.83 2.35
CA GLU G 11 46.31 50.03 2.13
C GLU G 11 46.56 48.85 1.22
N VAL G 12 47.75 48.72 0.60
CA VAL G 12 48.01 47.61 -0.33
C VAL G 12 49.30 46.89 -0.12
N ALA G 13 49.92 47.11 1.05
CA ALA G 13 51.20 46.48 1.35
C ALA G 13 51.10 44.99 1.54
N LEU G 14 50.01 44.53 2.14
CA LEU G 14 49.82 43.08 2.26
C LEU G 14 49.65 42.41 0.92
N LEU G 15 48.88 43.05 0.06
CA LEU G 15 48.66 42.58 -1.35
C LEU G 15 49.96 42.58 -2.09
N ALA G 16 50.76 43.61 -1.88
CA ALA G 16 52.04 43.68 -2.52
C ALA G 16 53.03 42.60 -2.01
N ALA G 17 52.97 42.31 -0.73
CA ALA G 17 53.85 41.22 -0.14
C ALA G 17 53.48 39.87 -0.64
N VAL G 18 52.19 39.62 -0.68
CA VAL G 18 51.68 38.32 -1.26
C VAL G 18 51.99 38.20 -2.77
N THR G 19 51.88 39.33 -3.49
CA THR G 19 52.28 39.33 -4.91
C THR G 19 53.72 38.91 -5.07
N LEU G 20 54.57 39.55 -4.30
CA LEU G 20 56.05 39.26 -4.37
C LEU G 20 56.42 37.85 -3.96
N LEU G 21 55.73 37.38 -2.95
CA LEU G 21 55.80 35.95 -2.56
C LEU G 21 55.41 35.04 -3.72
N GLY G 22 54.37 35.41 -4.46
CA GLY G 22 54.01 34.73 -5.67
C GLY G 22 55.09 34.71 -6.77
N VAL G 23 55.78 35.82 -6.94
CA VAL G 23 56.87 35.92 -7.87
C VAL G 23 58.03 35.03 -7.46
N LEU G 24 58.35 35.03 -6.18
CA LEU G 24 59.41 34.14 -5.64
C LEU G 24 59.08 32.67 -5.82
N LEU G 25 57.83 32.32 -5.63
CA LEU G 25 57.40 30.95 -5.78
C LEU G 25 57.54 30.52 -7.23
N GLN G 26 57.19 31.42 -8.18
CA GLN G 26 57.43 31.12 -9.58
C GLN G 26 58.89 30.89 -9.84
N ALA G 27 59.76 31.64 -9.20
CA ALA G 27 61.20 31.47 -9.36
C ALA G 27 61.68 30.11 -8.89
N TYR G 28 61.14 29.64 -7.75
CA TYR G 28 61.35 28.30 -7.27
C TYR G 28 60.88 27.27 -8.32
N PHE G 29 59.69 27.47 -8.90
CA PHE G 29 59.22 26.55 -9.92
C PHE G 29 60.08 26.51 -11.18
N SER G 30 60.51 27.66 -11.69
CA SER G 30 61.47 27.68 -12.80
C SER G 30 62.79 27.00 -12.51
N LEU G 31 63.30 27.23 -11.31
CA LEU G 31 64.50 26.58 -10.85
C LEU G 31 64.34 25.04 -10.96
N GLN G 32 63.19 24.50 -10.55
CA GLN G 32 62.98 23.07 -10.59
C GLN G 32 62.90 22.57 -11.98
N VAL G 33 62.36 23.36 -12.88
CA VAL G 33 62.29 23.02 -14.29
C VAL G 33 63.69 23.01 -14.90
N ILE G 34 64.52 23.99 -14.55
CA ILE G 34 65.90 24.01 -15.03
C ILE G 34 66.64 22.76 -14.57
N SER G 35 66.41 22.42 -13.34
CA SER G 35 67.09 21.30 -12.74
C SER G 35 66.58 19.94 -13.34
N ALA G 36 65.28 19.83 -13.63
CA ALA G 36 64.72 18.71 -14.37
C ALA G 36 65.25 18.65 -15.82
N ARG G 37 65.42 19.78 -16.48
CA ARG G 37 66.02 19.79 -17.83
C ARG G 37 67.44 19.22 -17.84
N ARG G 38 68.21 19.49 -16.80
CA ARG G 38 69.57 18.93 -16.67
C ARG G 38 69.54 17.43 -16.38
N ALA G 39 68.75 17.03 -15.37
CA ALA G 39 68.68 15.64 -14.93
C ALA G 39 68.19 14.70 -16.07
N PHE G 40 67.22 15.11 -16.85
CA PHE G 40 66.64 14.29 -17.91
C PHE G 40 67.13 14.70 -19.32
N ARG G 41 68.08 15.64 -19.39
CA ARG G 41 68.70 16.09 -20.64
C ARG G 41 67.73 16.57 -21.74
N VAL G 42 66.86 17.53 -21.40
CA VAL G 42 65.88 18.11 -22.34
C VAL G 42 66.26 19.58 -22.59
N SER G 43 66.80 19.81 -23.78
CA SER G 43 67.42 21.04 -24.17
C SER G 43 66.38 21.89 -24.81
N PRO G 44 66.29 23.15 -24.39
CA PRO G 44 65.40 24.08 -25.11
C PRO G 44 65.80 24.08 -26.59
N PRO G 45 64.89 24.16 -27.57
CA PRO G 45 63.45 24.52 -27.38
C PRO G 45 62.45 23.34 -27.13
N LEU G 46 62.96 22.13 -26.89
CA LEU G 46 62.08 20.99 -26.63
C LEU G 46 61.31 21.21 -25.32
N THR G 47 60.04 20.88 -25.38
CA THR G 47 59.17 20.81 -24.21
C THR G 47 58.63 19.41 -23.91
N THR G 48 59.11 18.39 -24.58
CA THR G 48 58.65 17.00 -24.34
C THR G 48 59.86 16.17 -23.93
N GLY G 49 59.62 15.04 -23.27
CA GLY G 49 60.69 14.25 -22.72
C GLY G 49 60.10 13.18 -21.83
N PRO G 50 60.92 12.59 -20.96
CA PRO G 50 60.38 11.55 -20.05
C PRO G 50 59.18 12.09 -19.18
N PRO G 51 58.23 11.21 -18.76
CA PRO G 51 57.12 11.69 -17.92
C PRO G 51 57.47 12.53 -16.66
N GLU G 52 58.53 12.17 -15.94
CA GLU G 52 59.03 12.92 -14.75
C GLU G 52 59.37 14.40 -15.13
N PHE G 53 59.98 14.61 -16.31
CA PHE G 53 60.23 15.95 -16.79
C PHE G 53 58.91 16.64 -17.20
N GLU G 54 58.06 15.95 -17.98
CA GLU G 54 56.81 16.54 -18.44
C GLU G 54 55.85 17.00 -17.33
N ARG G 55 55.81 16.26 -16.21
CA ARG G 55 54.96 16.64 -15.11
C ARG G 55 55.50 17.92 -14.39
N VAL G 56 56.82 18.03 -14.22
CA VAL G 56 57.44 19.19 -13.60
C VAL G 56 57.28 20.43 -14.47
N TYR G 57 57.52 20.24 -15.74
CA TYR G 57 57.35 21.30 -16.73
C TYR G 57 55.86 21.77 -16.83
N ARG G 58 54.95 20.83 -16.90
CA ARG G 58 53.51 21.19 -16.94
C ARG G 58 53.05 21.91 -15.67
N ALA G 59 53.53 21.44 -14.50
CA ALA G 59 53.17 22.05 -13.23
C ALA G 59 53.57 23.53 -13.23
N GLN G 60 54.79 23.80 -13.73
CA GLN G 60 55.29 25.13 -13.83
C GLN G 60 54.46 25.95 -14.79
N VAL G 61 54.18 25.40 -15.95
CA VAL G 61 53.41 26.14 -16.97
C VAL G 61 52.03 26.46 -16.42
N ASN G 62 51.40 25.51 -15.75
CA ASN G 62 50.04 25.75 -15.26
C ASN G 62 50.11 26.82 -14.16
N CYS G 63 51.11 26.75 -13.28
CA CYS G 63 51.23 27.80 -12.28
C CYS G 63 51.50 29.21 -12.83
N SER G 64 52.32 29.32 -13.86
CA SER G 64 52.49 30.62 -14.59
C SER G 64 51.29 31.14 -15.29
N GLU G 65 50.50 30.26 -15.86
CA GLU G 65 49.38 30.73 -16.58
C GLU G 65 48.25 31.19 -15.65
N TYR G 66 48.11 30.59 -14.46
CA TYR G 66 47.15 31.07 -13.46
C TYR G 66 47.64 32.27 -12.68
N PHE G 67 48.95 32.54 -12.69
CA PHE G 67 49.50 33.63 -11.83
C PHE G 67 48.84 34.96 -12.05
N PRO G 68 48.59 35.36 -13.33
CA PRO G 68 47.92 36.66 -13.55
C PRO G 68 46.48 36.71 -13.07
N LEU G 69 45.82 35.55 -13.06
CA LEU G 69 44.46 35.45 -12.56
C LEU G 69 44.38 35.57 -11.06
N PHE G 70 45.30 34.89 -10.39
CA PHE G 70 45.52 35.07 -9.00
C PHE G 70 45.79 36.50 -8.67
N LEU G 71 46.68 37.12 -9.40
CA LEU G 71 47.02 38.53 -9.18
C LEU G 71 45.80 39.41 -9.27
N ALA G 72 45.08 39.27 -10.38
CA ALA G 72 43.99 40.21 -10.66
C ALA G 72 42.95 40.07 -9.61
N THR G 73 42.64 38.83 -9.21
CA THR G 73 41.56 38.67 -8.24
C THR G 73 42.02 39.02 -6.85
N LEU G 74 43.28 38.75 -6.53
CA LEU G 74 43.86 39.18 -5.22
C LEU G 74 43.70 40.69 -4.99
N TRP G 75 44.03 41.47 -6.05
CA TRP G 75 44.01 42.91 -5.95
C TRP G 75 42.60 43.42 -5.92
N VAL G 76 41.73 42.87 -6.72
CA VAL G 76 40.32 43.39 -6.71
C VAL G 76 39.69 43.06 -5.37
N ALA G 77 39.85 41.81 -4.89
CA ALA G 77 39.30 41.40 -3.60
C ALA G 77 39.92 42.22 -2.46
N GLY G 78 41.22 42.48 -2.57
CA GLY G 78 41.89 43.21 -1.54
C GLY G 78 41.52 44.68 -1.43
N ILE G 79 41.18 45.27 -2.51
CA ILE G 79 40.76 46.67 -2.56
C ILE G 79 39.24 46.86 -2.27
N PHE G 80 38.38 46.00 -2.81
CA PHE G 80 36.90 46.15 -2.71
C PHE G 80 36.31 45.35 -1.63
N PHE G 81 36.99 44.37 -1.08
CA PHE G 81 36.39 43.58 0.02
C PHE G 81 37.11 43.81 1.34
N HIS G 82 38.37 43.38 1.48
CA HIS G 82 39.15 43.51 2.70
C HIS G 82 40.58 43.03 2.36
N GLU G 83 41.53 43.86 2.71
CA GLU G 83 42.88 43.65 2.39
C GLU G 83 43.41 42.37 3.01
N GLY G 84 43.20 42.25 4.34
CA GLY G 84 43.70 41.12 5.11
C GLY G 84 43.14 39.78 4.65
N ALA G 85 41.84 39.76 4.42
CA ALA G 85 41.15 38.52 4.03
C ALA G 85 41.62 38.08 2.62
N ALA G 86 41.76 39.03 1.71
CA ALA G 86 42.33 38.74 0.42
C ALA G 86 43.76 38.23 0.50
N ALA G 87 44.58 38.90 1.26
CA ALA G 87 45.97 38.44 1.41
C ALA G 87 46.08 37.08 1.96
N LEU G 88 45.20 36.75 2.89
CA LEU G 88 45.18 35.43 3.48
C LEU G 88 44.74 34.31 2.51
N CYS G 89 43.65 34.53 1.76
CA CYS G 89 43.30 33.59 0.70
C CYS G 89 44.38 33.44 -0.36
N GLY G 90 45.06 34.57 -0.68
CA GLY G 90 46.24 34.54 -1.49
C GLY G 90 47.32 33.67 -1.04
N LEU G 91 47.63 33.74 0.26
CA LEU G 91 48.59 32.83 0.87
C LEU G 91 48.17 31.37 0.78
N VAL G 92 46.89 31.12 0.99
CA VAL G 92 46.39 29.76 0.95
C VAL G 92 46.51 29.27 -0.53
N TYR G 93 46.21 30.13 -1.51
CA TYR G 93 46.36 29.78 -2.90
C TYR G 93 47.76 29.40 -3.21
N LEU G 94 48.70 30.21 -2.78
CA LEU G 94 50.14 29.96 -3.07
C LEU G 94 50.67 28.70 -2.41
N PHE G 95 50.28 28.45 -1.16
CA PHE G 95 50.73 27.24 -0.46
C PHE G 95 50.12 26.00 -1.16
N ALA G 96 48.89 26.12 -1.65
CA ALA G 96 48.27 25.04 -2.34
C ALA G 96 48.94 24.76 -3.69
N ARG G 97 49.33 25.80 -4.38
CA ARG G 97 50.15 25.61 -5.58
C ARG G 97 51.51 25.00 -5.36
N LEU G 98 52.17 25.35 -4.28
CA LEU G 98 53.40 24.69 -3.93
C LEU G 98 53.15 23.16 -3.73
N ARG G 99 52.11 22.79 -2.98
CA ARG G 99 51.76 21.37 -2.83
C ARG G 99 51.31 20.73 -4.13
N TYR G 100 50.63 21.51 -4.98
CA TYR G 100 50.28 21.02 -6.31
C TYR G 100 51.48 20.66 -7.13
N PHE G 101 52.45 21.55 -7.12
CA PHE G 101 53.70 21.37 -7.89
C PHE G 101 54.43 20.12 -7.40
N GLN G 102 54.56 19.99 -6.08
CA GLN G 102 55.23 18.83 -5.48
C GLN G 102 54.51 17.50 -5.73
N GLY G 103 53.17 17.54 -5.66
CA GLY G 103 52.31 16.36 -5.95
C GLY G 103 52.45 15.95 -7.40
N TYR G 104 52.33 16.93 -8.30
CA TYR G 104 52.41 16.65 -9.76
C TYR G 104 53.75 16.02 -10.11
N ALA G 105 54.84 16.52 -9.50
CA ALA G 105 56.22 15.97 -9.76
C ALA G 105 56.25 14.45 -9.52
N ARG G 106 55.61 14.04 -8.43
CA ARG G 106 55.53 12.65 -8.02
C ARG G 106 54.56 11.86 -8.93
N SER G 107 53.33 12.38 -9.18
CA SER G 107 52.40 11.76 -10.21
C SER G 107 51.19 12.66 -10.51
N ALA G 108 50.62 12.43 -11.70
CA ALA G 108 49.40 13.06 -12.20
C ALA G 108 48.27 13.05 -11.17
N GLN G 109 48.21 11.94 -10.46
CA GLN G 109 47.15 11.66 -9.52
C GLN G 109 47.37 12.40 -8.21
N LEU G 110 48.62 12.47 -7.73
CA LEU G 110 48.90 13.22 -6.47
C LEU G 110 48.77 14.71 -6.63
N ARG G 111 48.68 15.22 -7.89
CA ARG G 111 48.44 16.64 -8.08
C ARG G 111 47.03 17.03 -7.72
N LEU G 112 46.13 16.05 -7.70
CA LEU G 112 44.75 16.41 -7.71
C LEU G 112 44.24 17.12 -6.47
N ALA G 113 44.47 16.54 -5.32
CA ALA G 113 43.96 17.16 -4.07
C ALA G 113 44.41 18.62 -3.98
N PRO G 114 45.74 18.88 -4.13
CA PRO G 114 46.17 20.28 -3.95
C PRO G 114 45.68 21.17 -5.14
N LEU G 115 45.51 20.56 -6.31
CA LEU G 115 44.90 21.26 -7.39
C LEU G 115 43.52 21.78 -6.99
N TYR G 116 42.71 20.88 -6.45
CA TYR G 116 41.34 21.22 -6.02
C TYR G 116 41.36 22.30 -4.94
N ALA G 117 42.32 22.20 -4.01
CA ALA G 117 42.46 23.18 -2.94
C ALA G 117 42.85 24.59 -3.60
N SER G 118 43.70 24.58 -4.59
CA SER G 118 44.16 25.78 -5.21
C SER G 118 42.97 26.43 -5.97
N ALA G 119 42.13 25.59 -6.56
CA ALA G 119 40.92 26.09 -7.20
C ALA G 119 39.95 26.72 -6.18
N ARG G 120 39.75 26.07 -5.03
CA ARG G 120 38.83 26.57 -4.07
C ARG G 120 39.36 27.94 -3.62
N ALA G 121 40.64 28.04 -3.34
CA ALA G 121 41.19 29.27 -2.80
C ALA G 121 41.00 30.42 -3.87
N LEU G 122 41.17 30.10 -5.14
CA LEU G 122 40.97 31.11 -6.21
C LEU G 122 39.49 31.45 -6.34
N TRP G 123 38.60 30.46 -6.15
CA TRP G 123 37.15 30.78 -6.13
C TRP G 123 36.75 31.70 -4.99
N LEU G 124 37.38 31.50 -3.84
CA LEU G 124 37.18 32.35 -2.70
C LEU G 124 37.59 33.78 -3.04
N LEU G 125 38.76 33.96 -3.68
CA LEU G 125 39.16 35.28 -4.09
C LEU G 125 38.14 35.85 -5.06
N VAL G 126 37.69 35.08 -6.05
CA VAL G 126 36.70 35.53 -6.95
C VAL G 126 35.46 35.97 -6.20
N ALA G 127 35.02 35.20 -5.22
CA ALA G 127 33.78 35.48 -4.49
C ALA G 127 33.92 36.80 -3.67
N LEU G 128 35.07 36.99 -3.05
CA LEU G 128 35.33 38.22 -2.31
C LEU G 128 35.38 39.41 -3.24
N ALA G 129 36.02 39.26 -4.38
CA ALA G 129 36.01 40.30 -5.37
C ALA G 129 34.60 40.66 -5.85
N ALA G 130 33.78 39.66 -6.10
CA ALA G 130 32.43 39.85 -6.59
C ALA G 130 31.55 40.48 -5.54
N LEU G 131 31.63 40.01 -4.30
CA LEU G 131 30.93 40.65 -3.17
C LEU G 131 31.32 42.13 -2.94
N GLY G 132 32.61 42.42 -3.02
CA GLY G 132 33.13 43.79 -2.92
C GLY G 132 32.57 44.66 -4.02
N LEU G 133 32.62 44.16 -5.27
CA LEU G 133 32.04 44.90 -6.37
C LEU G 133 30.52 45.10 -6.26
N LEU G 134 29.81 44.10 -5.77
CA LEU G 134 28.41 44.24 -5.51
C LEU G 134 28.10 45.29 -4.46
N ALA G 135 28.85 45.28 -3.30
CA ALA G 135 28.77 46.30 -2.29
C ALA G 135 29.06 47.70 -2.82
N HIS G 136 29.99 47.82 -3.75
CA HIS G 136 30.20 49.10 -4.41
C HIS G 136 29.06 49.52 -5.34
N PHE G 137 28.53 48.66 -6.22
CA PHE G 137 27.58 49.10 -7.31
C PHE G 137 26.07 48.93 -6.95
N LEU G 138 25.73 47.97 -6.09
CA LEU G 138 24.32 47.61 -5.86
C LEU G 138 23.50 48.73 -5.20
N PRO G 139 24.06 49.40 -4.20
CA PRO G 139 23.27 50.48 -3.60
C PRO G 139 22.78 51.57 -4.48
N ALA G 140 23.68 52.16 -5.24
CA ALA G 140 23.37 53.25 -6.16
C ALA G 140 22.38 52.73 -7.23
N ALA G 141 22.60 51.50 -7.68
CA ALA G 141 21.75 50.97 -8.72
C ALA G 141 20.28 50.73 -8.13
N LEU G 142 20.13 50.15 -6.95
CA LEU G 142 18.86 49.96 -6.35
C LEU G 142 18.23 51.30 -6.10
N ARG G 143 19.00 52.24 -5.60
CA ARG G 143 18.45 53.52 -5.36
C ARG G 143 17.88 54.16 -6.68
N ALA G 144 18.65 54.12 -7.75
CA ALA G 144 18.23 54.72 -9.06
C ALA G 144 16.92 54.06 -9.56
N ALA G 145 16.87 52.74 -9.46
CA ALA G 145 15.69 52.00 -9.79
C ALA G 145 14.52 52.39 -8.93
N LEU G 146 14.69 52.54 -7.63
CA LEU G 146 13.56 53.01 -6.78
C LEU G 146 13.15 54.40 -7.09
N LEU G 147 14.10 55.28 -7.29
CA LEU G 147 13.78 56.66 -7.62
C LEU G 147 12.94 56.73 -8.95
N GLY G 148 13.28 55.90 -9.94
CA GLY G 148 12.53 55.79 -11.16
C GLY G 148 11.09 55.37 -10.97
N ARG G 149 10.84 54.30 -10.19
CA ARG G 149 9.48 53.84 -9.86
C ARG G 149 8.72 54.81 -8.96
N LEU G 150 9.43 55.53 -8.10
CA LEU G 150 8.78 56.58 -7.29
C LEU G 150 8.20 57.69 -8.13
N ARG G 151 8.78 57.95 -9.32
CA ARG G 151 8.18 58.91 -10.26
C ARG G 151 7.08 58.30 -11.20
N HIS H 3 34.82 61.31 -8.90
CA HIS H 3 35.81 62.48 -8.61
C HIS H 3 36.31 62.76 -7.16
N HIS H 4 37.61 63.01 -7.13
CA HIS H 4 38.26 63.53 -5.97
C HIS H 4 38.92 64.85 -6.51
N HIS H 5 39.60 65.54 -5.61
CA HIS H 5 40.25 66.81 -5.98
C HIS H 5 41.80 66.58 -6.00
N HIS H 6 42.22 65.34 -6.24
CA HIS H 6 43.64 65.01 -6.38
C HIS H 6 43.61 63.67 -7.11
N HIS H 7 44.72 63.33 -7.72
CA HIS H 7 44.94 62.15 -8.48
C HIS H 7 46.36 61.64 -8.14
N HIS H 8 46.57 60.32 -8.20
CA HIS H 8 47.83 59.71 -7.98
C HIS H 8 48.51 59.20 -9.26
N LYS H 9 47.95 59.55 -10.43
CA LYS H 9 48.51 59.22 -11.72
C LYS H 9 49.96 59.56 -11.84
N ASP H 10 50.24 60.75 -11.31
CA ASP H 10 51.56 61.30 -11.48
C ASP H 10 52.62 60.59 -10.65
N GLU H 11 52.24 59.70 -9.76
CA GLU H 11 53.19 58.87 -9.07
C GLU H 11 53.42 57.60 -9.80
N VAL H 12 52.69 57.32 -10.90
CA VAL H 12 52.81 55.99 -11.54
C VAL H 12 52.89 56.02 -13.03
N ALA H 13 53.05 57.21 -13.55
CA ALA H 13 53.05 57.41 -14.95
C ALA H 13 54.28 56.76 -15.62
N LEU H 14 55.44 56.84 -15.00
CA LEU H 14 56.60 56.13 -15.57
C LEU H 14 56.39 54.60 -15.63
N LEU H 15 55.84 54.07 -14.56
CA LEU H 15 55.49 52.63 -14.47
C LEU H 15 54.47 52.27 -15.56
N ALA H 16 53.48 53.14 -15.74
CA ALA H 16 52.49 52.95 -16.78
C ALA H 16 53.11 52.99 -18.17
N ALA H 17 54.08 53.88 -18.36
CA ALA H 17 54.75 53.99 -19.71
C ALA H 17 55.58 52.77 -20.03
N VAL H 18 56.33 52.34 -19.03
CA VAL H 18 57.12 51.12 -19.19
C VAL H 18 56.22 49.85 -19.43
N THR H 19 55.11 49.80 -18.71
CA THR H 19 54.14 48.78 -18.90
C THR H 19 53.65 48.70 -20.38
N LEU H 20 53.25 49.84 -20.89
CA LEU H 20 52.77 49.95 -22.23
C LEU H 20 53.87 49.62 -23.28
N LEU H 21 55.09 50.09 -23.02
CA LEU H 21 56.20 49.69 -23.83
C LEU H 21 56.31 48.15 -23.84
N GLY H 22 56.13 47.51 -22.68
CA GLY H 22 56.16 46.08 -22.58
C GLY H 22 55.09 45.39 -23.43
N VAL H 23 53.90 45.95 -23.42
CA VAL H 23 52.84 45.44 -24.25
C VAL H 23 53.24 45.51 -25.71
N LEU H 24 53.76 46.66 -26.11
CA LEU H 24 54.14 46.88 -27.54
C LEU H 24 55.24 45.94 -27.98
N LEU H 25 56.15 45.68 -27.07
CA LEU H 25 57.20 44.69 -27.31
C LEU H 25 56.60 43.26 -27.54
N GLN H 26 55.61 42.88 -26.73
CA GLN H 26 54.96 41.63 -26.94
C GLN H 26 54.29 41.59 -28.30
N ALA H 27 53.72 42.72 -28.73
CA ALA H 27 53.12 42.80 -30.04
C ALA H 27 54.13 42.53 -31.13
N TYR H 28 55.31 43.11 -31.00
CA TYR H 28 56.42 42.85 -31.92
C TYR H 28 56.78 41.34 -31.94
N PHE H 29 56.86 40.73 -30.76
CA PHE H 29 57.14 39.29 -30.72
C PHE H 29 56.05 38.42 -31.39
N SER H 30 54.77 38.74 -31.21
CA SER H 30 53.72 38.03 -31.90
C SER H 30 53.78 38.14 -33.37
N LEU H 31 54.03 39.36 -33.81
CA LEU H 31 54.22 39.70 -35.22
C LEU H 31 55.32 38.82 -35.85
N GLN H 32 56.44 38.64 -35.15
CA GLN H 32 57.49 37.72 -35.61
C GLN H 32 57.06 36.26 -35.63
N VAL H 33 56.24 35.85 -34.66
CA VAL H 33 55.70 34.48 -34.66
C VAL H 33 54.75 34.24 -35.86
N ILE H 34 53.87 35.22 -36.12
CA ILE H 34 53.00 35.14 -37.26
C ILE H 34 53.81 35.02 -38.55
N SER H 35 54.81 35.84 -38.65
CA SER H 35 55.64 35.82 -39.81
C SER H 35 56.47 34.48 -39.99
N ALA H 36 56.96 33.93 -38.89
CA ALA H 36 57.58 32.59 -38.88
C ALA H 36 56.58 31.46 -39.21
N ARG H 37 55.34 31.56 -38.72
CA ARG H 37 54.30 30.60 -39.14
C ARG H 37 54.07 30.58 -40.67
N ARG H 38 54.10 31.75 -41.32
CA ARG H 38 53.94 31.87 -42.78
C ARG H 38 55.17 31.32 -43.52
N ALA H 39 56.36 31.77 -43.13
CA ALA H 39 57.62 31.34 -43.76
C ALA H 39 57.84 29.82 -43.67
N PHE H 40 57.55 29.18 -42.54
CA PHE H 40 57.76 27.74 -42.33
C PHE H 40 56.46 26.91 -42.39
N ARG H 41 55.34 27.55 -42.76
CA ARG H 41 54.06 26.90 -42.99
C ARG H 41 53.55 26.06 -41.82
N VAL H 42 53.48 26.67 -40.63
CA VAL H 42 52.97 25.99 -39.44
C VAL H 42 51.65 26.66 -39.04
N SER H 43 50.59 25.95 -39.33
CA SER H 43 49.24 26.40 -39.19
C SER H 43 48.75 26.13 -37.79
N PRO H 44 48.15 27.13 -37.15
CA PRO H 44 47.49 26.85 -35.84
C PRO H 44 46.45 25.75 -36.01
N PRO H 45 46.28 24.78 -35.08
CA PRO H 45 46.79 24.81 -33.71
C PRO H 45 48.19 24.18 -33.46
N LEU H 46 48.92 23.86 -34.52
CA LEU H 46 50.26 23.28 -34.35
C LEU H 46 51.22 24.25 -33.72
N THR H 47 51.99 23.76 -32.77
CA THR H 47 53.07 24.51 -32.13
C THR H 47 54.44 23.93 -32.37
N THR H 48 54.54 22.89 -33.18
CA THR H 48 55.84 22.24 -33.49
C THR H 48 56.11 22.38 -34.99
N GLY H 49 57.35 22.26 -35.39
CA GLY H 49 57.75 22.49 -36.77
C GLY H 49 59.26 22.54 -36.87
N PRO H 50 59.81 23.14 -37.94
CA PRO H 50 61.29 23.24 -38.06
C PRO H 50 61.95 23.98 -36.86
N PRO H 51 63.21 23.67 -36.50
CA PRO H 51 63.85 24.35 -35.34
C PRO H 51 63.84 25.90 -35.34
N GLU H 52 63.99 26.52 -36.51
CA GLU H 52 63.89 27.97 -36.65
C GLU H 52 62.50 28.52 -36.21
N PHE H 53 61.43 27.80 -36.54
CA PHE H 53 60.11 28.15 -36.09
C PHE H 53 60.01 27.94 -34.58
N GLU H 54 60.47 26.78 -34.09
CA GLU H 54 60.32 26.44 -32.67
C GLU H 54 61.03 27.42 -31.74
N ARG H 55 62.17 27.94 -32.16
CA ARG H 55 62.93 28.84 -31.33
C ARG H 55 62.21 30.22 -31.24
N VAL H 56 61.68 30.71 -32.37
CA VAL H 56 60.95 31.97 -32.39
C VAL H 56 59.68 31.83 -31.50
N TYR H 57 58.98 30.75 -31.71
CA TYR H 57 57.78 30.48 -30.98
C TYR H 57 58.04 30.36 -29.46
N ARG H 58 59.08 29.64 -29.12
CA ARG H 58 59.45 29.49 -27.70
C ARG H 58 59.86 30.82 -27.07
N ALA H 59 60.67 31.61 -27.79
CA ALA H 59 61.11 32.89 -27.34
C ALA H 59 59.88 33.72 -26.95
N GLN H 60 58.90 33.73 -27.83
CA GLN H 60 57.69 34.48 -27.61
C GLN H 60 56.92 33.96 -26.39
N VAL H 61 56.75 32.65 -26.29
CA VAL H 61 56.02 32.08 -25.21
C VAL H 61 56.74 32.40 -23.90
N ASN H 62 58.04 32.31 -23.88
CA ASN H 62 58.79 32.58 -22.62
C ASN H 62 58.63 34.03 -22.27
N CYS H 63 58.71 34.93 -23.27
CA CYS H 63 58.53 36.36 -22.95
C CYS H 63 57.12 36.65 -22.42
N SER H 64 56.08 36.01 -23.01
CA SER H 64 54.72 36.16 -22.49
C SER H 64 54.49 35.63 -21.11
N GLU H 65 55.12 34.54 -20.79
CA GLU H 65 54.90 33.95 -19.49
C GLU H 65 55.63 34.74 -18.36
N TYR H 66 56.74 35.43 -18.66
CA TYR H 66 57.41 36.29 -17.69
C TYR H 66 56.85 37.69 -17.63
N PHE H 67 56.06 38.08 -18.61
CA PHE H 67 55.55 39.45 -18.66
C PHE H 67 54.75 39.81 -17.44
N PRO H 68 53.81 38.93 -16.99
CA PRO H 68 53.13 39.27 -15.75
C PRO H 68 54.08 39.43 -14.48
N LEU H 69 55.21 38.73 -14.47
CA LEU H 69 56.11 38.74 -13.35
C LEU H 69 56.92 40.00 -13.34
N PHE H 70 57.36 40.36 -14.53
CA PHE H 70 57.88 41.70 -14.77
C PHE H 70 56.92 42.82 -14.31
N LEU H 71 55.67 42.75 -14.72
CA LEU H 71 54.71 43.67 -14.34
C LEU H 71 54.56 43.79 -12.84
N ALA H 72 54.32 42.65 -12.19
CA ALA H 72 54.01 42.68 -10.78
C ALA H 72 55.19 43.33 -10.03
N THR H 73 56.40 42.94 -10.37
CA THR H 73 57.58 43.39 -9.64
C THR H 73 57.91 44.82 -10.00
N LEU H 74 57.68 45.21 -11.24
CA LEU H 74 57.82 46.63 -11.65
C LEU H 74 56.98 47.55 -10.82
N TRP H 75 55.73 47.16 -10.67
CA TRP H 75 54.80 47.99 -9.92
C TRP H 75 55.04 48.00 -8.41
N VAL H 76 55.35 46.84 -7.82
CA VAL H 76 55.64 46.82 -6.42
C VAL H 76 56.93 47.61 -6.11
N ALA H 77 57.96 47.39 -6.89
CA ALA H 77 59.20 48.14 -6.72
C ALA H 77 58.96 49.64 -6.93
N GLY H 78 58.17 49.96 -7.96
CA GLY H 78 57.97 51.37 -8.29
C GLY H 78 57.19 52.16 -7.26
N ILE H 79 56.31 51.50 -6.56
CA ILE H 79 55.53 52.12 -5.53
C ILE H 79 56.21 52.14 -4.17
N PHE H 80 56.83 51.03 -3.76
CA PHE H 80 57.42 50.89 -2.42
C PHE H 80 58.86 51.25 -2.36
N PHE H 81 59.56 51.35 -3.48
CA PHE H 81 60.95 51.69 -3.45
C PHE H 81 61.19 53.03 -4.08
N HIS H 82 61.04 53.17 -5.40
CA HIS H 82 61.34 54.41 -6.15
C HIS H 82 60.86 54.23 -7.58
N GLU H 83 60.00 55.16 -8.01
CA GLU H 83 59.34 55.07 -9.26
C GLU H 83 60.37 55.02 -10.39
N GLY H 84 61.31 55.97 -10.38
CA GLY H 84 62.30 56.15 -11.46
C GLY H 84 63.27 54.98 -11.60
N ALA H 85 63.67 54.46 -10.46
CA ALA H 85 64.64 53.35 -10.44
C ALA H 85 63.95 52.11 -10.97
N ALA H 86 62.72 51.87 -10.51
CA ALA H 86 61.97 50.72 -11.02
C ALA H 86 61.76 50.82 -12.52
N ALA H 87 61.31 51.96 -12.97
CA ALA H 87 61.08 52.13 -14.40
C ALA H 87 62.30 51.88 -15.20
N LEU H 88 63.43 52.28 -14.67
CA LEU H 88 64.68 52.11 -15.40
C LEU H 88 65.08 50.63 -15.46
N CYS H 89 65.01 49.89 -14.34
CA CYS H 89 65.30 48.46 -14.39
C CYS H 89 64.34 47.79 -15.34
N GLY H 90 63.11 48.25 -15.35
CA GLY H 90 62.10 47.76 -16.26
C GLY H 90 62.55 47.88 -17.71
N LEU H 91 63.05 49.06 -18.05
CA LEU H 91 63.54 49.30 -19.40
C LEU H 91 64.69 48.37 -19.74
N VAL H 92 65.60 48.17 -18.79
CA VAL H 92 66.75 47.31 -19.01
C VAL H 92 66.18 45.87 -19.21
N TYR H 93 65.19 45.47 -18.38
CA TYR H 93 64.56 44.18 -18.57
C TYR H 93 64.02 43.99 -20.01
N LEU H 94 63.27 44.97 -20.46
CA LEU H 94 62.64 44.88 -21.82
C LEU H 94 63.63 44.85 -22.94
N PHE H 95 64.65 45.68 -22.84
CA PHE H 95 65.70 45.71 -23.86
C PHE H 95 66.44 44.34 -23.87
N ALA H 96 66.65 43.73 -22.69
CA ALA H 96 67.33 42.45 -22.63
C ALA H 96 66.47 41.36 -23.23
N ARG H 97 65.15 41.42 -23.04
CA ARG H 97 64.26 40.50 -23.70
C ARG H 97 64.21 40.62 -25.19
N LEU H 98 64.27 41.84 -25.72
CA LEU H 98 64.37 42.02 -27.15
C LEU H 98 65.62 41.34 -27.68
N ARG H 99 66.76 41.56 -27.03
CA ARG H 99 68.00 40.87 -27.44
C ARG H 99 67.86 39.35 -27.28
N TYR H 100 67.21 38.90 -26.19
CA TYR H 100 67.01 37.47 -25.96
C TYR H 100 66.24 36.85 -27.13
N PHE H 101 65.17 37.52 -27.54
CA PHE H 101 64.36 37.08 -28.61
C PHE H 101 65.16 36.98 -29.91
N GLN H 102 65.87 38.05 -30.26
CA GLN H 102 66.69 38.05 -31.48
C GLN H 102 67.83 37.00 -31.46
N GLY H 103 68.45 36.81 -30.28
CA GLY H 103 69.43 35.76 -30.09
C GLY H 103 68.85 34.37 -30.29
N TYR H 104 67.72 34.08 -29.63
CA TYR H 104 67.11 32.77 -29.67
C TYR H 104 66.72 32.42 -31.11
N ALA H 105 66.21 33.38 -31.86
CA ALA H 105 65.82 33.16 -33.25
C ALA H 105 67.01 32.54 -34.01
N ARG H 106 68.19 33.12 -33.79
CA ARG H 106 69.42 32.71 -34.48
C ARG H 106 69.90 31.35 -33.93
N SER H 107 69.99 31.17 -32.62
CA SER H 107 70.26 29.83 -32.03
C SER H 107 69.96 29.80 -30.50
N ALA H 108 69.72 28.57 -30.00
CA ALA H 108 69.62 28.26 -28.57
C ALA H 108 70.73 28.88 -27.71
N GLN H 109 71.93 28.83 -28.26
CA GLN H 109 73.13 29.29 -27.58
C GLN H 109 73.21 30.83 -27.52
N LEU H 110 72.89 31.50 -28.64
CA LEU H 110 72.94 32.98 -28.68
C LEU H 110 71.85 33.65 -27.82
N ARG H 111 70.87 32.89 -27.40
CA ARG H 111 69.88 33.40 -26.43
C ARG H 111 70.48 33.61 -25.02
N LEU H 112 71.57 32.91 -24.70
CA LEU H 112 71.96 32.77 -23.28
C LEU H 112 72.45 34.06 -22.61
N ALA H 113 73.32 34.81 -23.25
CA ALA H 113 73.84 36.05 -22.62
C ALA H 113 72.68 37.04 -22.31
N PRO H 114 71.82 37.35 -23.30
CA PRO H 114 70.68 38.24 -23.02
C PRO H 114 69.61 37.64 -22.11
N LEU H 115 69.45 36.32 -22.16
CA LEU H 115 68.64 35.65 -21.12
C LEU H 115 69.16 35.95 -19.69
N TYR H 116 70.48 35.78 -19.47
CA TYR H 116 71.10 36.01 -18.15
C TYR H 116 70.95 37.47 -17.77
N ALA H 117 71.06 38.36 -18.74
CA ALA H 117 70.87 39.79 -18.49
C ALA H 117 69.37 40.09 -18.06
N SER H 118 68.42 39.39 -18.69
CA SER H 118 66.99 39.54 -18.41
C SER H 118 66.75 39.11 -17.00
N ALA H 119 67.39 38.01 -16.64
CA ALA H 119 67.25 37.45 -15.29
C ALA H 119 67.83 38.42 -14.23
N ARG H 120 69.00 39.01 -14.52
CA ARG H 120 69.63 39.97 -13.58
C ARG H 120 68.74 41.18 -13.39
N ALA H 121 68.16 41.69 -14.47
CA ALA H 121 67.30 42.86 -14.37
C ALA H 121 66.07 42.52 -13.56
N LEU H 122 65.53 41.35 -13.76
CA LEU H 122 64.29 40.97 -13.02
C LEU H 122 64.62 40.75 -11.54
N TRP H 123 65.79 40.21 -11.26
CA TRP H 123 66.24 40.05 -9.85
C TRP H 123 66.42 41.37 -9.15
N LEU H 124 66.94 42.33 -9.88
CA LEU H 124 67.02 43.71 -9.37
C LEU H 124 65.63 44.29 -9.01
N LEU H 125 64.63 44.13 -9.87
CA LEU H 125 63.28 44.53 -9.54
C LEU H 125 62.79 43.80 -8.31
N VAL H 126 63.08 42.51 -8.16
CA VAL H 126 62.65 41.77 -7.04
C VAL H 126 63.31 42.32 -5.77
N ALA H 127 64.60 42.63 -5.85
CA ALA H 127 65.35 43.14 -4.70
C ALA H 127 64.80 44.50 -4.29
N LEU H 128 64.46 45.34 -5.26
CA LEU H 128 63.92 46.69 -4.96
C LEU H 128 62.56 46.56 -4.33
N ALA H 129 61.75 45.66 -4.86
CA ALA H 129 60.46 45.41 -4.27
C ALA H 129 60.56 44.87 -2.84
N ALA H 130 61.50 43.94 -2.61
CA ALA H 130 61.69 43.37 -1.26
C ALA H 130 62.19 44.46 -0.29
N LEU H 131 63.09 45.31 -0.73
CA LEU H 131 63.65 46.42 0.13
C LEU H 131 62.62 47.45 0.49
N GLY H 132 61.75 47.73 -0.47
CA GLY H 132 60.63 48.65 -0.27
C GLY H 132 59.63 48.10 0.69
N LEU H 133 59.31 46.81 0.57
CA LEU H 133 58.42 46.20 1.54
C LEU H 133 59.04 46.09 2.93
N LEU H 134 60.32 45.78 3.01
CA LEU H 134 61.04 45.72 4.27
C LEU H 134 60.99 47.07 4.94
N ALA H 135 61.28 48.14 4.20
CA ALA H 135 61.19 49.54 4.73
C ALA H 135 59.74 49.83 5.23
N HIS H 136 58.74 49.33 4.57
CA HIS H 136 57.38 49.57 5.02
C HIS H 136 57.04 48.80 6.26
N PHE H 137 57.38 47.53 6.38
CA PHE H 137 56.92 46.69 7.52
C PHE H 137 57.87 46.62 8.72
N LEU H 138 59.16 46.70 8.47
CA LEU H 138 60.18 46.40 9.53
C LEU H 138 60.15 47.33 10.74
N PRO H 139 60.03 48.65 10.54
CA PRO H 139 59.97 49.54 11.67
C PRO H 139 58.91 49.28 12.70
N ALA H 140 57.68 49.16 12.27
CA ALA H 140 56.52 48.85 13.15
C ALA H 140 56.70 47.50 13.76
N ALA H 141 57.23 46.55 12.99
CA ALA H 141 57.43 45.19 13.59
C ALA H 141 58.57 45.24 14.69
N LEU H 142 59.70 45.90 14.42
CA LEU H 142 60.75 46.05 15.43
C LEU H 142 60.29 46.82 16.64
N ARG H 143 59.52 47.84 16.40
CA ARG H 143 58.96 48.60 17.50
C ARG H 143 58.04 47.76 18.38
N ALA H 144 57.11 47.02 17.78
CA ALA H 144 56.21 46.12 18.55
C ALA H 144 56.97 45.07 19.36
N ALA H 145 57.96 44.46 18.74
CA ALA H 145 58.84 43.54 19.45
C ALA H 145 59.58 44.21 20.63
N LEU H 146 60.14 45.41 20.45
CA LEU H 146 60.79 46.13 21.55
C LEU H 146 59.83 46.53 22.62
N LEU H 147 58.66 47.03 22.25
CA LEU H 147 57.64 47.34 23.24
C LEU H 147 57.25 46.09 24.09
N GLY H 148 57.12 44.92 23.47
CA GLY H 148 56.88 43.67 24.19
C GLY H 148 57.93 43.27 25.22
N ARG H 149 59.23 43.29 24.86
CA ARG H 149 60.35 43.09 25.80
C ARG H 149 60.50 44.20 26.85
N LEU H 150 60.17 45.44 26.52
CA LEU H 150 60.16 46.50 27.52
C LEU H 150 59.13 46.31 28.59
N ARG H 151 57.96 45.74 28.25
CA ARG H 151 56.78 45.68 29.16
C ARG H 151 57.17 44.73 30.27
N THR H 152 57.78 43.60 29.87
CA THR H 152 58.61 42.72 30.79
C THR H 152 59.47 43.43 31.92
N LEU H 153 60.09 44.58 31.69
CA LEU H 153 60.99 45.22 32.68
C LEU H 153 60.40 46.26 33.75
N HIS I 3 44.14 53.23 7.26
CA HIS I 3 43.06 54.28 6.92
C HIS I 3 43.44 55.69 6.45
N HIS I 4 42.70 56.11 5.40
CA HIS I 4 42.63 57.50 5.02
C HIS I 4 41.10 57.85 5.14
N HIS I 5 40.78 59.08 4.82
CA HIS I 5 39.41 59.57 4.89
C HIS I 5 38.86 59.79 3.48
N HIS I 6 39.43 59.07 2.52
CA HIS I 6 38.95 59.08 1.13
C HIS I 6 39.50 57.80 0.56
N HIS I 7 38.91 57.34 -0.52
CA HIS I 7 39.26 56.09 -1.22
C HIS I 7 39.20 56.38 -2.74
N HIS I 8 40.03 55.71 -3.53
CA HIS I 8 40.04 55.87 -4.95
C HIS I 8 39.39 54.70 -5.67
N LYS I 9 38.76 53.80 -4.92
CA LYS I 9 37.97 52.66 -5.48
C LYS I 9 36.99 53.07 -6.58
N ASP I 10 36.29 54.17 -6.29
CA ASP I 10 35.23 54.64 -7.16
C ASP I 10 35.74 55.24 -8.45
N GLU I 11 37.04 55.32 -8.66
CA GLU I 11 37.58 55.68 -9.97
C GLU I 11 37.98 54.49 -10.74
N VAL I 12 37.93 53.30 -10.16
CA VAL I 12 38.43 52.12 -10.86
C VAL I 12 37.52 50.94 -10.83
N ALA I 13 36.35 51.15 -10.34
CA ALA I 13 35.40 50.06 -10.11
C ALA I 13 34.95 49.45 -11.40
N LEU I 14 34.82 50.25 -12.43
CA LEU I 14 34.50 49.66 -13.72
C LEU I 14 35.62 48.76 -14.27
N LEU I 15 36.85 49.22 -14.11
CA LEU I 15 38.03 48.50 -14.56
C LEU I 15 38.11 47.19 -13.77
N ALA I 16 37.80 47.26 -12.47
CA ALA I 16 37.79 46.10 -11.64
C ALA I 16 36.71 45.14 -12.03
N ALA I 17 35.53 45.67 -12.41
CA ALA I 17 34.41 44.75 -12.85
C ALA I 17 34.73 44.05 -14.11
N VAL I 18 35.30 44.75 -15.03
CA VAL I 18 35.76 44.17 -16.31
C VAL I 18 36.88 43.18 -16.13
N THR I 19 37.81 43.49 -15.22
CA THR I 19 38.87 42.56 -14.87
C THR I 19 38.27 41.20 -14.39
N LEU I 20 37.37 41.28 -13.42
CA LEU I 20 36.73 40.14 -12.83
C LEU I 20 35.94 39.35 -13.87
N LEU I 21 35.23 40.06 -14.74
CA LEU I 21 34.49 39.44 -15.83
C LEU I 21 35.50 38.71 -16.74
N GLY I 22 36.71 39.27 -16.90
CA GLY I 22 37.80 38.56 -17.58
C GLY I 22 38.28 37.28 -16.92
N VAL I 23 38.36 37.29 -15.63
CA VAL I 23 38.73 36.09 -14.86
C VAL I 23 37.65 35.02 -15.04
N LEU I 24 36.38 35.39 -14.90
CA LEU I 24 35.28 34.42 -15.03
C LEU I 24 35.19 33.80 -16.43
N LEU I 25 35.51 34.59 -17.46
CA LEU I 25 35.63 34.11 -18.79
C LEU I 25 36.72 33.11 -18.94
N GLN I 26 37.90 33.38 -18.39
CA GLN I 26 38.96 32.36 -18.32
C GLN I 26 38.50 31.10 -17.64
N ALA I 27 37.72 31.23 -16.61
CA ALA I 27 37.15 30.02 -15.90
C ALA I 27 36.26 29.17 -16.80
N TYR I 28 35.45 29.84 -17.61
CA TYR I 28 34.63 29.23 -18.62
C TYR I 28 35.50 28.50 -19.67
N PHE I 29 36.56 29.15 -20.13
CA PHE I 29 37.50 28.50 -21.05
C PHE I 29 38.19 27.28 -20.44
N SER I 30 38.64 27.33 -19.18
CA SER I 30 39.20 26.16 -18.57
C SER I 30 38.23 25.01 -18.42
N LEU I 31 37.03 25.34 -17.99
CA LEU I 31 35.97 24.40 -17.89
C LEU I 31 35.77 23.64 -19.24
N GLN I 32 35.78 24.36 -20.37
CA GLN I 32 35.67 23.72 -21.67
C GLN I 32 36.87 22.84 -21.98
N VAL I 33 38.07 23.25 -21.57
CA VAL I 33 39.23 22.43 -21.74
C VAL I 33 39.11 21.14 -20.91
N ILE I 34 38.64 21.24 -19.68
CA ILE I 34 38.49 20.07 -18.83
C ILE I 34 37.50 19.09 -19.48
N SER I 35 36.45 19.66 -19.97
CA SER I 35 35.39 18.88 -20.54
C SER I 35 35.84 18.22 -21.92
N ALA I 36 36.69 18.92 -22.66
CA ALA I 36 37.35 18.35 -23.83
C ALA I 36 38.37 17.27 -23.46
N ARG I 37 39.14 17.46 -22.39
CA ARG I 37 40.04 16.39 -21.92
C ARG I 37 39.31 15.09 -21.54
N ARG I 38 38.10 15.20 -20.94
CA ARG I 38 37.25 14.03 -20.66
C ARG I 38 36.66 13.36 -21.95
N ALA I 39 36.01 14.16 -22.80
CA ALA I 39 35.41 13.69 -24.04
C ALA I 39 36.45 12.99 -24.93
N PHE I 40 37.68 13.52 -25.06
CA PHE I 40 38.68 12.98 -26.00
C PHE I 40 39.76 12.22 -25.32
N ARG I 41 39.61 12.02 -24.02
CA ARG I 41 40.52 11.21 -23.21
C ARG I 41 41.98 11.60 -23.32
N VAL I 42 42.27 12.86 -23.05
CA VAL I 42 43.64 13.38 -23.02
C VAL I 42 43.97 13.77 -21.56
N SER I 43 44.77 12.95 -20.96
CA SER I 43 45.19 13.03 -19.56
C SER I 43 46.39 13.88 -19.41
N PRO I 44 46.34 14.82 -18.48
CA PRO I 44 47.56 15.60 -18.18
C PRO I 44 48.67 14.59 -17.83
N PRO I 45 49.95 14.76 -18.24
CA PRO I 45 50.51 16.04 -18.75
C PRO I 45 50.51 16.20 -20.30
N LEU I 46 49.78 15.34 -20.99
CA LEU I 46 49.63 15.49 -22.45
C LEU I 46 48.86 16.76 -22.87
N THR I 47 49.41 17.45 -23.88
CA THR I 47 48.76 18.59 -24.45
C THR I 47 48.42 18.39 -25.91
N THR I 48 48.60 17.21 -26.43
CA THR I 48 48.32 16.86 -27.87
C THR I 48 47.33 15.73 -27.91
N GLY I 49 46.61 15.62 -29.01
CA GLY I 49 45.45 14.73 -29.12
C GLY I 49 44.68 15.06 -30.37
N PRO I 50 43.40 14.67 -30.43
CA PRO I 50 42.61 14.86 -31.68
C PRO I 50 42.48 16.38 -31.98
N PRO I 51 42.32 16.75 -33.27
CA PRO I 51 42.27 18.21 -33.58
C PRO I 51 41.24 19.04 -32.78
N GLU I 52 40.05 18.49 -32.55
CA GLU I 52 38.98 19.16 -31.79
C GLU I 52 39.48 19.48 -30.36
N PHE I 53 40.26 18.59 -29.76
CA PHE I 53 40.87 18.88 -28.44
C PHE I 53 41.94 19.95 -28.59
N GLU I 54 42.80 19.82 -29.59
CA GLU I 54 43.89 20.82 -29.75
C GLU I 54 43.44 22.25 -29.96
N ARG I 55 42.34 22.42 -30.68
CA ARG I 55 41.85 23.74 -30.98
C ARG I 55 41.29 24.38 -29.72
N VAL I 56 40.58 23.60 -28.91
CA VAL I 56 39.95 24.07 -27.68
C VAL I 56 41.06 24.43 -26.71
N TYR I 57 42.03 23.55 -26.65
CA TYR I 57 43.20 23.78 -25.73
C TYR I 57 43.99 25.02 -26.17
N ARG I 58 44.22 25.16 -27.45
CA ARG I 58 45.00 26.32 -27.96
C ARG I 58 44.26 27.63 -27.74
N ALA I 59 42.96 27.60 -27.97
CA ALA I 59 42.13 28.74 -27.78
C ALA I 59 42.26 29.24 -26.38
N GLN I 60 42.21 28.29 -25.44
CA GLN I 60 42.38 28.60 -24.01
C GLN I 60 43.77 29.16 -23.69
N VAL I 61 44.81 28.53 -24.18
CA VAL I 61 46.15 29.00 -23.97
C VAL I 61 46.34 30.36 -24.53
N ASN I 62 45.82 30.61 -25.72
CA ASN I 62 46.02 31.97 -26.32
C ASN I 62 45.30 33.01 -25.51
N CYS I 63 44.07 32.71 -25.08
CA CYS I 63 43.35 33.66 -24.27
C CYS I 63 44.06 33.94 -22.96
N SER I 64 44.63 32.92 -22.32
CA SER I 64 45.40 33.14 -21.08
C SER I 64 46.66 33.91 -21.25
N GLU I 65 47.30 33.74 -22.35
CA GLU I 65 48.52 34.48 -22.55
C GLU I 65 48.28 35.96 -22.91
N TYR I 66 47.14 36.31 -23.55
CA TYR I 66 46.83 37.69 -23.83
C TYR I 66 46.13 38.37 -22.67
N PHE I 67 45.62 37.59 -21.74
CA PHE I 67 44.90 38.16 -20.56
C PHE I 67 45.69 39.19 -19.84
N PRO I 68 47.00 38.92 -19.50
CA PRO I 68 47.76 40.01 -18.80
C PRO I 68 48.03 41.30 -19.62
N LEU I 69 48.03 41.17 -20.98
CA LEU I 69 48.17 42.29 -21.87
C LEU I 69 46.94 43.09 -21.93
N PHE I 70 45.81 42.40 -22.02
CA PHE I 70 44.50 43.03 -21.85
C PHE I 70 44.38 43.76 -20.56
N LEU I 71 44.76 43.11 -19.48
CA LEU I 71 44.76 43.74 -18.16
C LEU I 71 45.56 45.03 -18.08
N ALA I 72 46.80 44.91 -18.47
CA ALA I 72 47.72 46.02 -18.33
C ALA I 72 47.23 47.24 -19.14
N THR I 73 46.80 47.03 -20.35
CA THR I 73 46.36 48.15 -21.19
C THR I 73 44.98 48.68 -20.73
N LEU I 74 44.09 47.81 -20.26
CA LEU I 74 42.83 48.21 -19.70
C LEU I 74 43.02 49.21 -18.57
N TRP I 75 43.92 48.86 -17.64
CA TRP I 75 44.14 49.70 -16.50
C TRP I 75 44.87 51.03 -16.83
N VAL I 76 45.88 50.98 -17.67
CA VAL I 76 46.56 52.22 -18.10
C VAL I 76 45.61 53.12 -18.86
N ALA I 77 44.84 52.56 -19.80
CA ALA I 77 43.86 53.36 -20.54
C ALA I 77 42.78 53.91 -19.63
N GLY I 78 42.37 53.09 -18.66
CA GLY I 78 41.27 53.48 -17.80
C GLY I 78 41.64 54.59 -16.83
N ILE I 79 42.88 54.64 -16.43
CA ILE I 79 43.38 55.62 -15.54
C ILE I 79 43.89 56.93 -16.21
N PHE I 80 44.61 56.83 -17.33
CA PHE I 80 45.18 58.01 -18.01
C PHE I 80 44.23 58.53 -19.08
N PHE I 81 43.24 57.77 -19.59
CA PHE I 81 42.40 58.27 -20.63
C PHE I 81 40.99 58.52 -20.15
N HIS I 82 40.23 57.47 -19.86
CA HIS I 82 38.85 57.57 -19.45
C HIS I 82 38.39 56.16 -19.01
N GLU I 83 37.81 56.09 -17.83
CA GLU I 83 37.51 54.87 -17.17
C GLU I 83 36.48 54.13 -17.97
N GLY I 84 35.45 54.84 -18.32
CA GLY I 84 34.27 54.26 -19.01
C GLY I 84 34.61 53.78 -20.38
N ALA I 85 35.41 54.56 -21.10
CA ALA I 85 35.76 54.20 -22.48
C ALA I 85 36.64 52.93 -22.42
N ALA I 86 37.63 52.92 -21.53
CA ALA I 86 38.49 51.71 -21.41
C ALA I 86 37.71 50.50 -20.98
N ALA I 87 36.78 50.66 -20.04
CA ALA I 87 35.94 49.54 -19.66
C ALA I 87 35.10 49.00 -20.79
N LEU I 88 34.56 49.89 -21.57
CA LEU I 88 33.77 49.51 -22.74
C LEU I 88 34.61 48.81 -23.78
N CYS I 89 35.85 49.29 -24.11
CA CYS I 89 36.71 48.52 -25.08
C CYS I 89 37.07 47.16 -24.51
N GLY I 90 37.30 47.12 -23.19
CA GLY I 90 37.53 45.90 -22.49
C GLY I 90 36.43 44.87 -22.69
N LEU I 91 35.20 45.31 -22.52
CA LEU I 91 34.05 44.47 -22.74
C LEU I 91 34.01 43.98 -24.17
N VAL I 92 34.30 44.84 -25.13
CA VAL I 92 34.26 44.44 -26.53
C VAL I 92 35.38 43.41 -26.70
N TYR I 93 36.53 43.65 -26.12
CA TYR I 93 37.60 42.67 -26.19
C TYR I 93 37.15 41.26 -25.71
N LEU I 94 36.54 41.23 -24.52
CA LEU I 94 36.18 39.98 -23.88
C LEU I 94 35.10 39.23 -24.71
N PHE I 95 34.09 39.94 -25.19
CA PHE I 95 33.06 39.36 -25.96
C PHE I 95 33.69 38.79 -27.29
N ALA I 96 34.66 39.49 -27.86
CA ALA I 96 35.33 38.97 -29.05
C ALA I 96 36.13 37.74 -28.78
N ARG I 97 36.77 37.66 -27.61
CA ARG I 97 37.47 36.47 -27.24
C ARG I 97 36.53 35.30 -27.03
N LEU I 98 35.35 35.53 -26.46
CA LEU I 98 34.42 34.46 -26.30
C LEU I 98 34.05 33.91 -27.68
N ARG I 99 33.77 34.80 -28.65
CA ARG I 99 33.41 34.36 -30.04
C ARG I 99 34.63 33.72 -30.68
N TYR I 100 35.85 34.21 -30.34
CA TYR I 100 37.08 33.54 -30.87
C TYR I 100 37.22 32.13 -30.42
N PHE I 101 36.96 31.91 -29.12
CA PHE I 101 37.07 30.61 -28.51
C PHE I 101 36.03 29.63 -29.15
N GLN I 102 34.78 30.08 -29.26
CA GLN I 102 33.72 29.28 -29.87
C GLN I 102 34.02 28.97 -31.33
N GLY I 103 34.59 29.96 -32.03
CA GLY I 103 34.92 29.79 -33.46
C GLY I 103 36.00 28.74 -33.58
N TYR I 104 37.06 28.89 -32.77
CA TYR I 104 38.25 28.06 -32.90
C TYR I 104 37.86 26.60 -32.64
N ALA I 105 36.99 26.40 -31.66
CA ALA I 105 36.50 25.06 -31.29
C ALA I 105 35.92 24.35 -32.52
N ARG I 106 35.13 25.08 -33.29
CA ARG I 106 34.56 24.54 -34.58
C ARG I 106 35.68 24.36 -35.60
N SER I 107 36.54 25.37 -35.84
CA SER I 107 37.66 25.29 -36.82
C SER I 107 38.63 26.47 -36.72
N ALA I 108 39.87 26.22 -37.13
CA ALA I 108 40.90 27.19 -37.33
C ALA I 108 40.46 28.45 -38.09
N GLN I 109 39.66 28.25 -39.12
CA GLN I 109 39.23 29.28 -39.99
C GLN I 109 38.15 30.15 -39.32
N LEU I 110 37.21 29.53 -38.62
CA LEU I 110 36.13 30.30 -37.96
C LEU I 110 36.62 31.11 -36.78
N ARG I 111 37.84 30.85 -36.31
CA ARG I 111 38.43 31.67 -35.30
C ARG I 111 38.82 33.08 -35.84
N LEU I 112 39.02 33.24 -37.14
CA LEU I 112 39.76 34.39 -37.64
C LEU I 112 39.00 35.73 -37.50
N ALA I 113 37.70 35.79 -37.89
CA ALA I 113 36.96 37.07 -37.82
C ALA I 113 36.98 37.56 -36.37
N PRO I 114 36.61 36.69 -35.39
CA PRO I 114 36.63 37.16 -33.96
C PRO I 114 38.07 37.42 -33.37
N LEU I 115 39.06 36.70 -33.88
CA LEU I 115 40.43 36.99 -33.57
C LEU I 115 40.77 38.43 -33.99
N TYR I 116 40.45 38.81 -35.24
CA TYR I 116 40.74 40.13 -35.77
C TYR I 116 39.99 41.18 -34.96
N ALA I 117 38.74 40.87 -34.58
CA ALA I 117 37.99 41.80 -33.80
C ALA I 117 38.66 41.98 -32.41
N SER I 118 39.16 40.89 -31.86
CA SER I 118 39.81 40.91 -30.52
C SER I 118 41.12 41.83 -30.63
N ALA I 119 41.80 41.71 -31.74
CA ALA I 119 43.00 42.49 -31.99
C ALA I 119 42.69 43.98 -32.16
N ARG I 120 41.60 44.31 -32.86
CA ARG I 120 41.18 45.71 -33.02
C ARG I 120 40.84 46.31 -31.67
N ALA I 121 40.13 45.55 -30.83
CA ALA I 121 39.73 46.06 -29.55
C ALA I 121 41.01 46.31 -28.65
N LEU I 122 41.98 45.44 -28.72
CA LEU I 122 43.13 45.53 -27.92
C LEU I 122 43.97 46.71 -28.45
N TRP I 123 44.02 46.88 -29.75
CA TRP I 123 44.74 48.08 -30.31
C TRP I 123 44.12 49.37 -29.85
N LEU I 124 42.81 49.36 -29.74
CA LEU I 124 42.09 50.55 -29.27
C LEU I 124 42.52 50.86 -27.86
N LEU I 125 42.57 49.84 -27.02
CA LEU I 125 43.06 50.03 -25.69
C LEU I 125 44.46 50.61 -25.74
N VAL I 126 45.34 50.06 -26.54
CA VAL I 126 46.69 50.52 -26.60
C VAL I 126 46.69 52.01 -27.01
N ALA I 127 45.90 52.38 -28.02
CA ALA I 127 45.84 53.75 -28.47
C ALA I 127 45.34 54.71 -27.34
N LEU I 128 44.36 54.26 -26.57
CA LEU I 128 43.86 55.08 -25.50
C LEU I 128 44.90 55.27 -24.45
N ALA I 129 45.59 54.19 -24.13
CA ALA I 129 46.65 54.22 -23.13
C ALA I 129 47.75 55.17 -23.61
N ALA I 130 48.14 55.06 -24.85
CA ALA I 130 49.19 55.93 -25.42
C ALA I 130 48.78 57.43 -25.42
N LEU I 131 47.55 57.72 -25.80
CA LEU I 131 47.05 59.09 -25.76
C LEU I 131 47.00 59.70 -24.38
N GLY I 132 46.52 58.90 -23.42
CA GLY I 132 46.46 59.31 -22.01
C GLY I 132 47.87 59.61 -21.45
N LEU I 133 48.84 58.74 -21.72
CA LEU I 133 50.21 59.03 -21.35
C LEU I 133 50.81 60.25 -22.08
N LEU I 134 50.45 60.47 -23.34
CA LEU I 134 50.88 61.65 -24.05
C LEU I 134 50.33 62.87 -23.37
N ALA I 135 49.05 62.88 -23.07
CA ALA I 135 48.40 64.01 -22.39
C ALA I 135 49.06 64.23 -21.03
N HIS I 136 49.46 63.21 -20.34
CA HIS I 136 50.14 63.41 -19.10
C HIS I 136 51.55 64.00 -19.26
N PHE I 137 52.37 63.52 -20.15
CA PHE I 137 53.80 63.90 -20.22
C PHE I 137 54.10 65.10 -21.18
N LEU I 138 53.32 65.26 -22.23
CA LEU I 138 53.69 66.17 -23.32
C LEU I 138 53.72 67.65 -22.87
N PRO I 139 52.71 68.11 -22.10
CA PRO I 139 52.72 69.52 -21.70
C PRO I 139 53.94 69.97 -20.92
N ALA I 140 54.32 69.22 -19.89
CA ALA I 140 55.51 69.50 -19.09
C ALA I 140 56.79 69.42 -19.96
N ALA I 141 56.86 68.44 -20.88
CA ALA I 141 58.02 68.31 -21.73
C ALA I 141 58.14 69.53 -22.77
N LEU I 142 57.06 69.89 -23.41
CA LEU I 142 57.04 71.10 -24.25
C LEU I 142 57.37 72.36 -23.45
N ARG I 143 56.81 72.47 -22.24
CA ARG I 143 57.08 73.61 -21.47
C ARG I 143 58.54 73.73 -21.10
N ALA I 144 59.14 72.63 -20.67
CA ALA I 144 60.59 72.61 -20.31
C ALA I 144 61.48 73.00 -21.52
N ALA I 145 61.16 72.46 -22.68
CA ALA I 145 61.84 72.81 -23.92
C ALA I 145 61.66 74.25 -24.31
N LEU I 146 60.45 74.81 -24.22
CA LEU I 146 60.28 76.29 -24.41
C LEU I 146 61.01 77.13 -23.37
N LEU I 147 60.92 76.78 -22.09
CA LEU I 147 61.67 77.49 -21.06
C LEU I 147 63.20 77.51 -21.35
N GLY I 148 63.79 76.37 -21.76
CA GLY I 148 65.15 76.31 -22.18
C GLY I 148 65.51 77.29 -23.30
N ARG I 149 64.75 77.30 -24.42
CA ARG I 149 64.99 78.23 -25.51
C ARG I 149 64.89 79.77 -25.12
N LEU I 150 64.30 80.15 -23.99
CA LEU I 150 63.93 81.54 -23.73
C LEU I 150 65.00 82.55 -23.30
N HIS J 3 52.23 -16.77 38.98
CA HIS J 3 53.41 -15.84 39.38
C HIS J 3 54.90 -16.30 39.11
N HIS J 4 55.64 -15.31 38.62
CA HIS J 4 57.08 -15.34 38.62
C HIS J 4 57.50 -14.06 39.42
N HIS J 5 58.80 -13.86 39.51
CA HIS J 5 59.34 -12.71 40.32
C HIS J 5 59.96 -11.71 39.40
N HIS J 6 59.48 -11.73 38.16
CA HIS J 6 59.89 -10.77 37.16
C HIS J 6 58.73 -10.81 36.14
N HIS J 7 58.61 -9.77 35.37
CA HIS J 7 57.55 -9.59 34.40
C HIS J 7 58.23 -8.93 33.17
N HIS J 8 57.76 -9.25 31.98
CA HIS J 8 58.25 -8.67 30.76
C HIS J 8 57.36 -7.52 30.18
N LYS J 9 56.35 -7.10 30.92
CA LYS J 9 55.46 -6.01 30.59
C LYS J 9 56.18 -4.81 30.14
N ASP J 10 57.21 -4.52 30.91
CA ASP J 10 57.95 -3.28 30.72
C ASP J 10 58.78 -3.28 29.46
N GLU J 11 58.91 -4.38 28.76
CA GLU J 11 59.55 -4.41 27.46
C GLU J 11 58.53 -4.26 26.36
N VAL J 12 57.22 -4.28 26.66
CA VAL J 12 56.24 -4.20 25.58
C VAL J 12 55.17 -3.10 25.74
N ALA J 13 55.34 -2.26 26.75
CA ALA J 13 54.34 -1.37 27.18
C ALA J 13 54.09 -0.32 26.13
N LEU J 14 55.12 0.16 25.48
CA LEU J 14 54.93 1.08 24.37
C LEU J 14 54.11 0.41 23.19
N LEU J 15 54.43 -0.84 22.85
CA LEU J 15 53.72 -1.61 21.84
C LEU J 15 52.26 -1.76 22.23
N ALA J 16 52.04 -2.03 23.50
CA ALA J 16 50.70 -2.18 24.00
C ALA J 16 49.95 -0.87 23.95
N ALA J 17 50.63 0.25 24.28
CA ALA J 17 49.94 1.53 24.28
C ALA J 17 49.53 1.91 22.83
N VAL J 18 50.43 1.67 21.91
CA VAL J 18 50.15 1.95 20.51
C VAL J 18 48.97 1.04 20.01
N THR J 19 49.03 -0.26 20.38
CA THR J 19 47.99 -1.17 20.04
C THR J 19 46.63 -0.63 20.46
N LEU J 20 46.54 -0.23 21.71
CA LEU J 20 45.33 0.29 22.25
C LEU J 20 44.88 1.58 21.55
N LEU J 21 45.82 2.46 21.30
CA LEU J 21 45.55 3.63 20.53
C LEU J 21 44.92 3.25 19.15
N GLY J 22 45.46 2.22 18.50
CA GLY J 22 44.88 1.66 17.32
C GLY J 22 43.44 1.17 17.45
N VAL J 23 43.11 0.50 18.54
CA VAL J 23 41.78 0.10 18.83
C VAL J 23 40.86 1.34 18.92
N LEU J 24 41.28 2.38 19.65
CA LEU J 24 40.49 3.54 19.90
C LEU J 24 40.24 4.30 18.61
N LEU J 25 41.25 4.35 17.74
CA LEU J 25 41.13 4.89 16.44
C LEU J 25 40.05 4.11 15.58
N GLN J 26 40.04 2.79 15.60
CA GLN J 26 38.98 2.00 14.97
C GLN J 26 37.62 2.32 15.54
N ALA J 27 37.54 2.57 16.82
CA ALA J 27 36.31 2.96 17.45
C ALA J 27 35.78 4.26 16.87
N TYR J 28 36.67 5.22 16.73
CA TYR J 28 36.36 6.49 16.13
C TYR J 28 35.85 6.29 14.68
N PHE J 29 36.53 5.47 13.90
CA PHE J 29 36.08 5.17 12.56
C PHE J 29 34.72 4.52 12.54
N SER J 30 34.46 3.56 13.45
CA SER J 30 33.10 3.01 13.49
C SER J 30 32.03 4.02 13.79
N LEU J 31 32.32 4.80 14.80
CA LEU J 31 31.45 5.87 15.24
C LEU J 31 31.07 6.79 14.04
N GLN J 32 32.05 7.10 13.18
CA GLN J 32 31.78 7.89 11.96
C GLN J 32 30.93 7.13 10.95
N VAL J 33 31.10 5.82 10.84
CA VAL J 33 30.23 4.99 9.98
C VAL J 33 28.81 4.89 10.49
N ILE J 34 28.63 4.74 11.80
CA ILE J 34 27.29 4.80 12.38
C ILE J 34 26.61 6.13 12.07
N SER J 35 27.38 7.19 12.22
CA SER J 35 26.83 8.51 12.07
C SER J 35 26.48 8.80 10.57
N ALA J 36 27.30 8.29 9.66
CA ALA J 36 26.96 8.34 8.25
C ALA J 36 25.73 7.50 7.89
N ARG J 37 25.58 6.31 8.51
CA ARG J 37 24.41 5.47 8.28
C ARG J 37 23.09 6.19 8.68
N ARG J 38 23.13 7.00 9.75
CA ARG J 38 21.99 7.81 10.16
C ARG J 38 21.74 8.98 9.19
N ALA J 39 22.78 9.77 8.89
CA ALA J 39 22.68 10.93 8.02
C ALA J 39 22.15 10.57 6.59
N PHE J 40 22.61 9.47 6.01
CA PHE J 40 22.24 9.06 4.65
C PHE J 40 21.26 7.89 4.62
N ARG J 41 20.75 7.50 5.80
CA ARG J 41 19.71 6.49 5.94
C ARG J 41 20.02 5.13 5.31
N VAL J 42 21.15 4.54 5.66
CA VAL J 42 21.56 3.25 5.14
C VAL J 42 21.56 2.20 6.29
N SER J 43 20.55 1.35 6.30
CA SER J 43 20.18 0.43 7.36
C SER J 43 20.84 -0.90 7.14
N PRO J 44 21.46 -1.45 8.18
CA PRO J 44 22.15 -2.72 7.99
C PRO J 44 21.06 -3.72 7.62
N PRO J 45 21.26 -4.75 6.77
CA PRO J 45 22.56 -5.21 6.24
C PRO J 45 23.11 -4.56 4.93
N LEU J 46 22.50 -3.46 4.52
CA LEU J 46 23.04 -2.74 3.34
C LEU J 46 24.39 -2.14 3.60
N THR J 47 25.26 -2.30 2.60
CA THR J 47 26.56 -1.62 2.57
C THR J 47 26.73 -0.60 1.45
N THR J 48 25.69 -0.33 0.69
CA THR J 48 25.76 0.58 -0.51
C THR J 48 24.81 1.69 -0.30
N GLY J 49 25.04 2.82 -0.98
CA GLY J 49 24.30 4.04 -0.72
C GLY J 49 24.94 5.19 -1.44
N PRO J 50 24.66 6.44 -1.02
CA PRO J 50 25.23 7.64 -1.67
C PRO J 50 26.79 7.65 -1.57
N PRO J 51 27.49 8.30 -2.52
CA PRO J 51 28.98 8.25 -2.47
C PRO J 51 29.64 8.70 -1.14
N GLU J 52 29.08 9.73 -0.49
CA GLU J 52 29.57 10.25 0.81
C GLU J 52 29.50 9.12 1.89
N PHE J 53 28.45 8.29 1.87
CA PHE J 53 28.36 7.13 2.73
C PHE J 53 29.43 6.06 2.32
N GLU J 54 29.51 5.74 1.02
CA GLU J 54 30.37 4.65 0.58
C GLU J 54 31.86 4.91 0.88
N ARG J 55 32.30 6.18 0.78
CA ARG J 55 33.66 6.52 1.04
C ARG J 55 34.01 6.36 2.51
N VAL J 56 33.11 6.79 3.38
CA VAL J 56 33.30 6.65 4.83
C VAL J 56 33.33 5.18 5.23
N TYR J 57 32.39 4.45 4.68
CA TYR J 57 32.30 3.04 4.94
C TYR J 57 33.59 2.32 4.47
N ARG J 58 34.03 2.63 3.27
CA ARG J 58 35.21 1.95 2.69
C ARG J 58 36.49 2.26 3.43
N ALA J 59 36.62 3.52 3.82
CA ALA J 59 37.71 3.97 4.61
C ALA J 59 37.81 3.08 5.90
N GLN J 60 36.68 2.86 6.56
CA GLN J 60 36.61 2.14 7.77
C GLN J 60 36.96 0.67 7.53
N VAL J 61 36.41 0.09 6.49
CA VAL J 61 36.73 -1.28 6.14
C VAL J 61 38.17 -1.47 5.81
N ASN J 62 38.76 -0.54 5.07
CA ASN J 62 40.16 -0.68 4.68
C ASN J 62 41.07 -0.54 5.94
N CYS J 63 40.77 0.42 6.82
CA CYS J 63 41.50 0.48 8.08
C CYS J 63 41.39 -0.80 8.89
N SER J 64 40.18 -1.39 9.01
CA SER J 64 40.01 -2.64 9.76
C SER J 64 40.71 -3.80 9.19
N GLU J 65 40.78 -3.84 7.90
CA GLU J 65 41.44 -4.98 7.34
C GLU J 65 43.01 -4.92 7.50
N TYR J 66 43.59 -3.73 7.52
CA TYR J 66 45.04 -3.57 7.66
C TYR J 66 45.42 -3.57 9.12
N PHE J 67 44.44 -3.41 10.02
CA PHE J 67 44.73 -3.33 11.46
C PHE J 67 45.52 -4.53 11.94
N PRO J 68 45.12 -5.76 11.57
CA PRO J 68 45.88 -6.91 12.04
C PRO J 68 47.33 -7.00 11.51
N LEU J 69 47.55 -6.46 10.31
CA LEU J 69 48.85 -6.40 9.68
C LEU J 69 49.74 -5.42 10.37
N PHE J 70 49.20 -4.26 10.65
CA PHE J 70 49.84 -3.28 11.52
C PHE J 70 50.24 -3.88 12.90
N LEU J 71 49.31 -4.57 13.53
CA LEU J 71 49.56 -5.24 14.74
C LEU J 71 50.71 -6.25 14.70
N ALA J 72 50.62 -7.18 13.76
CA ALA J 72 51.55 -8.21 13.65
C ALA J 72 53.00 -7.64 13.46
N THR J 73 53.13 -6.66 12.58
CA THR J 73 54.41 -6.14 12.27
C THR J 73 54.91 -5.26 13.36
N LEU J 74 54.05 -4.49 13.97
CA LEU J 74 54.42 -3.65 15.14
C LEU J 74 55.07 -4.49 16.25
N TRP J 75 54.45 -5.62 16.55
CA TRP J 75 54.93 -6.51 17.63
C TRP J 75 56.20 -7.27 17.26
N VAL J 76 56.32 -7.75 16.03
CA VAL J 76 57.54 -8.39 15.61
C VAL J 76 58.68 -7.39 15.56
N ALA J 77 58.47 -6.21 15.01
CA ALA J 77 59.49 -5.19 14.95
C ALA J 77 59.88 -4.70 16.33
N GLY J 78 58.88 -4.57 17.17
CA GLY J 78 59.13 -4.05 18.55
C GLY J 78 59.91 -5.00 19.40
N ILE J 79 59.72 -6.30 19.19
CA ILE J 79 60.36 -7.32 19.98
C ILE J 79 61.77 -7.69 19.43
N PHE J 80 61.93 -7.84 18.13
CA PHE J 80 63.17 -8.22 17.48
C PHE J 80 64.03 -7.06 17.00
N PHE J 81 63.54 -5.83 16.93
CA PHE J 81 64.39 -4.75 16.46
C PHE J 81 64.59 -3.73 17.59
N HIS J 82 63.60 -2.93 17.92
CA HIS J 82 63.69 -1.91 18.98
C HIS J 82 62.26 -1.53 19.30
N GLU J 83 61.91 -1.60 20.57
CA GLU J 83 60.64 -1.27 21.06
C GLU J 83 60.22 0.20 20.62
N GLY J 84 61.05 1.14 20.95
CA GLY J 84 60.73 2.57 20.78
C GLY J 84 60.56 2.93 19.29
N ALA J 85 61.41 2.39 18.45
CA ALA J 85 61.39 2.70 17.07
C ALA J 85 60.11 2.10 16.44
N ALA J 86 59.78 0.87 16.79
CA ALA J 86 58.55 0.27 16.31
C ALA J 86 57.30 1.03 16.76
N ALA J 87 57.27 1.43 18.03
CA ALA J 87 56.19 2.18 18.52
C ALA J 87 56.01 3.50 17.75
N LEU J 88 57.09 4.11 17.43
CA LEU J 88 57.06 5.38 16.80
C LEU J 88 56.54 5.21 15.36
N CYS J 89 57.04 4.24 14.60
CA CYS J 89 56.52 4.01 13.26
C CYS J 89 55.03 3.65 13.32
N GLY J 90 54.66 2.94 14.37
CA GLY J 90 53.30 2.65 14.69
C GLY J 90 52.41 3.86 14.86
N LEU J 91 52.89 4.81 15.63
CA LEU J 91 52.24 6.09 15.74
C LEU J 91 52.13 6.82 14.42
N VAL J 92 53.17 6.78 13.60
CA VAL J 92 53.14 7.47 12.33
C VAL J 92 52.09 6.75 11.46
N TYR J 93 52.06 5.42 11.47
CA TYR J 93 51.07 4.68 10.72
C TYR J 93 49.62 5.10 11.10
N LEU J 94 49.36 5.22 12.40
CA LEU J 94 48.04 5.47 12.88
C LEU J 94 47.58 6.89 12.51
N PHE J 95 48.47 7.84 12.70
CA PHE J 95 48.16 9.23 12.41
C PHE J 95 47.92 9.35 10.91
N ALA J 96 48.68 8.61 10.09
CA ALA J 96 48.44 8.62 8.65
C ALA J 96 47.13 8.01 8.30
N ARG J 97 46.71 6.98 9.02
CA ARG J 97 45.35 6.44 8.77
C ARG J 97 44.24 7.33 9.17
N LEU J 98 44.40 8.09 10.26
CA LEU J 98 43.40 9.09 10.62
C LEU J 98 43.25 10.13 9.51
N ARG J 99 44.38 10.65 8.97
CA ARG J 99 44.37 11.58 7.84
C ARG J 99 43.79 10.89 6.62
N TYR J 100 44.11 9.61 6.41
CA TYR J 100 43.53 8.88 5.28
C TYR J 100 42.02 8.81 5.35
N PHE J 101 41.53 8.49 6.53
CA PHE J 101 40.09 8.41 6.76
C PHE J 101 39.36 9.77 6.49
N GLN J 102 39.87 10.82 7.11
CA GLN J 102 39.35 12.17 6.95
C GLN J 102 39.42 12.67 5.51
N GLY J 103 40.50 12.33 4.82
CA GLY J 103 40.69 12.62 3.41
C GLY J 103 39.60 11.90 2.58
N TYR J 104 39.51 10.61 2.76
CA TYR J 104 38.63 9.77 1.95
C TYR J 104 37.16 10.24 2.11
N ALA J 105 36.77 10.61 3.33
CA ALA J 105 35.40 11.10 3.63
C ALA J 105 35.07 12.29 2.72
N ARG J 106 36.05 13.19 2.60
CA ARG J 106 35.92 14.37 1.68
C ARG J 106 35.97 13.94 0.21
N SER J 107 36.94 13.16 -0.23
CA SER J 107 36.93 12.59 -1.61
C SER J 107 37.97 11.47 -1.77
N ALA J 108 37.76 10.66 -2.80
CA ALA J 108 38.65 9.60 -3.25
C ALA J 108 40.10 10.15 -3.41
N GLN J 109 40.22 11.36 -3.89
CA GLN J 109 41.50 11.94 -4.28
C GLN J 109 42.30 12.44 -3.07
N LEU J 110 41.58 12.98 -2.11
CA LEU J 110 42.22 13.45 -0.89
C LEU J 110 42.70 12.31 0.02
N ARG J 111 42.25 11.09 -0.22
CA ARG J 111 42.74 10.00 0.50
C ARG J 111 44.21 9.68 0.15
N LEU J 112 44.64 10.06 -1.06
CA LEU J 112 45.84 9.43 -1.62
C LEU J 112 47.12 9.70 -0.89
N ALA J 113 47.43 10.96 -0.59
CA ALA J 113 48.70 11.36 -0.02
C ALA J 113 48.82 10.59 1.40
N PRO J 114 47.77 10.63 2.26
CA PRO J 114 47.85 9.91 3.51
C PRO J 114 47.84 8.40 3.35
N LEU J 115 47.20 7.90 2.31
CA LEU J 115 47.27 6.46 2.02
C LEU J 115 48.72 6.05 1.74
N TYR J 116 49.41 6.81 0.87
CA TYR J 116 50.85 6.55 0.55
C TYR J 116 51.71 6.65 1.83
N ALA J 117 51.45 7.63 2.70
CA ALA J 117 52.17 7.83 3.94
C ALA J 117 51.88 6.58 4.91
N SER J 118 50.65 6.05 4.86
CA SER J 118 50.28 4.83 5.63
C SER J 118 51.17 3.69 5.14
N ALA J 119 51.33 3.62 3.83
CA ALA J 119 51.97 2.47 3.23
C ALA J 119 53.51 2.53 3.56
N ARG J 120 54.07 3.72 3.54
CA ARG J 120 55.43 3.87 3.85
C ARG J 120 55.68 3.43 5.31
N ALA J 121 54.80 3.85 6.23
CA ALA J 121 55.03 3.63 7.61
C ALA J 121 54.91 2.11 7.86
N LEU J 122 54.03 1.46 7.17
CA LEU J 122 53.89 -0.02 7.31
C LEU J 122 55.07 -0.75 6.70
N TRP J 123 55.59 -0.27 5.57
CA TRP J 123 56.82 -0.86 5.02
C TRP J 123 58.02 -0.74 5.96
N LEU J 124 58.10 0.38 6.64
CA LEU J 124 59.14 0.61 7.61
C LEU J 124 59.02 -0.43 8.75
N LEU J 125 57.80 -0.67 9.28
CA LEU J 125 57.62 -1.68 10.24
C LEU J 125 58.05 -3.03 9.69
N VAL J 126 57.66 -3.35 8.44
CA VAL J 126 58.09 -4.62 7.85
C VAL J 126 59.61 -4.73 7.78
N ALA J 127 60.28 -3.65 7.38
CA ALA J 127 61.73 -3.67 7.26
C ALA J 127 62.37 -3.92 8.63
N LEU J 128 61.85 -3.25 9.65
CA LEU J 128 62.42 -3.37 10.97
C LEU J 128 62.21 -4.79 11.51
N ALA J 129 61.04 -5.36 11.26
CA ALA J 129 60.83 -6.71 11.61
C ALA J 129 61.80 -7.65 10.89
N ALA J 130 62.01 -7.45 9.62
CA ALA J 130 62.83 -8.34 8.81
C ALA J 130 64.34 -8.21 9.29
N LEU J 131 64.79 -7.02 9.58
CA LEU J 131 66.11 -6.81 10.04
C LEU J 131 66.35 -7.49 11.43
N GLY J 132 65.39 -7.34 12.33
CA GLY J 132 65.42 -7.93 13.61
C GLY J 132 65.51 -9.43 13.47
N LEU J 133 64.68 -10.00 12.63
CA LEU J 133 64.75 -11.47 12.46
C LEU J 133 66.06 -11.92 11.86
N LEU J 134 66.57 -11.15 10.90
CA LEU J 134 67.86 -11.46 10.32
C LEU J 134 68.98 -11.44 11.40
N ALA J 135 68.99 -10.42 12.26
CA ALA J 135 69.92 -10.36 13.37
C ALA J 135 69.79 -11.58 14.30
N HIS J 136 68.58 -12.08 14.53
CA HIS J 136 68.40 -13.20 15.32
C HIS J 136 68.97 -14.44 14.64
N PHE J 137 68.69 -14.71 13.39
CA PHE J 137 68.99 -16.04 12.78
C PHE J 137 70.34 -16.10 12.02
N LEU J 138 70.79 -14.99 11.47
CA LEU J 138 71.90 -15.00 10.55
C LEU J 138 73.21 -15.42 11.21
N PRO J 139 73.50 -14.96 12.41
CA PRO J 139 74.81 -15.37 13.02
C PRO J 139 75.05 -16.86 13.23
N ALA J 140 74.04 -17.55 13.78
CA ALA J 140 74.08 -19.01 14.02
C ALA J 140 74.11 -19.72 12.69
N ALA J 141 73.34 -19.24 11.75
CA ALA J 141 73.38 -19.87 10.42
C ALA J 141 74.77 -19.70 9.72
N LEU J 142 75.34 -18.51 9.69
CA LEU J 142 76.65 -18.34 9.13
C LEU J 142 77.72 -19.14 9.90
N ARG J 143 77.63 -19.18 11.21
CA ARG J 143 78.53 -19.98 11.96
C ARG J 143 78.43 -21.46 11.65
N ALA J 144 77.21 -22.01 11.56
CA ALA J 144 77.05 -23.44 11.20
C ALA J 144 77.66 -23.77 9.79
N ALA J 145 77.40 -22.90 8.82
CA ALA J 145 77.95 -23.03 7.51
C ALA J 145 79.47 -22.96 7.51
N LEU J 146 80.06 -22.00 8.23
CA LEU J 146 81.54 -21.96 8.39
C LEU J 146 82.14 -23.16 9.12
N LEU J 147 81.52 -23.59 10.19
CA LEU J 147 81.94 -24.85 10.86
C LEU J 147 81.90 -26.05 9.91
N GLY J 148 80.85 -26.17 9.05
CA GLY J 148 80.79 -27.24 8.04
C GLY J 148 81.94 -27.23 7.03
N ARG J 149 82.28 -26.06 6.44
CA ARG J 149 83.41 -25.91 5.52
C ARG J 149 84.76 -26.06 6.22
N LEU J 150 84.85 -25.68 7.50
CA LEU J 150 86.07 -25.93 8.26
C LEU J 150 86.39 -27.41 8.42
N ARG J 151 85.37 -28.28 8.43
CA ARG J 151 85.57 -29.73 8.38
C ARG J 151 85.78 -30.32 6.93
N HIS K 3 65.55 -23.11 24.99
CA HIS K 3 65.23 -23.29 26.49
C HIS K 3 65.67 -22.25 27.51
N HIS K 4 64.73 -21.97 28.40
CA HIS K 4 64.98 -21.24 29.66
C HIS K 4 64.48 -22.25 30.78
N HIS K 5 64.58 -21.80 32.01
CA HIS K 5 64.22 -22.66 33.19
C HIS K 5 63.01 -22.05 33.83
N HIS K 6 62.26 -21.26 33.07
CA HIS K 6 60.95 -20.76 33.49
C HIS K 6 60.23 -20.47 32.18
N HIS K 7 58.92 -20.42 32.23
CA HIS K 7 58.05 -20.19 31.08
C HIS K 7 56.97 -19.24 31.55
N HIS K 8 56.45 -18.40 30.68
CA HIS K 8 55.40 -17.44 31.04
C HIS K 8 54.04 -17.87 30.54
N LYS K 9 53.93 -19.08 29.98
CA LYS K 9 52.70 -19.66 29.50
C LYS K 9 51.60 -19.55 30.52
N ASP K 10 52.00 -19.81 31.75
CA ASP K 10 51.03 -19.94 32.81
C ASP K 10 50.50 -18.60 33.27
N GLU K 11 51.00 -17.51 32.78
CA GLU K 11 50.39 -16.19 33.00
C GLU K 11 49.44 -15.83 31.87
N VAL K 12 49.40 -16.59 30.78
CA VAL K 12 48.56 -16.20 29.60
C VAL K 12 47.61 -17.28 29.10
N ALA K 13 47.54 -18.41 29.85
CA ALA K 13 46.85 -19.56 29.41
C ALA K 13 45.41 -19.27 29.33
N LEU K 14 44.87 -18.48 30.26
CA LEU K 14 43.43 -18.12 30.16
C LEU K 14 43.10 -17.24 28.94
N LEU K 15 44.00 -16.29 28.65
CA LEU K 15 43.96 -15.47 27.45
C LEU K 15 44.03 -16.32 26.19
N ALA K 16 44.95 -17.28 26.18
CA ALA K 16 45.11 -18.20 25.05
C ALA K 16 43.86 -19.09 24.87
N ALA K 17 43.25 -19.51 25.94
CA ALA K 17 42.02 -20.37 25.81
C ALA K 17 40.83 -19.60 25.30
N VAL K 18 40.67 -18.40 25.78
CA VAL K 18 39.67 -17.50 25.25
C VAL K 18 39.92 -17.11 23.82
N THR K 19 41.16 -16.84 23.45
CA THR K 19 41.51 -16.66 22.04
C THR K 19 41.07 -17.78 21.16
N LEU K 20 41.46 -18.99 21.54
CA LEU K 20 41.08 -20.19 20.78
C LEU K 20 39.58 -20.41 20.70
N LEU K 21 38.90 -20.20 21.80
CA LEU K 21 37.44 -20.25 21.82
C LEU K 21 36.87 -19.24 20.79
N GLY K 22 37.48 -18.07 20.69
CA GLY K 22 37.14 -17.09 19.66
C GLY K 22 37.33 -17.60 18.26
N VAL K 23 38.43 -18.28 17.98
CA VAL K 23 38.66 -18.88 16.68
C VAL K 23 37.61 -19.91 16.36
N LEU K 24 37.32 -20.79 17.31
CA LEU K 24 36.29 -21.80 17.13
C LEU K 24 34.86 -21.20 16.86
N LEU K 25 34.53 -20.13 17.54
CA LEU K 25 33.34 -19.44 17.30
C LEU K 25 33.31 -18.87 15.86
N GLN K 26 34.41 -18.28 15.35
CA GLN K 26 34.48 -17.84 13.99
C GLN K 26 34.24 -19.01 13.04
N ALA K 27 34.72 -20.20 13.39
CA ALA K 27 34.51 -21.41 12.56
C ALA K 27 33.07 -21.74 12.45
N TYR K 28 32.37 -21.65 13.59
CA TYR K 28 30.92 -21.90 13.65
C TYR K 28 30.21 -20.88 12.74
N PHE K 29 30.61 -19.62 12.81
CA PHE K 29 30.01 -18.62 11.99
C PHE K 29 30.24 -18.87 10.49
N SER K 30 31.46 -19.26 10.09
CA SER K 30 31.68 -19.60 8.68
C SER K 30 30.89 -20.75 8.20
N LEU K 31 30.80 -21.76 9.05
CA LEU K 31 29.99 -22.90 8.77
C LEU K 31 28.51 -22.48 8.48
N GLN K 32 27.94 -21.55 9.29
CA GLN K 32 26.57 -21.10 9.09
C GLN K 32 26.47 -20.31 7.79
N VAL K 33 27.53 -19.59 7.41
CA VAL K 33 27.54 -18.91 6.13
C VAL K 33 27.58 -19.89 4.99
N ILE K 34 28.40 -20.94 5.09
CA ILE K 34 28.43 -21.95 4.02
C ILE K 34 27.04 -22.58 3.84
N SER K 35 26.41 -22.84 4.95
CA SER K 35 25.15 -23.55 4.97
C SER K 35 23.99 -22.63 4.45
N ALA K 36 24.05 -21.34 4.75
CA ALA K 36 23.20 -20.34 4.14
C ALA K 36 23.45 -20.16 2.62
N ARG K 37 24.69 -20.19 2.17
CA ARG K 37 24.98 -20.18 0.73
C ARG K 37 24.31 -21.33 0.01
N ARG K 38 24.29 -22.51 0.62
CA ARG K 38 23.69 -23.68 0.00
C ARG K 38 22.16 -23.53 -0.01
N ALA K 39 21.56 -23.20 1.14
CA ALA K 39 20.10 -23.10 1.31
C ALA K 39 19.50 -22.02 0.38
N PHE K 40 20.16 -20.89 0.18
CA PHE K 40 19.66 -19.78 -0.68
C PHE K 40 20.40 -19.66 -2.00
N ARG K 41 21.26 -20.63 -2.31
CA ARG K 41 21.95 -20.74 -3.62
C ARG K 41 22.73 -19.47 -4.02
N VAL K 42 23.61 -19.02 -3.14
CA VAL K 42 24.50 -17.85 -3.42
C VAL K 42 25.96 -18.32 -3.53
N SER K 43 26.43 -18.37 -4.76
CA SER K 43 27.68 -18.93 -5.14
C SER K 43 28.72 -17.85 -5.02
N PRO K 44 29.83 -18.14 -4.36
CA PRO K 44 30.96 -17.23 -4.46
C PRO K 44 31.30 -16.96 -5.94
N PRO K 45 31.64 -15.73 -6.34
CA PRO K 45 32.07 -14.60 -5.45
C PRO K 45 30.93 -13.64 -4.99
N LEU K 46 29.69 -14.00 -5.25
CA LEU K 46 28.55 -13.12 -4.87
C LEU K 46 28.45 -13.02 -3.37
N THR K 47 28.21 -11.81 -2.89
CA THR K 47 27.95 -11.56 -1.50
C THR K 47 26.59 -11.01 -1.24
N THR K 48 25.72 -10.98 -2.24
CA THR K 48 24.33 -10.43 -2.10
C THR K 48 23.39 -11.51 -2.49
N GLY K 49 22.14 -11.39 -2.05
CA GLY K 49 21.16 -12.44 -2.21
C GLY K 49 19.98 -12.13 -1.31
N PRO K 50 19.21 -13.15 -0.92
CA PRO K 50 17.94 -12.91 -0.16
C PRO K 50 18.31 -12.34 1.20
N PRO K 51 17.44 -11.54 1.82
CA PRO K 51 17.78 -10.98 3.13
C PRO K 51 18.29 -12.00 4.20
N GLU K 52 17.75 -13.20 4.23
CA GLU K 52 18.10 -14.21 5.19
C GLU K 52 19.58 -14.59 5.00
N PHE K 53 20.04 -14.64 3.77
CA PHE K 53 21.44 -14.86 3.46
C PHE K 53 22.29 -13.64 3.81
N GLU K 54 21.82 -12.44 3.42
CA GLU K 54 22.62 -11.22 3.77
C GLU K 54 22.90 -11.00 5.25
N ARG K 55 21.90 -11.29 6.10
CA ARG K 55 22.01 -11.02 7.49
C ARG K 55 23.04 -11.97 8.07
N VAL K 56 23.03 -13.22 7.62
CA VAL K 56 23.98 -14.25 8.16
C VAL K 56 25.42 -13.88 7.69
N TYR K 57 25.55 -13.54 6.42
CA TYR K 57 26.79 -13.14 5.88
C TYR K 57 27.34 -11.88 6.53
N ARG K 58 26.50 -10.89 6.78
CA ARG K 58 26.94 -9.66 7.48
C ARG K 58 27.35 -9.88 8.90
N ALA K 59 26.57 -10.71 9.61
CA ALA K 59 26.85 -11.04 11.00
C ALA K 59 28.30 -11.61 11.08
N GLN K 60 28.61 -12.50 10.16
CA GLN K 60 29.91 -13.16 10.11
C GLN K 60 31.00 -12.16 9.79
N VAL K 61 30.79 -11.34 8.78
CA VAL K 61 31.75 -10.30 8.44
C VAL K 61 31.99 -9.34 9.57
N ASN K 62 30.95 -8.94 10.28
CA ASN K 62 31.14 -7.99 11.32
C ASN K 62 31.90 -8.70 12.46
N CYS K 63 31.56 -9.94 12.80
CA CYS K 63 32.31 -10.64 13.86
C CYS K 63 33.78 -10.79 13.47
N SER K 64 34.10 -11.12 12.21
CA SER K 64 35.46 -11.23 11.77
C SER K 64 36.22 -9.95 11.84
N GLU K 65 35.58 -8.89 11.54
CA GLU K 65 36.29 -7.65 11.52
C GLU K 65 36.59 -7.11 12.95
N TYR K 66 35.76 -7.47 13.95
CA TYR K 66 35.99 -7.10 15.34
C TYR K 66 36.88 -8.06 16.04
N PHE K 67 37.09 -9.22 15.47
CA PHE K 67 37.87 -10.25 16.14
C PHE K 67 39.28 -9.76 16.50
N PRO K 68 40.02 -9.11 15.57
CA PRO K 68 41.34 -8.69 15.92
C PRO K 68 41.36 -7.63 17.05
N LEU K 69 40.32 -6.81 17.09
CA LEU K 69 40.17 -5.80 18.11
C LEU K 69 39.92 -6.40 19.44
N PHE K 70 39.01 -7.34 19.48
CA PHE K 70 38.83 -8.17 20.66
C PHE K 70 40.18 -8.76 21.14
N LEU K 71 40.89 -9.41 20.24
CA LEU K 71 42.14 -10.01 20.52
C LEU K 71 43.13 -9.07 21.11
N ALA K 72 43.36 -7.99 20.42
CA ALA K 72 44.29 -7.00 20.92
C ALA K 72 43.97 -6.55 22.33
N THR K 73 42.73 -6.25 22.61
CA THR K 73 42.40 -5.58 23.88
C THR K 73 42.39 -6.66 24.95
N LEU K 74 41.98 -7.89 24.59
CA LEU K 74 42.00 -8.99 25.53
C LEU K 74 43.40 -9.22 26.07
N TRP K 75 44.37 -9.22 25.18
CA TRP K 75 45.74 -9.45 25.55
C TRP K 75 46.37 -8.30 26.31
N VAL K 76 46.16 -7.05 25.89
CA VAL K 76 46.69 -5.90 26.64
C VAL K 76 46.04 -5.84 28.00
N ALA K 77 44.72 -5.99 28.09
CA ALA K 77 44.08 -5.98 29.41
C ALA K 77 44.53 -7.14 30.31
N GLY K 78 44.69 -8.31 29.69
CA GLY K 78 45.06 -9.50 30.44
C GLY K 78 46.48 -9.43 31.02
N ILE K 79 47.38 -8.73 30.34
CA ILE K 79 48.74 -8.60 30.77
C ILE K 79 48.97 -7.43 31.69
N PHE K 80 48.35 -6.28 31.44
CA PHE K 80 48.55 -5.06 32.23
C PHE K 80 47.55 -4.90 33.32
N PHE K 81 46.38 -5.55 33.27
CA PHE K 81 45.43 -5.34 34.30
C PHE K 81 45.29 -6.58 35.16
N HIS K 82 44.74 -7.67 34.66
CA HIS K 82 44.48 -8.87 35.42
C HIS K 82 44.01 -9.92 34.41
N GLU K 83 44.73 -11.03 34.40
CA GLU K 83 44.53 -12.07 33.48
C GLU K 83 43.04 -12.58 33.55
N GLY K 84 42.66 -12.94 34.75
CA GLY K 84 41.30 -13.53 34.96
C GLY K 84 40.14 -12.60 34.56
N ALA K 85 40.26 -11.33 34.95
CA ALA K 85 39.23 -10.41 34.72
C ALA K 85 39.10 -10.18 33.13
N ALA K 86 40.22 -10.07 32.43
CA ALA K 86 40.22 -9.96 31.03
C ALA K 86 39.63 -11.12 30.39
N ALA K 87 40.03 -12.30 30.81
CA ALA K 87 39.49 -13.51 30.21
C ALA K 87 38.00 -13.59 30.36
N LEU K 88 37.52 -13.15 31.51
CA LEU K 88 36.12 -13.21 31.81
C LEU K 88 35.32 -12.22 30.93
N CYS K 89 35.79 -10.94 30.80
CA CYS K 89 35.18 -10.03 29.88
C CYS K 89 35.19 -10.59 28.43
N GLY K 90 36.30 -11.23 28.07
CA GLY K 90 36.42 -11.87 26.83
C GLY K 90 35.40 -12.94 26.54
N LEU K 91 35.15 -13.78 27.53
CA LEU K 91 34.06 -14.75 27.46
C LEU K 91 32.73 -14.10 27.30
N VAL K 92 32.50 -13.04 28.04
CA VAL K 92 31.18 -12.36 27.93
C VAL K 92 31.11 -11.79 26.49
N TYR K 93 32.21 -11.23 25.96
CA TYR K 93 32.21 -10.70 24.60
C TYR K 93 31.83 -11.76 23.61
N LEU K 94 32.44 -12.93 23.74
CA LEU K 94 32.18 -14.01 22.76
C LEU K 94 30.77 -14.55 22.82
N PHE K 95 30.25 -14.74 24.03
CA PHE K 95 28.90 -15.23 24.24
C PHE K 95 27.88 -14.17 23.66
N ALA K 96 28.15 -12.88 23.81
CA ALA K 96 27.34 -11.86 23.28
C ALA K 96 27.42 -11.82 21.76
N ARG K 97 28.55 -12.11 21.18
CA ARG K 97 28.63 -12.26 19.70
C ARG K 97 27.98 -13.44 19.15
N LEU K 98 28.00 -14.56 19.89
CA LEU K 98 27.13 -15.73 19.51
C LEU K 98 25.64 -15.35 19.48
N ARG K 99 25.18 -14.69 20.50
CA ARG K 99 23.77 -14.24 20.56
C ARG K 99 23.55 -13.23 19.46
N TYR K 100 24.52 -12.37 19.17
CA TYR K 100 24.37 -11.38 18.14
C TYR K 100 24.16 -12.03 16.79
N PHE K 101 24.98 -13.01 16.52
CA PHE K 101 24.90 -13.74 15.30
C PHE K 101 23.55 -14.45 15.11
N GLN K 102 23.13 -15.18 16.13
CA GLN K 102 21.82 -15.86 16.14
C GLN K 102 20.66 -14.91 16.01
N GLY K 103 20.76 -13.75 16.66
CA GLY K 103 19.75 -12.73 16.62
C GLY K 103 19.67 -12.22 15.16
N TYR K 104 20.79 -11.78 14.61
CA TYR K 104 20.85 -11.18 13.33
C TYR K 104 20.29 -12.12 12.23
N ALA K 105 20.64 -13.40 12.32
CA ALA K 105 20.13 -14.41 11.41
C ALA K 105 18.56 -14.38 11.34
N ARG K 106 17.96 -14.28 12.52
CA ARG K 106 16.49 -14.18 12.66
C ARG K 106 15.95 -12.80 12.17
N SER K 107 16.54 -11.68 12.60
CA SER K 107 16.21 -10.33 12.06
C SER K 107 17.14 -9.25 12.50
N ALA K 108 17.20 -8.20 11.67
CA ALA K 108 17.98 -7.03 11.92
C ALA K 108 17.77 -6.57 13.37
N GLN K 109 16.53 -6.68 13.78
CA GLN K 109 16.14 -6.04 15.02
C GLN K 109 16.66 -6.86 16.24
N LEU K 110 16.52 -8.18 16.13
CA LEU K 110 16.99 -9.06 17.18
C LEU K 110 18.48 -9.12 17.37
N ARG K 111 19.23 -8.58 16.44
CA ARG K 111 20.63 -8.38 16.64
C ARG K 111 20.96 -7.31 17.68
N LEU K 112 20.07 -6.34 17.89
CA LEU K 112 20.46 -5.14 18.58
C LEU K 112 20.90 -5.35 20.05
N ALA K 113 20.10 -6.02 20.84
CA ALA K 113 20.33 -6.15 22.26
C ALA K 113 21.73 -6.83 22.44
N PRO K 114 21.99 -7.99 21.74
CA PRO K 114 23.31 -8.61 21.90
C PRO K 114 24.45 -7.81 21.29
N LEU K 115 24.18 -7.05 20.24
CA LEU K 115 25.14 -6.16 19.71
C LEU K 115 25.58 -5.16 20.80
N TYR K 116 24.61 -4.57 21.52
CA TYR K 116 24.89 -3.59 22.53
C TYR K 116 25.66 -4.23 23.69
N ALA K 117 25.32 -5.45 24.02
CA ALA K 117 26.04 -6.19 25.06
C ALA K 117 27.53 -6.46 24.55
N SER K 118 27.73 -6.71 23.25
CA SER K 118 29.03 -7.01 22.71
C SER K 118 29.83 -5.73 22.94
N ALA K 119 29.20 -4.60 22.63
CA ALA K 119 29.89 -3.34 22.65
C ALA K 119 30.33 -2.98 24.10
N ARG K 120 29.44 -3.21 25.06
CA ARG K 120 29.75 -2.98 26.44
C ARG K 120 30.92 -3.86 26.92
N ALA K 121 30.93 -5.16 26.55
CA ALA K 121 31.95 -6.01 26.93
C ALA K 121 33.30 -5.59 26.31
N LEU K 122 33.30 -5.19 25.05
CA LEU K 122 34.52 -4.73 24.45
C LEU K 122 35.01 -3.37 25.11
N TRP K 123 34.10 -2.49 25.46
CA TRP K 123 34.46 -1.23 26.16
C TRP K 123 35.03 -1.48 27.51
N LEU K 124 34.53 -2.50 28.17
CA LEU K 124 35.16 -2.96 29.39
C LEU K 124 36.63 -3.43 29.22
N LEU K 125 36.87 -4.28 28.21
CA LEU K 125 38.19 -4.64 27.89
C LEU K 125 39.05 -3.41 27.62
N VAL K 126 38.55 -2.42 26.85
CA VAL K 126 39.34 -1.25 26.55
C VAL K 126 39.69 -0.55 27.85
N ALA K 127 38.70 -0.41 28.74
CA ALA K 127 38.88 0.35 29.98
C ALA K 127 39.93 -0.37 30.86
N LEU K 128 39.88 -1.70 30.92
CA LEU K 128 40.85 -2.41 31.69
C LEU K 128 42.25 -2.27 31.10
N ALA K 129 42.37 -2.37 29.78
CA ALA K 129 43.62 -2.16 29.15
C ALA K 129 44.15 -0.75 29.48
N ALA K 130 43.29 0.25 29.38
CA ALA K 130 43.73 1.64 29.57
C ALA K 130 44.19 1.81 31.03
N LEU K 131 43.43 1.27 32.01
CA LEU K 131 43.76 1.39 33.40
C LEU K 131 45.09 0.71 33.73
N GLY K 132 45.30 -0.45 33.15
CA GLY K 132 46.60 -1.19 33.28
C GLY K 132 47.78 -0.43 32.70
N LEU K 133 47.61 0.18 31.53
CA LEU K 133 48.66 0.99 31.00
C LEU K 133 48.91 2.27 31.84
N LEU K 134 47.84 2.88 32.34
CA LEU K 134 47.96 4.05 33.21
C LEU K 134 48.74 3.67 34.49
N ALA K 135 48.38 2.57 35.17
CA ALA K 135 49.13 2.04 36.29
C ALA K 135 50.62 1.79 35.93
N HIS K 136 50.93 1.32 34.73
CA HIS K 136 52.28 1.13 34.37
C HIS K 136 53.02 2.46 34.15
N PHE K 137 52.48 3.46 33.48
CA PHE K 137 53.26 4.67 33.07
C PHE K 137 53.13 5.83 34.01
N LEU K 138 51.99 5.99 34.68
CA LEU K 138 51.69 7.21 35.40
C LEU K 138 52.62 7.49 36.57
N PRO K 139 52.94 6.50 37.39
CA PRO K 139 53.85 6.78 38.53
C PRO K 139 55.18 7.36 38.18
N ALA K 140 55.90 6.78 37.20
CA ALA K 140 57.24 7.25 36.78
C ALA K 140 57.09 8.61 36.15
N ALA K 141 55.99 8.83 35.38
CA ALA K 141 55.79 10.12 34.76
C ALA K 141 55.50 11.24 35.84
N LEU K 142 54.60 10.99 36.79
CA LEU K 142 54.37 11.92 37.90
C LEU K 142 55.62 12.14 38.72
N ARG K 143 56.36 11.08 38.96
CA ARG K 143 57.64 11.26 39.67
C ARG K 143 58.65 12.11 38.94
N ALA K 144 58.85 11.85 37.67
CA ALA K 144 59.76 12.71 36.82
C ALA K 144 59.32 14.20 36.81
N ALA K 145 58.01 14.44 36.67
CA ALA K 145 57.47 15.82 36.72
C ALA K 145 57.67 16.47 38.11
N LEU K 146 57.45 15.74 39.21
CA LEU K 146 57.78 16.29 40.57
C LEU K 146 59.26 16.53 40.78
N LEU K 147 60.12 15.61 40.34
CA LEU K 147 61.54 15.82 40.43
C LEU K 147 61.97 17.08 39.69
N GLY K 148 61.42 17.32 38.50
CA GLY K 148 61.72 18.53 37.73
C GLY K 148 61.37 19.80 38.46
N ARG K 149 60.15 19.89 39.03
CA ARG K 149 59.73 21.04 39.87
C ARG K 149 60.47 21.17 41.19
N LEU K 150 60.88 20.06 41.79
CA LEU K 150 61.76 20.09 42.98
C LEU K 150 63.13 20.62 42.75
N ARG K 151 63.73 20.38 41.58
CA ARG K 151 65.12 20.78 41.30
C ARG K 151 65.20 22.35 41.38
N THR K 152 64.11 23.07 41.05
CA THR K 152 63.96 24.54 41.07
C THR K 152 63.81 25.26 42.45
N HIS L 3 64.85 -3.43 30.72
CA HIS L 3 65.82 -4.67 30.77
C HIS L 3 65.64 -5.79 31.83
N HIS L 4 65.81 -7.06 31.35
CA HIS L 4 65.83 -8.35 32.28
C HIS L 4 66.85 -9.50 32.71
N HIS L 5 67.86 -9.43 31.90
CA HIS L 5 69.02 -10.38 31.80
C HIS L 5 68.68 -11.72 31.10
N HIS L 6 67.51 -11.81 30.47
CA HIS L 6 67.20 -12.92 29.62
C HIS L 6 66.10 -12.38 28.73
N HIS L 7 65.86 -13.07 27.63
CA HIS L 7 64.88 -12.73 26.66
C HIS L 7 64.14 -14.04 26.24
N HIS L 8 62.87 -13.95 25.83
CA HIS L 8 62.13 -15.07 25.31
C HIS L 8 61.99 -15.09 23.79
N LYS L 9 62.67 -14.20 23.11
CA LYS L 9 62.66 -14.07 21.61
C LYS L 9 62.94 -15.35 20.92
N ASP L 10 63.88 -16.06 21.52
CA ASP L 10 64.35 -17.28 20.92
C ASP L 10 63.42 -18.42 21.11
N GLU L 11 62.34 -18.24 21.82
CA GLU L 11 61.25 -19.26 21.82
C GLU L 11 60.17 -18.95 20.84
N VAL L 12 60.21 -17.78 20.17
CA VAL L 12 59.09 -17.40 19.27
C VAL L 12 59.53 -16.90 17.92
N ALA L 13 60.80 -17.06 17.61
CA ALA L 13 61.35 -16.52 16.44
C ALA L 13 60.84 -17.17 15.20
N LEU L 14 60.60 -18.49 15.25
CA LEU L 14 60.03 -19.13 14.10
C LEU L 14 58.59 -18.61 13.81
N LEU L 15 57.83 -18.46 14.89
CA LEU L 15 56.47 -17.96 14.82
C LEU L 15 56.50 -16.53 14.24
N ALA L 16 57.48 -15.73 14.69
CA ALA L 16 57.60 -14.39 14.22
C ALA L 16 57.96 -14.35 12.71
N ALA L 17 58.82 -15.26 12.28
CA ALA L 17 59.19 -15.35 10.86
C ALA L 17 58.03 -15.76 9.96
N VAL L 18 57.26 -16.76 10.41
CA VAL L 18 56.09 -17.15 9.70
C VAL L 18 55.00 -16.00 9.63
N THR L 19 54.82 -15.30 10.74
CA THR L 19 53.94 -14.18 10.84
C THR L 19 54.30 -13.13 9.76
N LEU L 20 55.56 -12.78 9.70
CA LEU L 20 56.04 -11.81 8.76
C LEU L 20 55.90 -12.25 7.31
N LEU L 21 56.23 -13.51 7.07
CA LEU L 21 55.96 -14.12 5.78
C LEU L 21 54.45 -13.96 5.40
N GLY L 22 53.54 -14.12 6.38
CA GLY L 22 52.14 -13.93 6.17
C GLY L 22 51.75 -12.50 5.80
N VAL L 23 52.39 -11.52 6.45
CA VAL L 23 52.22 -10.16 6.11
C VAL L 23 52.69 -9.87 4.69
N LEU L 24 53.85 -10.40 4.29
CA LEU L 24 54.34 -10.25 2.91
C LEU L 24 53.45 -10.85 1.88
N LEU L 25 52.87 -12.01 2.20
CA LEU L 25 51.94 -12.64 1.32
C LEU L 25 50.68 -11.78 1.12
N GLN L 26 50.17 -11.17 2.22
CA GLN L 26 49.07 -10.22 2.08
C GLN L 26 49.45 -9.03 1.15
N ALA L 27 50.68 -8.55 1.26
CA ALA L 27 51.14 -7.49 0.40
C ALA L 27 51.06 -7.86 -1.08
N TYR L 28 51.52 -9.06 -1.39
CA TYR L 28 51.40 -9.60 -2.71
C TYR L 28 49.93 -9.61 -3.18
N PHE L 29 49.04 -10.12 -2.35
CA PHE L 29 47.63 -10.11 -2.70
C PHE L 29 47.08 -8.71 -2.96
N SER L 30 47.37 -7.75 -2.09
CA SER L 30 46.93 -6.37 -2.36
C SER L 30 47.47 -5.78 -3.63
N LEU L 31 48.74 -6.05 -3.91
CA LEU L 31 49.35 -5.70 -5.15
C LEU L 31 48.53 -6.24 -6.36
N GLN L 32 48.11 -7.51 -6.29
CA GLN L 32 47.30 -8.10 -7.38
C GLN L 32 45.95 -7.46 -7.51
N VAL L 33 45.36 -7.07 -6.39
CA VAL L 33 44.10 -6.35 -6.42
C VAL L 33 44.29 -4.98 -7.08
N ILE L 34 45.35 -4.24 -6.71
CA ILE L 34 45.61 -2.92 -7.28
C ILE L 34 45.78 -3.05 -8.78
N SER L 35 46.50 -4.08 -9.15
CA SER L 35 46.72 -4.31 -10.56
C SER L 35 45.42 -4.73 -11.38
N ALA L 36 44.57 -5.53 -10.76
CA ALA L 36 43.24 -5.84 -11.28
C ALA L 36 42.33 -4.60 -11.32
N ARG L 37 42.37 -3.72 -10.32
CA ARG L 37 41.60 -2.46 -10.38
C ARG L 37 42.00 -1.59 -11.59
N ARG L 38 43.30 -1.56 -11.95
CA ARG L 38 43.79 -0.83 -13.14
C ARG L 38 43.35 -1.52 -14.45
N ALA L 39 43.62 -2.83 -14.57
CA ALA L 39 43.27 -3.60 -15.78
C ALA L 39 41.74 -3.55 -16.13
N PHE L 40 40.87 -3.63 -15.14
CA PHE L 40 39.40 -3.66 -15.33
C PHE L 40 38.72 -2.35 -14.96
N ARG L 41 39.52 -1.31 -14.66
CA ARG L 41 39.02 0.06 -14.39
C ARG L 41 37.95 0.15 -13.29
N VAL L 42 38.24 -0.40 -12.10
CA VAL L 42 37.33 -0.34 -10.97
C VAL L 42 37.97 0.56 -9.89
N SER L 43 37.42 1.75 -9.77
CA SER L 43 37.90 2.84 -8.93
C SER L 43 37.30 2.74 -7.57
N PRO L 44 38.13 2.79 -6.54
CA PRO L 44 37.57 2.84 -5.20
C PRO L 44 36.59 4.05 -5.14
N PRO L 45 35.43 4.00 -4.45
CA PRO L 45 35.11 2.94 -3.41
C PRO L 45 34.37 1.68 -3.94
N LEU L 46 34.28 1.54 -5.26
CA LEU L 46 33.58 0.37 -5.82
C LEU L 46 34.33 -0.92 -5.51
N THR L 47 33.56 -1.91 -5.13
CA THR L 47 34.04 -3.27 -4.94
C THR L 47 33.45 -4.30 -5.89
N THR L 48 32.64 -3.86 -6.85
CA THR L 48 31.97 -4.77 -7.85
C THR L 48 32.44 -4.38 -9.25
N GLY L 49 32.36 -5.30 -10.19
CA GLY L 49 32.95 -5.10 -11.51
C GLY L 49 32.94 -6.42 -12.23
N PRO L 50 33.78 -6.57 -13.26
CA PRO L 50 33.75 -7.82 -14.06
C PRO L 50 34.09 -9.04 -13.16
N PRO L 51 33.61 -10.25 -13.51
CA PRO L 51 33.93 -11.43 -12.66
C PRO L 51 35.42 -11.66 -12.35
N GLU L 52 36.31 -11.44 -13.31
CA GLU L 52 37.74 -11.58 -13.09
C GLU L 52 38.28 -10.66 -11.97
N PHE L 53 37.79 -9.43 -11.94
CA PHE L 53 38.10 -8.52 -10.87
C PHE L 53 37.47 -9.05 -9.55
N GLU L 54 36.18 -9.41 -9.57
CA GLU L 54 35.51 -9.84 -8.34
C GLU L 54 36.14 -11.06 -7.66
N ARG L 55 36.62 -12.01 -8.44
CA ARG L 55 37.27 -13.19 -7.89
C ARG L 55 38.65 -12.85 -7.20
N VAL L 56 39.43 -11.97 -7.81
CA VAL L 56 40.71 -11.51 -7.27
C VAL L 56 40.45 -10.74 -5.99
N TYR L 57 39.49 -9.84 -6.06
CA TYR L 57 39.15 -9.01 -4.92
C TYR L 57 38.67 -9.89 -3.76
N ARG L 58 37.80 -10.86 -4.05
CA ARG L 58 37.22 -11.74 -3.01
C ARG L 58 38.27 -12.64 -2.42
N ALA L 59 39.18 -13.11 -3.27
CA ALA L 59 40.33 -13.96 -2.80
C ALA L 59 41.15 -13.21 -1.73
N GLN L 60 41.42 -11.95 -2.01
CA GLN L 60 42.18 -11.09 -1.13
C GLN L 60 41.41 -10.82 0.14
N VAL L 61 40.13 -10.49 0.03
CA VAL L 61 39.34 -10.18 1.22
C VAL L 61 39.23 -11.44 2.11
N ASN L 62 39.05 -12.61 1.52
CA ASN L 62 38.91 -13.78 2.29
C ASN L 62 40.28 -14.03 2.97
N CYS L 63 41.40 -13.84 2.25
CA CYS L 63 42.74 -14.11 2.91
C CYS L 63 42.98 -13.16 4.01
N SER L 64 42.56 -11.88 3.85
CA SER L 64 42.67 -10.92 4.95
C SER L 64 41.85 -11.25 6.13
N GLU L 65 40.67 -11.76 5.91
CA GLU L 65 39.78 -11.97 7.03
C GLU L 65 40.19 -13.22 7.86
N TYR L 66 40.82 -14.24 7.22
CA TYR L 66 41.34 -15.38 7.89
C TYR L 66 42.75 -15.15 8.44
N PHE L 67 43.44 -14.07 8.01
CA PHE L 67 44.82 -13.84 8.51
C PHE L 67 44.89 -13.78 10.01
N PRO L 68 43.96 -13.05 10.67
CA PRO L 68 44.08 -12.92 12.14
C PRO L 68 43.81 -14.26 12.86
N LEU L 69 43.05 -15.13 12.20
CA LEU L 69 42.70 -16.43 12.76
C LEU L 69 43.91 -17.34 12.68
N PHE L 70 44.50 -17.35 11.51
CA PHE L 70 45.82 -17.96 11.31
C PHE L 70 46.84 -17.50 12.36
N LEU L 71 46.95 -16.21 12.54
CA LEU L 71 47.82 -15.66 13.53
C LEU L 71 47.59 -16.14 14.94
N ALA L 72 46.36 -16.01 15.39
CA ALA L 72 46.05 -16.37 16.70
C ALA L 72 46.38 -17.84 16.98
N THR L 73 45.96 -18.71 16.09
CA THR L 73 46.14 -20.14 16.29
C THR L 73 47.63 -20.54 16.15
N LEU L 74 48.35 -19.92 15.23
CA LEU L 74 49.76 -20.15 15.07
C LEU L 74 50.52 -19.88 16.36
N TRP L 75 50.21 -18.74 16.97
CA TRP L 75 50.86 -18.34 18.19
C TRP L 75 50.45 -19.23 19.40
N VAL L 76 49.18 -19.54 19.53
CA VAL L 76 48.76 -20.38 20.65
C VAL L 76 49.34 -21.78 20.48
N ALA L 77 49.33 -22.34 19.25
CA ALA L 77 49.92 -23.65 19.00
C ALA L 77 51.41 -23.69 19.20
N GLY L 78 52.04 -22.61 18.78
CA GLY L 78 53.48 -22.49 18.88
C GLY L 78 54.01 -22.38 20.29
N ILE L 79 53.24 -21.81 21.15
CA ILE L 79 53.64 -21.61 22.53
C ILE L 79 53.21 -22.77 23.47
N PHE L 80 52.01 -23.33 23.31
CA PHE L 80 51.49 -24.38 24.17
C PHE L 80 51.74 -25.75 23.65
N PHE L 81 52.08 -25.93 22.36
CA PHE L 81 52.29 -27.24 21.84
C PHE L 81 53.73 -27.43 21.45
N HIS L 82 54.21 -26.78 20.39
CA HIS L 82 55.59 -26.97 19.90
C HIS L 82 55.80 -25.88 18.78
N GLU L 83 56.87 -25.13 18.92
CA GLU L 83 57.17 -24.00 18.10
C GLU L 83 57.34 -24.41 16.63
N GLY L 84 58.19 -25.39 16.43
CA GLY L 84 58.57 -25.86 15.12
C GLY L 84 57.37 -26.44 14.35
N ALA L 85 56.58 -27.24 15.03
CA ALA L 85 55.47 -27.89 14.40
C ALA L 85 54.44 -26.82 14.00
N ALA L 86 54.12 -25.91 14.90
CA ALA L 86 53.20 -24.84 14.54
C ALA L 86 53.72 -24.05 13.35
N ALA L 87 55.00 -23.68 13.40
CA ALA L 87 55.56 -22.89 12.32
C ALA L 87 55.45 -23.60 10.97
N LEU L 88 55.68 -24.88 11.02
CA LEU L 88 55.56 -25.69 9.84
C LEU L 88 54.10 -25.76 9.28
N CYS L 89 53.08 -26.07 10.13
CA CYS L 89 51.69 -26.00 9.68
C CYS L 89 51.34 -24.59 9.13
N GLY L 90 51.88 -23.53 9.78
CA GLY L 90 51.77 -22.22 9.32
C GLY L 90 52.22 -22.03 7.88
N LEU L 91 53.42 -22.50 7.61
CA LEU L 91 53.97 -22.47 6.26
C LEU L 91 53.12 -23.21 5.27
N VAL L 92 52.63 -24.38 5.67
CA VAL L 92 51.71 -25.09 4.79
C VAL L 92 50.43 -24.20 4.53
N TYR L 93 49.88 -23.62 5.58
CA TYR L 93 48.74 -22.78 5.47
C TYR L 93 48.95 -21.62 4.43
N LEU L 94 50.07 -20.94 4.54
CA LEU L 94 50.40 -19.84 3.71
C LEU L 94 50.61 -20.24 2.27
N PHE L 95 51.30 -21.33 2.05
CA PHE L 95 51.50 -21.82 0.68
C PHE L 95 50.10 -22.25 0.06
N ALA L 96 49.23 -22.86 0.85
CA ALA L 96 47.93 -23.21 0.37
C ALA L 96 47.10 -21.96 0.01
N ARG L 97 47.20 -20.89 0.81
CA ARG L 97 46.50 -19.68 0.49
C ARG L 97 47.03 -19.00 -0.78
N LEU L 98 48.35 -19.06 -1.01
CA LEU L 98 48.86 -18.59 -2.26
C LEU L 98 48.19 -19.35 -3.44
N ARG L 99 48.14 -20.68 -3.36
CA ARG L 99 47.51 -21.48 -4.44
C ARG L 99 46.02 -21.18 -4.55
N TYR L 100 45.37 -20.93 -3.43
CA TYR L 100 43.99 -20.58 -3.40
C TYR L 100 43.74 -19.31 -4.17
N PHE L 101 44.57 -18.31 -3.90
CA PHE L 101 44.47 -17.01 -4.53
C PHE L 101 44.65 -17.11 -6.07
N GLN L 102 45.68 -17.80 -6.49
CA GLN L 102 45.90 -18.07 -7.88
C GLN L 102 44.77 -18.86 -8.57
N GLY L 103 44.24 -19.87 -7.88
CA GLY L 103 43.17 -20.70 -8.39
C GLY L 103 41.91 -19.84 -8.58
N TYR L 104 41.56 -19.06 -7.54
CA TYR L 104 40.35 -18.28 -7.55
C TYR L 104 40.39 -17.28 -8.71
N ALA L 105 41.58 -16.69 -8.95
CA ALA L 105 41.76 -15.68 -10.03
C ALA L 105 41.25 -16.30 -11.34
N ARG L 106 41.64 -17.57 -11.56
CA ARG L 106 41.31 -18.28 -12.79
C ARG L 106 39.83 -18.65 -12.75
N SER L 107 39.32 -19.25 -11.69
CA SER L 107 37.89 -19.51 -11.56
C SER L 107 37.48 -19.89 -10.14
N ALA L 108 36.20 -19.69 -9.85
CA ALA L 108 35.55 -20.16 -8.60
C ALA L 108 35.83 -21.63 -8.25
N GLN L 109 35.81 -22.45 -9.28
CA GLN L 109 36.01 -23.89 -9.16
C GLN L 109 37.51 -24.28 -8.83
N LEU L 110 38.47 -23.63 -9.49
CA LEU L 110 39.90 -23.92 -9.26
C LEU L 110 40.40 -23.45 -7.86
N ARG L 111 39.63 -22.61 -7.18
CA ARG L 111 39.95 -22.19 -5.86
C ARG L 111 39.73 -23.36 -4.86
N LEU L 112 38.90 -24.35 -5.20
CA LEU L 112 38.43 -25.26 -4.17
C LEU L 112 39.51 -26.16 -3.52
N ALA L 113 40.35 -26.82 -4.33
CA ALA L 113 41.26 -27.82 -3.81
C ALA L 113 42.23 -27.13 -2.84
N PRO L 114 42.91 -26.02 -3.28
CA PRO L 114 43.71 -25.25 -2.33
C PRO L 114 42.94 -24.62 -1.14
N LEU L 115 41.68 -24.26 -1.33
CA LEU L 115 40.89 -23.80 -0.24
C LEU L 115 40.81 -24.92 0.84
N TYR L 116 40.46 -26.14 0.40
CA TYR L 116 40.29 -27.26 1.31
C TYR L 116 41.64 -27.54 2.00
N ALA L 117 42.76 -27.41 1.27
CA ALA L 117 44.06 -27.66 1.86
C ALA L 117 44.39 -26.54 2.93
N SER L 118 43.94 -25.33 2.68
CA SER L 118 44.17 -24.25 3.56
C SER L 118 43.31 -24.49 4.88
N ALA L 119 42.12 -25.05 4.70
CA ALA L 119 41.25 -25.37 5.82
C ALA L 119 41.82 -26.52 6.69
N ARG L 120 42.39 -27.51 6.05
CA ARG L 120 43.03 -28.61 6.77
C ARG L 120 44.23 -28.09 7.60
N ALA L 121 45.07 -27.25 7.02
CA ALA L 121 46.20 -26.79 7.70
C ALA L 121 45.75 -25.92 8.90
N LEU L 122 44.70 -25.11 8.75
CA LEU L 122 44.26 -24.31 9.82
C LEU L 122 43.64 -25.19 10.92
N TRP L 123 42.92 -26.25 10.56
CA TRP L 123 42.38 -27.16 11.57
C TRP L 123 43.49 -27.86 12.38
N LEU L 124 44.57 -28.18 11.69
CA LEU L 124 45.75 -28.74 12.32
C LEU L 124 46.38 -27.79 13.34
N LEU L 125 46.51 -26.51 12.97
CA LEU L 125 46.84 -25.50 14.00
C LEU L 125 45.86 -25.47 15.15
N VAL L 126 44.53 -25.52 14.88
CA VAL L 126 43.55 -25.49 15.94
C VAL L 126 43.74 -26.67 16.85
N ALA L 127 43.95 -27.84 16.26
CA ALA L 127 44.08 -29.10 17.07
C ALA L 127 45.35 -29.05 17.96
N LEU L 128 46.43 -28.52 17.42
CA LEU L 128 47.66 -28.37 18.22
C LEU L 128 47.45 -27.40 19.32
N ALA L 129 46.80 -26.28 19.05
CA ALA L 129 46.51 -25.32 20.08
C ALA L 129 45.67 -25.94 21.18
N ALA L 130 44.66 -26.68 20.79
CA ALA L 130 43.74 -27.24 21.73
C ALA L 130 44.48 -28.26 22.58
N LEU L 131 45.26 -29.14 21.95
CA LEU L 131 46.03 -30.16 22.71
C LEU L 131 47.00 -29.57 23.71
N GLY L 132 47.66 -28.47 23.28
CA GLY L 132 48.56 -27.73 24.17
C GLY L 132 47.84 -27.18 25.34
N LEU L 133 46.72 -26.52 25.10
CA LEU L 133 45.92 -25.98 26.22
C LEU L 133 45.34 -27.09 27.15
N LEU L 134 44.92 -28.22 26.58
CA LEU L 134 44.51 -29.37 27.36
C LEU L 134 45.67 -29.83 28.26
N ALA L 135 46.88 -30.01 27.71
CA ALA L 135 48.08 -30.37 28.54
C ALA L 135 48.37 -29.39 29.65
N HIS L 136 48.10 -28.14 29.43
CA HIS L 136 48.31 -27.16 30.47
C HIS L 136 47.29 -27.26 31.54
N PHE L 137 45.99 -27.42 31.23
CA PHE L 137 44.93 -27.21 32.22
C PHE L 137 44.46 -28.50 32.84
N LEU L 138 44.50 -29.58 32.07
CA LEU L 138 43.81 -30.85 32.47
C LEU L 138 44.38 -31.44 33.75
N PRO L 139 45.70 -31.46 33.90
CA PRO L 139 46.26 -32.05 35.16
C PRO L 139 45.84 -31.42 36.45
N ALA L 140 45.91 -30.12 36.52
CA ALA L 140 45.44 -29.32 37.72
C ALA L 140 43.95 -29.48 37.94
N ALA L 141 43.18 -29.51 36.87
CA ALA L 141 41.71 -29.71 37.01
C ALA L 141 41.34 -31.13 37.47
N LEU L 142 41.95 -32.16 36.91
CA LEU L 142 41.80 -33.52 37.45
C LEU L 142 42.26 -33.65 38.90
N ARG L 143 43.39 -33.08 39.20
CA ARG L 143 43.84 -33.12 40.54
C ARG L 143 42.86 -32.45 41.51
N ALA L 144 42.37 -31.26 41.19
CA ALA L 144 41.43 -30.55 42.09
C ALA L 144 40.17 -31.39 42.30
N ALA L 145 39.64 -31.95 41.21
CA ALA L 145 38.49 -32.85 41.31
C ALA L 145 38.79 -34.10 42.19
N LEU L 146 39.94 -34.76 42.05
CA LEU L 146 40.30 -35.85 42.89
C LEU L 146 40.49 -35.45 44.34
N LEU L 147 41.14 -34.34 44.58
CA LEU L 147 41.23 -33.81 45.97
C LEU L 147 39.85 -33.57 46.61
N GLY L 148 38.89 -33.02 45.84
CA GLY L 148 37.54 -32.83 46.30
C GLY L 148 36.85 -34.13 46.75
N ARG L 149 36.88 -35.17 45.92
CA ARG L 149 36.30 -36.50 46.27
C ARG L 149 36.97 -37.20 47.48
N LEU L 150 38.15 -36.80 47.94
CA LEU L 150 38.90 -37.59 48.90
C LEU L 150 38.40 -37.68 50.38
#